data_9PQ2
#
_entry.id   9PQ2
#
_cell.length_a   1.00
_cell.length_b   1.00
_cell.length_c   1.00
_cell.angle_alpha   90.00
_cell.angle_beta   90.00
_cell.angle_gamma   90.00
#
_symmetry.space_group_name_H-M   'P 1'
#
loop_
_entity.id
_entity.type
_entity.pdbx_description
1 polymer '459C-WT RnS DS-SOSIP gp120'
2 polymer '459C-WT RnS DS-SOSIP gp41'
3 branched 2-acetamido-2-deoxy-beta-D-glucopyranose-(1-4)-2-acetamido-2-deoxy-beta-D-glucopyranose
4 branched alpha-D-mannopyranose-(1-3)-[alpha-D-mannopyranose-(1-6)]beta-D-mannopyranose-(1-4)-2-acetamido-2-deoxy-beta-D-glucopyranose-(1-4)-2-acetamido-2-deoxy-beta-D-glucopyranose
5 branched beta-D-mannopyranose-(1-4)-2-acetamido-2-deoxy-beta-D-glucopyranose-(1-4)-2-acetamido-2-deoxy-beta-D-glucopyranose
6 branched alpha-D-mannopyranose-(1-2)-alpha-D-mannopyranose-(1-3)-[alpha-D-mannopyranose-(1-6)]beta-D-mannopyranose-(1-4)-2-acetamido-2-deoxy-beta-D-glucopyranose-(1-4)-2-acetamido-2-deoxy-beta-D-glucopyranose
7 branched alpha-D-mannopyranose-(1-3)-beta-D-mannopyranose-(1-4)-2-acetamido-2-deoxy-beta-D-glucopyranose-(1-4)-2-acetamido-2-deoxy-beta-D-glucopyranose
8 non-polymer 2-acetamido-2-deoxy-beta-D-glucopyranose
#
loop_
_entity_poly.entity_id
_entity_poly.type
_entity_poly.pdbx_seq_one_letter_code
_entity_poly.pdbx_strand_id
1 'polypeptide(L)'
;GNLWVTVYYGVPVWREAKTTLFCASDAKAYDREVHNVWATHACVPTDPNPQEIVLENVTENFNMWKNDMVDQMHEDIISL
WDQSLKPCVKLTPLCVTLNCTNVTSSAANVTSNVTNDANNASNANGRNVINEDMKNCSFNATTEIRDRKKEMYALFYKLD
IVPLDGEKSDNRYRLINCNTSTITQACPKVSFDPIPIHYCTPAGFAILKCNNKTFNGTGPCNNVSTVQCTHGIKPVVSTQ
LLLNGSLAEEDIIIRSENLTNNAKTIIVHLNESVEIVCTRPNNMTRKSIRIGPGQTFYALNDIIGDIRQAHCNISEEKWN
NTLHRVWKKLVEHFPNKTTIRFDRHSGGDLEITTHSFNCGGEFFYCNTSGLFNITYNSNYTYNDTKHNGTKVITLPCRIK
QIINMWQEVGRAMYAPPIAGNITCTSNITGLLLTRDGGNNSTETETFRPGGGDMRDNWRSELYKYKVVEIKPLGIAPTGC
KRRVVER
;
C,G,I
2 'polypeptide(L)'
;AVGIGAVFLGFLGAAGSTMGAASNTLTVQARQLLSGIVQQQSNLPKAPEAQQHLLQLTVWGIKQLQTRVLAIERYLEVQQ
LLGLWGCSGKLICCTAVPWNSSWSNKSETEIWNNMTWMQWDREINNYTNTIYRLLEESQFQQEINEVDLLALD
;
A,B,F
#
loop_
_chem_comp.id
_chem_comp.type
_chem_comp.name
_chem_comp.formula
BMA D-saccharide, beta linking beta-D-mannopyranose 'C6 H12 O6'
MAN D-saccharide, alpha linking alpha-D-mannopyranose 'C6 H12 O6'
NAG D-saccharide, beta linking 2-acetamido-2-deoxy-beta-D-glucopyranose 'C8 H15 N O6'
#
# COMPACT_ATOMS: atom_id res chain seq x y z
N GLY A 1 35.13 -36.68 -29.55
CA GLY A 1 35.84 -35.42 -29.45
C GLY A 1 34.93 -34.21 -29.51
N ASN A 2 33.81 -34.35 -30.22
CA ASN A 2 32.85 -33.26 -30.34
C ASN A 2 32.10 -33.05 -29.02
N LEU A 3 31.79 -31.80 -28.74
CA LEU A 3 31.08 -31.43 -27.52
C LEU A 3 29.96 -30.45 -27.86
N TRP A 4 28.94 -30.42 -27.01
CA TRP A 4 27.77 -29.59 -27.23
C TRP A 4 27.39 -28.88 -25.93
N VAL A 5 26.71 -27.75 -26.08
CA VAL A 5 26.28 -26.96 -24.93
C VAL A 5 25.08 -27.64 -24.28
N THR A 6 25.12 -27.79 -22.96
CA THR A 6 24.04 -28.40 -22.20
C THR A 6 23.58 -27.43 -21.11
N VAL A 7 22.27 -27.36 -20.92
CA VAL A 7 21.63 -26.43 -19.99
C VAL A 7 21.22 -27.20 -18.75
N TYR A 8 21.53 -26.65 -17.57
CA TYR A 8 21.17 -27.25 -16.31
C TYR A 8 20.36 -26.27 -15.47
N TYR A 9 19.28 -26.78 -14.88
CA TYR A 9 18.37 -25.98 -14.06
C TYR A 9 18.44 -26.47 -12.62
N GLY A 10 18.43 -25.54 -11.67
CA GLY A 10 18.68 -25.87 -10.29
C GLY A 10 20.13 -25.87 -9.90
N VAL A 11 20.96 -25.06 -10.54
CA VAL A 11 22.40 -25.07 -10.32
C VAL A 11 22.72 -24.41 -8.97
N PRO A 12 23.50 -25.04 -8.10
CA PRO A 12 23.84 -24.45 -6.78
C PRO A 12 25.00 -23.45 -6.81
N VAL A 13 24.74 -22.27 -7.38
CA VAL A 13 25.66 -21.15 -7.32
C VAL A 13 24.90 -19.92 -6.84
N TRP A 14 25.64 -18.93 -6.37
CA TRP A 14 25.05 -17.70 -5.86
C TRP A 14 26.03 -16.55 -5.99
N ARG A 15 25.50 -15.33 -5.95
CA ARG A 15 26.29 -14.11 -5.90
C ARG A 15 25.81 -13.27 -4.73
N GLU A 16 26.30 -12.03 -4.67
CA GLU A 16 25.85 -11.10 -3.65
C GLU A 16 24.48 -10.54 -4.01
N ALA A 17 23.75 -10.10 -2.99
CA ALA A 17 22.41 -9.58 -3.19
C ALA A 17 22.09 -8.53 -2.15
N LYS A 18 21.14 -7.66 -2.50
CA LYS A 18 20.63 -6.63 -1.60
C LYS A 18 19.10 -6.60 -1.63
N THR A 19 18.48 -7.78 -1.64
CA THR A 19 17.04 -7.87 -1.72
C THR A 19 16.39 -7.52 -0.39
N THR A 20 15.14 -7.09 -0.45
CA THR A 20 14.35 -6.78 0.74
C THR A 20 13.85 -8.06 1.38
N LEU A 21 14.07 -8.19 2.69
CA LEU A 21 13.64 -9.35 3.45
C LEU A 21 12.32 -9.06 4.15
N PHE A 22 11.72 -10.11 4.71
CA PHE A 22 10.46 -10.01 5.42
C PHE A 22 10.58 -10.67 6.78
N CYS A 23 9.95 -10.05 7.78
CA CYS A 23 10.05 -10.50 9.16
C CYS A 23 9.21 -11.76 9.40
N ALA A 24 9.48 -12.42 10.52
CA ALA A 24 8.72 -13.59 10.93
C ALA A 24 8.80 -13.72 12.44
N SER A 25 7.71 -13.38 13.13
CA SER A 25 7.65 -13.52 14.58
C SER A 25 7.25 -14.94 14.96
N ASP A 26 7.57 -15.30 16.21
CA ASP A 26 7.32 -16.65 16.69
C ASP A 26 5.82 -16.92 16.85
N ALA A 27 5.47 -18.21 16.79
CA ALA A 27 4.07 -18.60 16.90
C ALA A 27 3.55 -18.40 18.33
N LYS A 28 4.44 -18.53 19.32
CA LYS A 28 4.02 -18.33 20.70
C LYS A 28 3.75 -16.86 21.00
N ALA A 29 4.28 -15.95 20.19
CA ALA A 29 4.02 -14.53 20.35
C ALA A 29 2.61 -14.14 19.89
N TYR A 30 1.89 -15.03 19.22
CA TYR A 30 0.53 -14.77 18.77
C TYR A 30 -0.52 -15.20 19.77
N ASP A 31 -0.12 -15.62 20.98
CA ASP A 31 -1.04 -15.96 22.05
C ASP A 31 -1.49 -14.67 22.74
N ARG A 32 -2.38 -13.96 22.05
CA ARG A 32 -2.79 -12.59 22.38
C ARG A 32 -1.57 -11.69 22.54
N GLU A 33 -1.29 -11.30 23.78
CA GLU A 33 -0.18 -10.40 24.20
C GLU A 33 0.03 -9.25 23.21
N VAL A 34 -1.08 -8.62 22.86
CA VAL A 34 -1.10 -7.63 21.79
C VAL A 34 -0.55 -6.31 22.31
N HIS A 35 -0.33 -5.37 21.39
CA HIS A 35 0.04 -3.98 21.67
C HIS A 35 1.40 -3.86 22.33
N ASN A 36 2.38 -4.61 21.83
CA ASN A 36 3.79 -4.42 22.16
C ASN A 36 4.45 -3.75 20.96
N VAL A 37 5.49 -2.95 21.24
CA VAL A 37 6.14 -2.17 20.17
C VAL A 37 6.76 -3.08 19.13
N TRP A 38 7.46 -4.13 19.58
CA TRP A 38 8.11 -5.06 18.66
C TRP A 38 7.19 -6.19 18.22
N ALA A 39 5.99 -6.32 18.79
CA ALA A 39 5.04 -7.33 18.34
C ALA A 39 4.36 -6.85 17.08
N THR A 40 4.78 -7.39 15.94
CA THR A 40 4.24 -7.03 14.63
C THR A 40 3.35 -8.16 14.16
N HIS A 41 2.05 -7.89 14.04
CA HIS A 41 1.12 -8.88 13.53
C HIS A 41 1.27 -9.10 12.03
N ALA A 42 1.92 -8.17 11.33
CA ALA A 42 2.16 -8.35 9.91
C ALA A 42 3.28 -9.35 9.64
N CYS A 43 4.08 -9.66 10.66
CA CYS A 43 5.07 -10.73 10.53
C CYS A 43 4.39 -12.07 10.37
N VAL A 44 4.91 -12.89 9.46
CA VAL A 44 4.35 -14.22 9.20
C VAL A 44 4.70 -15.12 10.38
N PRO A 45 3.95 -16.20 10.61
CA PRO A 45 4.35 -17.16 11.66
C PRO A 45 5.69 -17.80 11.35
N THR A 46 6.45 -18.05 12.42
CA THR A 46 7.75 -18.70 12.28
C THR A 46 7.58 -20.13 11.78
N ASP A 47 8.38 -20.49 10.78
CA ASP A 47 8.33 -21.81 10.18
C ASP A 47 8.67 -22.87 11.21
N PRO A 48 7.81 -23.86 11.43
CA PRO A 48 8.14 -24.95 12.35
C PRO A 48 9.30 -25.78 11.81
N ASN A 49 9.95 -26.51 12.74
CA ASN A 49 11.17 -27.33 12.65
C ASN A 49 12.14 -26.83 11.58
N PRO A 50 12.70 -25.63 11.74
CA PRO A 50 13.48 -25.01 10.67
C PRO A 50 14.78 -25.76 10.40
N GLN A 51 15.20 -25.71 9.14
CA GLN A 51 16.33 -26.49 8.66
C GLN A 51 17.53 -25.57 8.43
N GLU A 52 18.72 -26.08 8.78
CA GLU A 52 19.98 -25.45 8.44
C GLU A 52 20.84 -26.49 7.74
N ILE A 53 21.19 -26.24 6.49
CA ILE A 53 21.82 -27.23 5.64
C ILE A 53 23.31 -26.92 5.55
N VAL A 54 24.12 -27.82 6.08
CA VAL A 54 25.57 -27.62 6.13
C VAL A 54 26.14 -27.83 4.73
N LEU A 55 26.95 -26.88 4.27
CA LEU A 55 27.58 -26.94 2.96
C LEU A 55 29.05 -27.22 3.15
N GLU A 56 29.47 -28.45 2.83
CA GLU A 56 30.86 -28.84 2.97
C GLU A 56 31.67 -28.43 1.76
N ASN A 57 32.99 -28.42 1.93
CA ASN A 57 33.98 -28.22 0.87
C ASN A 57 33.86 -26.85 0.21
N VAL A 58 33.32 -25.85 0.91
CA VAL A 58 33.10 -24.53 0.34
C VAL A 58 33.56 -23.47 1.33
N THR A 59 34.08 -22.37 0.80
CA THR A 59 34.56 -21.25 1.59
C THR A 59 33.94 -19.96 1.06
N GLU A 60 33.40 -19.15 1.97
CA GLU A 60 32.72 -17.91 1.58
C GLU A 60 33.32 -16.73 2.32
N ASN A 61 33.32 -15.57 1.66
CA ASN A 61 33.88 -14.35 2.21
C ASN A 61 32.74 -13.51 2.80
N PHE A 62 32.83 -13.22 4.09
CA PHE A 62 31.83 -12.43 4.80
C PHE A 62 32.39 -11.07 5.18
N ASN A 63 31.48 -10.13 5.43
CA ASN A 63 31.85 -8.78 5.86
C ASN A 63 30.67 -8.22 6.66
N MET A 64 30.85 -8.08 7.96
CA MET A 64 29.79 -7.54 8.81
C MET A 64 29.57 -6.06 8.57
N TRP A 65 30.63 -5.33 8.22
CA TRP A 65 30.54 -3.87 8.13
C TRP A 65 29.98 -3.39 6.80
N LYS A 66 29.77 -4.28 5.84
CA LYS A 66 29.14 -3.94 4.57
C LYS A 66 27.79 -4.64 4.40
N ASN A 67 27.24 -5.20 5.47
CA ASN A 67 25.98 -5.92 5.39
C ASN A 67 24.81 -4.95 5.26
N ASP A 68 23.85 -5.30 4.42
CA ASP A 68 22.64 -4.49 4.24
C ASP A 68 21.51 -4.90 5.17
N MET A 69 21.60 -6.09 5.77
CA MET A 69 20.57 -6.54 6.71
C MET A 69 20.53 -5.67 7.96
N VAL A 70 21.69 -5.17 8.39
CA VAL A 70 21.75 -4.28 9.56
C VAL A 70 21.00 -2.99 9.28
N ASP A 71 21.23 -2.40 8.09
CA ASP A 71 20.54 -1.17 7.71
C ASP A 71 19.04 -1.41 7.56
N GLN A 72 18.66 -2.55 6.97
CA GLN A 72 17.25 -2.88 6.84
C GLN A 72 16.59 -3.06 8.20
N MET A 73 17.28 -3.71 9.14
CA MET A 73 16.74 -3.88 10.49
C MET A 73 16.60 -2.54 11.20
N HIS A 74 17.57 -1.65 11.04
CA HIS A 74 17.50 -0.34 11.67
C HIS A 74 16.32 0.47 11.12
N GLU A 75 16.14 0.46 9.79
CA GLU A 75 15.02 1.19 9.20
C GLU A 75 13.69 0.59 9.62
N ASP A 76 13.60 -0.75 9.68
CA ASP A 76 12.37 -1.42 10.07
C ASP A 76 12.03 -1.10 11.53
N ILE A 77 13.04 -1.08 12.39
CA ILE A 77 12.82 -0.73 13.80
C ILE A 77 12.34 0.72 13.92
N ILE A 78 12.94 1.62 13.12
CA ILE A 78 12.55 3.03 13.15
C ILE A 78 11.10 3.21 12.72
N SER A 79 10.69 2.55 11.64
CA SER A 79 9.32 2.74 11.16
C SER A 79 8.30 2.00 12.05
N LEU A 80 8.70 0.89 12.67
CA LEU A 80 7.86 0.26 13.68
C LEU A 80 7.66 1.17 14.88
N TRP A 81 8.72 1.86 15.29
CA TRP A 81 8.67 2.85 16.36
C TRP A 81 7.71 3.98 16.02
N ASP A 82 7.79 4.45 14.76
CA ASP A 82 6.86 5.48 14.29
C ASP A 82 5.42 4.99 14.30
N GLN A 83 5.19 3.76 13.83
CA GLN A 83 3.82 3.24 13.76
C GLN A 83 3.25 3.03 15.16
N SER A 84 4.09 2.59 16.11
CA SER A 84 3.61 2.40 17.47
C SER A 84 3.36 3.73 18.17
N LEU A 85 4.14 4.77 17.85
CA LEU A 85 3.93 6.07 18.46
C LEU A 85 2.85 6.89 17.76
N LYS A 86 2.43 6.49 16.57
CA LYS A 86 1.42 7.27 15.84
C LYS A 86 0.06 7.41 16.52
N PRO A 87 -0.65 6.33 16.96
CA PRO A 87 -2.10 6.49 17.19
C PRO A 87 -2.52 7.28 18.43
N CYS A 88 -1.89 7.06 19.58
CA CYS A 88 -2.47 7.52 20.84
C CYS A 88 -2.19 9.01 21.07
N VAL A 89 -2.46 9.45 22.31
CA VAL A 89 -2.64 10.87 22.61
C VAL A 89 -1.30 11.60 22.65
N LYS A 90 -1.27 12.78 22.01
CA LYS A 90 -0.13 13.68 22.07
C LYS A 90 -0.26 14.61 23.27
N LEU A 91 0.88 15.06 23.79
CA LEU A 91 0.94 15.93 24.97
C LEU A 91 1.23 17.38 24.63
N THR A 92 0.84 17.81 23.42
CA THR A 92 0.97 19.22 23.04
C THR A 92 0.25 20.20 23.98
N PRO A 93 -0.97 19.93 24.48
CA PRO A 93 -1.52 20.85 25.52
C PRO A 93 -0.75 20.82 26.84
N LEU A 94 0.09 19.82 27.08
CA LEU A 94 0.84 19.76 28.32
C LEU A 94 2.01 20.74 28.35
N CYS A 95 2.32 21.38 27.22
CA CYS A 95 3.40 22.38 27.14
C CYS A 95 2.89 23.69 27.73
N VAL A 96 2.88 23.77 29.06
CA VAL A 96 2.36 24.91 29.79
C VAL A 96 3.29 25.21 30.96
N THR A 97 3.11 26.38 31.56
CA THR A 97 3.91 26.77 32.71
C THR A 97 3.65 25.85 33.90
N LEU A 98 4.72 25.32 34.47
CA LEU A 98 4.64 24.39 35.58
C LEU A 98 5.19 25.07 36.84
N ASN A 99 4.40 25.07 37.90
CA ASN A 99 4.84 25.59 39.20
C ASN A 99 5.42 24.40 39.97
N CYS A 100 6.74 24.33 40.05
CA CYS A 100 7.42 23.17 40.60
C CYS A 100 8.06 23.49 41.93
N THR A 101 8.00 22.53 42.84
CA THR A 101 8.57 22.64 44.18
C THR A 101 9.22 21.32 44.54
N ASN A 102 9.88 21.30 45.69
CA ASN A 102 10.55 20.09 46.16
C ASN A 102 9.52 19.01 46.53
N VAL A 103 9.93 17.76 46.38
CA VAL A 103 9.08 16.62 46.71
C VAL A 103 9.26 16.29 48.19
N THR A 104 8.15 16.23 48.91
CA THR A 104 8.18 15.88 50.33
C THR A 104 8.60 14.42 50.52
N SER A 105 9.27 14.15 51.62
CA SER A 105 9.74 12.80 51.92
C SER A 105 8.60 11.87 52.30
N VAL A 129 13.86 14.16 53.99
CA VAL A 129 14.94 14.09 53.03
C VAL A 129 14.43 14.55 51.66
N ILE A 130 15.32 15.16 50.88
CA ILE A 130 14.98 15.63 49.53
C ILE A 130 15.38 14.57 48.52
N ASN A 131 14.46 14.26 47.60
CA ASN A 131 14.74 13.26 46.57
C ASN A 131 15.86 13.71 45.64
N GLU A 132 15.88 15.00 45.28
CA GLU A 132 16.84 15.63 44.38
C GLU A 132 16.83 15.01 42.98
N ASP A 133 15.76 14.31 42.61
CA ASP A 133 15.62 13.75 41.28
C ASP A 133 14.24 14.00 40.68
N MET A 134 13.22 14.28 41.49
CA MET A 134 11.90 14.61 41.03
C MET A 134 11.45 15.92 41.66
N LYS A 135 10.52 16.59 40.97
CA LYS A 135 9.91 17.82 41.45
C LYS A 135 8.40 17.70 41.35
N ASN A 136 7.72 18.26 42.36
CA ASN A 136 6.26 18.29 42.41
C ASN A 136 5.79 19.52 41.64
N CYS A 137 5.23 19.31 40.45
CA CYS A 137 4.84 20.40 39.58
C CYS A 137 3.32 20.43 39.44
N SER A 138 2.74 21.59 39.71
CA SER A 138 1.32 21.83 39.52
C SER A 138 1.12 22.67 38.26
N PHE A 139 0.05 22.37 37.52
CA PHE A 139 -0.24 23.05 36.27
C PHE A 139 -1.74 23.09 36.04
N ASN A 140 -2.16 24.05 35.24
CA ASN A 140 -3.56 24.19 34.86
C ASN A 140 -3.82 23.38 33.61
N ALA A 141 -4.74 22.42 33.71
CA ALA A 141 -5.12 21.57 32.59
C ALA A 141 -6.60 21.75 32.30
N THR A 142 -6.94 21.82 31.01
CA THR A 142 -8.34 21.97 30.63
C THR A 142 -9.11 20.70 30.93
N THR A 143 -10.38 20.87 31.32
CA THR A 143 -11.25 19.77 31.67
C THR A 143 -11.84 19.20 30.36
N GLU A 144 -12.89 18.37 30.46
CA GLU A 144 -13.55 17.86 29.26
C GLU A 144 -14.20 18.97 28.43
N ILE A 145 -14.44 20.14 29.02
CA ILE A 145 -14.88 21.32 28.32
C ILE A 145 -13.71 22.29 28.25
N ARG A 146 -13.43 22.83 27.05
CA ARG A 146 -12.28 23.70 26.87
C ARG A 146 -12.61 25.16 27.20
N ASP A 147 -13.23 25.39 28.35
CA ASP A 147 -13.46 26.74 28.86
C ASP A 147 -13.14 26.89 30.33
N ARG A 148 -12.99 25.81 31.08
CA ARG A 148 -12.55 25.85 32.48
C ARG A 148 -11.29 25.01 32.62
N LYS A 149 -10.40 25.44 33.52
CA LYS A 149 -9.13 24.77 33.72
C LYS A 149 -8.96 24.45 35.20
N LYS A 150 -8.58 23.20 35.49
CA LYS A 150 -8.38 22.75 36.86
C LYS A 150 -6.89 22.64 37.16
N GLU A 151 -6.53 22.95 38.40
CA GLU A 151 -5.13 22.96 38.83
C GLU A 151 -4.76 21.56 39.30
N MET A 152 -4.17 20.77 38.40
CA MET A 152 -3.70 19.43 38.73
C MET A 152 -2.23 19.48 39.11
N TYR A 153 -1.71 18.34 39.55
CA TYR A 153 -0.30 18.25 39.93
C TYR A 153 0.23 16.86 39.62
N ALA A 154 1.54 16.78 39.44
CA ALA A 154 2.20 15.51 39.14
C ALA A 154 3.67 15.61 39.52
N LEU A 155 4.31 14.46 39.67
CA LEU A 155 5.73 14.37 39.97
C LEU A 155 6.49 14.16 38.66
N PHE A 156 7.41 15.07 38.35
CA PHE A 156 8.16 15.02 37.11
C PHE A 156 9.66 14.93 37.41
N TYR A 157 10.35 14.09 36.65
CA TYR A 157 11.80 13.98 36.80
C TYR A 157 12.48 15.27 36.37
N LYS A 158 13.58 15.62 37.06
CA LYS A 158 14.29 16.87 36.78
C LYS A 158 14.98 16.85 35.43
N LEU A 159 15.22 15.66 34.86
CA LEU A 159 15.78 15.55 33.53
C LEU A 159 14.76 15.82 32.43
N ASP A 160 13.48 15.91 32.78
CA ASP A 160 12.42 16.17 31.82
C ASP A 160 11.89 17.59 31.84
N ILE A 161 12.28 18.39 32.83
CA ILE A 161 11.80 19.76 32.96
C ILE A 161 12.99 20.71 32.88
N VAL A 162 12.91 21.66 31.97
CA VAL A 162 13.90 22.74 31.86
C VAL A 162 13.29 23.98 32.52
N PRO A 163 14.05 24.68 33.37
CA PRO A 163 13.52 25.92 33.97
C PRO A 163 13.33 27.00 32.93
N LEU A 164 12.25 27.76 33.09
CA LEU A 164 11.99 28.91 32.24
C LEU A 164 12.99 30.01 32.56
N ASP A 165 13.27 30.84 31.54
CA ASP A 165 14.26 31.91 31.58
C ASP A 165 15.65 31.35 31.92
N GLY A 166 16.02 31.41 33.20
CA GLY A 166 17.29 30.86 33.63
C GLY A 166 18.10 31.80 34.49
N GLU A 167 17.49 32.91 34.90
CA GLU A 167 18.18 33.91 35.71
C GLU A 167 17.47 34.22 37.02
N LYS A 168 16.43 33.47 37.37
CA LYS A 168 15.68 33.74 38.59
C LYS A 168 15.17 32.44 39.18
N SER A 169 14.97 32.44 40.49
CA SER A 169 14.38 31.30 41.20
C SER A 169 12.87 31.43 41.33
N ASP A 170 12.21 31.59 40.18
CA ASP A 170 10.75 31.78 40.15
C ASP A 170 9.98 30.48 40.27
N ASN A 171 10.66 29.33 40.30
CA ASN A 171 10.05 28.00 40.38
C ASN A 171 9.09 27.74 39.23
N ARG A 172 9.39 28.28 38.06
CA ARG A 172 8.60 28.07 36.86
C ARG A 172 9.42 27.24 35.86
N TYR A 173 8.88 26.10 35.48
CA TYR A 173 9.56 25.14 34.61
C TYR A 173 8.66 24.83 33.41
N ARG A 174 9.20 24.04 32.49
CA ARG A 174 8.43 23.55 31.35
C ARG A 174 9.03 22.22 30.91
N LEU A 175 8.30 21.52 30.05
CA LEU A 175 8.82 20.27 29.50
C LEU A 175 10.01 20.55 28.59
N ILE A 176 10.89 19.56 28.47
CA ILE A 176 12.20 19.78 27.87
C ILE A 176 12.08 20.06 26.37
N ASN A 177 11.29 19.28 25.66
CA ASN A 177 11.07 19.50 24.23
C ASN A 177 9.70 20.14 23.97
N CYS A 178 9.53 21.36 24.49
CA CYS A 178 8.39 22.20 24.14
C CYS A 178 8.71 23.17 23.01
N ASN A 179 9.92 23.11 22.45
CA ASN A 179 10.40 24.08 21.47
C ASN A 179 11.16 23.43 20.33
N THR A 180 11.21 22.11 20.26
CA THR A 180 11.90 21.42 19.18
C THR A 180 10.96 20.58 18.34
N SER A 181 10.16 19.72 18.96
CA SER A 181 9.25 18.84 18.23
C SER A 181 8.03 18.60 19.10
N THR A 182 7.23 17.60 18.73
CA THR A 182 6.02 17.24 19.44
C THR A 182 6.25 15.94 20.21
N ILE A 183 5.47 15.76 21.27
CA ILE A 183 5.54 14.57 22.11
C ILE A 183 4.24 13.80 21.96
N THR A 184 4.33 12.50 21.70
CA THR A 184 3.18 11.61 21.71
C THR A 184 3.38 10.60 22.82
N GLN A 185 2.57 10.72 23.87
CA GLN A 185 2.68 9.86 25.04
C GLN A 185 2.35 8.41 24.67
N ALA A 186 3.12 7.49 25.24
CA ALA A 186 2.96 6.07 24.94
C ALA A 186 1.61 5.57 25.43
N CYS A 187 0.97 4.75 24.60
CA CYS A 187 -0.41 4.36 24.83
C CYS A 187 -0.48 3.53 26.11
N PRO A 188 -1.59 3.59 26.87
CA PRO A 188 -1.57 3.06 28.25
C PRO A 188 -1.32 1.56 28.36
N LYS A 189 -1.54 0.81 27.28
CA LYS A 189 -1.39 -0.64 27.30
C LYS A 189 -0.02 -1.10 26.78
N VAL A 190 0.76 -0.19 26.18
CA VAL A 190 1.92 -0.58 25.38
C VAL A 190 3.00 -1.19 26.27
N SER A 191 3.80 -2.09 25.69
CA SER A 191 4.86 -2.80 26.39
C SER A 191 6.13 -2.79 25.56
N PHE A 192 7.27 -2.84 26.24
CA PHE A 192 8.58 -2.76 25.59
C PHE A 192 9.36 -4.08 25.69
N ASP A 193 8.66 -5.19 25.90
CA ASP A 193 9.33 -6.49 26.01
C ASP A 193 9.78 -6.96 24.64
N PRO A 194 11.08 -7.17 24.41
CA PRO A 194 11.52 -7.67 23.09
C PRO A 194 11.14 -9.12 22.86
N ILE A 195 10.87 -9.43 21.60
CA ILE A 195 10.56 -10.80 21.17
C ILE A 195 11.51 -11.15 20.04
N PRO A 196 11.85 -12.42 19.85
CA PRO A 196 12.73 -12.79 18.73
C PRO A 196 12.07 -12.51 17.38
N ILE A 197 12.90 -12.02 16.44
CA ILE A 197 12.45 -11.69 15.10
C ILE A 197 13.32 -12.48 14.13
N HIS A 198 12.70 -13.35 13.34
CA HIS A 198 13.40 -14.20 12.38
C HIS A 198 13.32 -13.54 11.02
N TYR A 199 14.41 -12.88 10.61
CA TYR A 199 14.47 -12.31 9.28
C TYR A 199 14.59 -13.41 8.24
N CYS A 200 13.61 -13.48 7.34
CA CYS A 200 13.56 -14.52 6.32
C CYS A 200 13.76 -13.91 4.94
N THR A 201 14.46 -14.63 4.12
CA THR A 201 14.82 -14.22 2.78
C THR A 201 13.84 -14.82 1.77
N PRO A 202 13.56 -14.15 0.66
CA PRO A 202 12.54 -14.63 -0.27
C PRO A 202 13.00 -15.83 -1.08
N ALA A 203 12.10 -16.26 -1.98
CA ALA A 203 12.43 -17.29 -2.95
C ALA A 203 13.47 -16.77 -3.94
N GLY A 204 14.35 -17.66 -4.39
CA GLY A 204 15.45 -17.27 -5.23
C GLY A 204 16.63 -16.68 -4.49
N PHE A 205 16.54 -16.56 -3.17
CA PHE A 205 17.63 -16.05 -2.35
C PHE A 205 17.75 -16.92 -1.11
N ALA A 206 18.94 -16.97 -0.55
CA ALA A 206 19.20 -17.77 0.65
C ALA A 206 20.01 -16.94 1.63
N ILE A 207 20.16 -17.45 2.86
CA ILE A 207 20.99 -16.81 3.87
C ILE A 207 22.14 -17.75 4.20
N LEU A 208 23.36 -17.25 4.10
CA LEU A 208 24.54 -18.02 4.47
C LEU A 208 24.98 -17.61 5.88
N LYS A 209 25.14 -18.62 6.74
CA LYS A 209 25.57 -18.44 8.12
C LYS A 209 26.95 -19.07 8.29
N CYS A 210 27.87 -18.31 8.88
CA CYS A 210 29.24 -18.76 9.09
C CYS A 210 29.32 -19.44 10.46
N ASN A 211 29.49 -20.76 10.45
CA ASN A 211 29.54 -21.56 11.67
C ASN A 211 30.92 -21.60 12.30
N ASN A 212 31.91 -20.94 11.69
CA ASN A 212 33.26 -20.84 12.24
C ASN A 212 33.20 -20.14 13.60
N LYS A 213 33.58 -20.86 14.65
CA LYS A 213 33.45 -20.34 16.01
C LYS A 213 34.51 -19.28 16.34
N THR A 214 35.62 -19.28 15.60
CA THR A 214 36.72 -18.35 15.81
C THR A 214 36.52 -17.05 15.02
N PHE A 215 35.50 -17.03 14.16
CA PHE A 215 35.33 -16.01 13.11
C PHE A 215 35.25 -14.61 13.68
N ASN A 216 36.05 -13.70 13.11
CA ASN A 216 36.30 -12.39 13.68
C ASN A 216 35.45 -11.29 13.02
N GLY A 217 34.46 -11.67 12.21
CA GLY A 217 33.52 -10.74 11.63
C GLY A 217 33.69 -10.48 10.16
N THR A 218 34.88 -10.76 9.60
CA THR A 218 35.12 -10.51 8.18
C THR A 218 36.15 -11.49 7.68
N GLY A 219 36.17 -11.67 6.36
CA GLY A 219 37.14 -12.54 5.73
C GLY A 219 36.57 -13.89 5.36
N PRO A 220 37.45 -14.88 5.19
CA PRO A 220 37.00 -16.21 4.76
C PRO A 220 36.32 -16.98 5.88
N CYS A 221 35.49 -17.94 5.46
CA CYS A 221 34.80 -18.85 6.37
C CYS A 221 34.69 -20.19 5.67
N ASN A 222 35.30 -21.22 6.25
CA ASN A 222 35.38 -22.53 5.63
C ASN A 222 34.22 -23.45 5.99
N ASN A 223 33.37 -23.06 6.95
CA ASN A 223 32.21 -23.84 7.35
C ASN A 223 31.01 -22.90 7.31
N VAL A 224 30.30 -22.90 6.18
CA VAL A 224 29.18 -22.01 5.95
C VAL A 224 27.97 -22.85 5.57
N SER A 225 26.82 -22.56 6.19
CA SER A 225 25.60 -23.31 5.97
C SER A 225 24.50 -22.41 5.42
N THR A 226 23.62 -23.00 4.61
CA THR A 226 22.50 -22.23 4.07
C THR A 226 21.24 -22.43 4.92
N VAL A 227 20.55 -21.32 5.17
CA VAL A 227 19.36 -21.28 6.01
C VAL A 227 18.33 -20.41 5.29
N GLN A 228 17.06 -20.60 5.66
CA GLN A 228 15.92 -19.82 5.20
C GLN A 228 15.66 -18.58 6.06
N CYS A 229 15.84 -18.68 7.38
CA CYS A 229 15.52 -17.59 8.30
C CYS A 229 16.61 -17.51 9.36
N THR A 230 16.69 -16.38 10.04
CA THR A 230 17.71 -16.17 11.06
C THR A 230 17.31 -16.85 12.37
N HIS A 231 18.05 -16.57 13.44
CA HIS A 231 17.90 -17.27 14.71
C HIS A 231 16.98 -16.53 15.68
N GLY A 232 16.15 -15.62 15.20
CA GLY A 232 15.28 -14.87 16.07
C GLY A 232 16.01 -13.84 16.90
N ILE A 233 16.50 -12.80 16.25
CA ILE A 233 17.30 -11.77 16.93
C ILE A 233 16.38 -10.88 17.74
N LYS A 234 16.68 -10.76 19.03
CA LYS A 234 15.93 -9.86 19.91
C LYS A 234 16.39 -8.42 19.66
N PRO A 235 15.47 -7.49 19.39
CA PRO A 235 15.85 -6.08 19.15
C PRO A 235 16.03 -5.29 20.45
N VAL A 236 17.09 -5.62 21.17
CA VAL A 236 17.38 -4.96 22.44
C VAL A 236 18.09 -3.64 22.16
N VAL A 237 17.54 -2.55 22.69
CA VAL A 237 18.11 -1.22 22.53
C VAL A 237 18.98 -0.91 23.74
N SER A 238 20.28 -0.73 23.51
CA SER A 238 21.20 -0.47 24.60
C SER A 238 22.41 0.28 24.08
N THR A 239 23.06 1.03 24.97
CA THR A 239 24.28 1.77 24.66
C THR A 239 25.37 1.35 25.63
N GLN A 240 26.60 1.21 25.10
CA GLN A 240 27.84 0.85 25.79
C GLN A 240 27.88 -0.61 26.23
N LEU A 241 26.77 -1.33 26.09
CA LEU A 241 26.67 -2.69 26.56
C LEU A 241 25.71 -3.45 25.66
N LEU A 242 25.85 -4.77 25.65
CA LEU A 242 25.01 -5.64 24.84
C LEU A 242 24.21 -6.53 25.76
N LEU A 243 22.89 -6.34 25.76
CA LEU A 243 21.99 -7.03 26.67
C LEU A 243 21.22 -8.12 25.93
N ASN A 244 21.19 -9.32 26.50
CA ASN A 244 20.41 -10.46 26.02
C ASN A 244 20.80 -10.83 24.59
N GLY A 245 22.10 -10.84 24.32
CA GLY A 245 22.60 -11.19 23.01
C GLY A 245 23.17 -12.59 22.94
N SER A 246 23.43 -13.09 21.73
CA SER A 246 24.04 -14.39 21.58
C SER A 246 25.50 -14.35 22.03
N LEU A 247 25.92 -15.42 22.70
CA LEU A 247 27.28 -15.50 23.22
C LEU A 247 28.23 -16.06 22.17
N ALA A 248 29.53 -15.97 22.47
CA ALA A 248 30.55 -16.57 21.63
C ALA A 248 30.66 -18.06 21.99
N GLU A 249 31.57 -18.77 21.34
CA GLU A 249 31.70 -20.21 21.53
C GLU A 249 33.03 -20.62 22.13
N GLU A 250 34.14 -20.12 21.59
CA GLU A 250 35.47 -20.50 22.08
C GLU A 250 36.08 -19.46 23.00
N ASP A 251 36.26 -18.24 22.52
CA ASP A 251 36.96 -17.20 23.26
C ASP A 251 36.32 -15.86 22.96
N ILE A 252 36.93 -14.79 23.49
CA ILE A 252 36.49 -13.43 23.20
C ILE A 252 36.86 -13.09 21.77
N ILE A 253 35.90 -12.54 21.02
CA ILE A 253 36.08 -12.19 19.62
C ILE A 253 35.99 -10.67 19.50
N ILE A 254 37.10 -10.04 19.14
CA ILE A 254 37.13 -8.59 18.95
C ILE A 254 36.88 -8.32 17.47
N ARG A 255 35.92 -7.43 17.19
CA ARG A 255 35.49 -7.15 15.83
C ARG A 255 35.57 -5.64 15.59
N SER A 256 36.22 -5.26 14.50
CA SER A 256 36.37 -3.86 14.13
C SER A 256 36.55 -3.77 12.62
N GLU A 257 35.97 -2.73 12.02
CA GLU A 257 36.16 -2.52 10.59
C GLU A 257 37.61 -2.20 10.26
N ASN A 258 38.25 -1.37 11.10
CA ASN A 258 39.63 -0.97 10.87
C ASN A 258 40.21 -0.56 12.23
N LEU A 259 41.07 -1.43 12.79
CA LEU A 259 41.55 -1.22 14.15
C LEU A 259 42.47 -0.01 14.26
N THR A 260 43.28 0.24 13.23
CA THR A 260 44.20 1.37 13.28
C THR A 260 43.47 2.70 13.12
N ASN A 261 42.23 2.68 12.65
CA ASN A 261 41.37 3.84 12.67
C ASN A 261 40.69 3.94 14.02
N ASN A 262 40.77 5.12 14.64
CA ASN A 262 40.20 5.32 15.96
C ASN A 262 38.72 5.67 15.93
N ALA A 263 38.15 5.94 14.75
CA ALA A 263 36.73 6.28 14.65
C ALA A 263 35.84 5.04 14.66
N LYS A 264 36.38 3.90 14.25
CA LYS A 264 35.59 2.67 14.22
C LYS A 264 35.34 2.16 15.63
N THR A 265 34.14 1.65 15.87
CA THR A 265 33.74 1.16 17.18
C THR A 265 34.02 -0.33 17.28
N ILE A 266 34.84 -0.71 18.26
CA ILE A 266 35.14 -2.12 18.51
C ILE A 266 33.94 -2.78 19.19
N ILE A 267 33.50 -3.91 18.65
CA ILE A 267 32.40 -4.68 19.21
C ILE A 267 33.02 -5.93 19.83
N VAL A 268 33.32 -5.85 21.12
CA VAL A 268 33.84 -7.01 21.85
C VAL A 268 32.72 -8.01 22.07
N HIS A 269 32.97 -9.27 21.72
CA HIS A 269 32.00 -10.34 21.86
C HIS A 269 32.46 -11.29 22.96
N LEU A 270 31.76 -11.28 24.09
CA LEU A 270 32.11 -12.13 25.21
C LEU A 270 31.64 -13.56 24.98
N ASN A 271 32.32 -14.50 25.63
CA ASN A 271 31.93 -15.90 25.60
C ASN A 271 31.19 -16.34 26.86
N GLU A 272 31.30 -15.60 27.95
CA GLU A 272 30.59 -15.86 29.20
C GLU A 272 29.83 -14.60 29.57
N SER A 273 28.51 -14.64 29.43
CA SER A 273 27.68 -13.49 29.77
C SER A 273 27.67 -13.28 31.28
N VAL A 274 27.63 -12.01 31.69
CA VAL A 274 27.68 -11.64 33.09
C VAL A 274 26.30 -11.16 33.51
N GLU A 275 25.79 -11.68 34.63
CA GLU A 275 24.48 -11.31 35.11
C GLU A 275 24.51 -9.92 35.74
N ILE A 276 23.60 -9.04 35.31
CA ILE A 276 23.43 -7.72 35.87
C ILE A 276 21.98 -7.56 36.32
N VAL A 277 21.80 -7.19 37.57
CA VAL A 277 20.46 -7.05 38.17
C VAL A 277 20.22 -5.58 38.43
N CYS A 278 19.16 -5.04 37.84
CA CYS A 278 18.81 -3.63 37.97
C CYS A 278 17.44 -3.50 38.61
N THR A 279 17.27 -2.44 39.39
CA THR A 279 16.04 -2.29 40.16
C THR A 279 15.74 -0.82 40.40
N ARG A 280 14.46 -0.55 40.65
CA ARG A 280 13.97 0.73 41.14
C ARG A 280 13.18 0.43 42.40
N PRO A 281 13.84 0.50 43.57
CA PRO A 281 13.16 0.06 44.81
C PRO A 281 12.03 0.96 45.27
N ASN A 282 11.91 2.16 44.70
CA ASN A 282 10.83 3.06 45.09
C ASN A 282 9.48 2.55 44.58
N ASN A 283 8.47 2.65 45.43
CA ASN A 283 7.10 2.30 45.09
C ASN A 283 6.37 3.58 44.71
N MET A 284 5.81 3.63 43.51
CA MET A 284 5.28 4.86 42.96
C MET A 284 3.82 4.67 42.55
N THR A 285 3.04 5.73 42.69
CA THR A 285 1.60 5.70 42.44
C THR A 285 1.28 6.34 41.09
N ARG A 286 0.24 5.83 40.44
CA ARG A 286 -0.19 6.31 39.13
C ARG A 286 -1.57 6.97 39.24
N LYS A 287 -1.71 8.13 38.62
CA LYS A 287 -2.96 8.89 38.64
C LYS A 287 -3.26 9.39 37.23
N SER A 288 -4.52 9.29 36.82
CA SER A 288 -4.94 9.78 35.52
C SER A 288 -5.25 11.27 35.59
N ILE A 289 -4.72 12.03 34.63
CA ILE A 289 -4.90 13.47 34.54
C ILE A 289 -5.51 13.80 33.19
N ARG A 290 -6.58 14.59 33.20
CA ARG A 290 -7.25 15.02 31.97
C ARG A 290 -6.62 16.31 31.48
N ILE A 291 -5.99 16.26 30.29
CA ILE A 291 -5.37 17.44 29.71
C ILE A 291 -6.25 18.13 28.67
N GLY A 292 -7.37 17.50 28.28
CA GLY A 292 -8.24 18.08 27.28
C GLY A 292 -9.45 17.21 27.01
N PRO A 293 -10.32 17.67 26.10
CA PRO A 293 -11.50 16.86 25.74
C PRO A 293 -11.10 15.61 24.95
N GLY A 294 -11.28 14.45 25.57
CA GLY A 294 -10.92 13.19 24.94
C GLY A 294 -9.45 12.84 25.03
N GLN A 295 -8.65 13.64 25.73
CA GLN A 295 -7.22 13.39 25.88
C GLN A 295 -6.91 13.23 27.36
N THR A 296 -6.31 12.10 27.73
CA THR A 296 -5.93 11.85 29.11
C THR A 296 -4.63 11.04 29.12
N PHE A 297 -3.80 11.29 30.12
CA PHE A 297 -2.52 10.61 30.24
C PHE A 297 -2.29 10.25 31.69
N TYR A 298 -1.45 9.23 31.91
CA TYR A 298 -1.13 8.77 33.25
C TYR A 298 0.16 9.45 33.73
N ALA A 299 0.17 9.87 35.00
CA ALA A 299 1.30 10.60 35.54
C ALA A 299 1.58 10.10 36.96
N LEU A 300 2.81 10.35 37.41
CA LEU A 300 3.21 9.97 38.75
C LEU A 300 2.53 10.85 39.79
N ASN A 301 2.13 10.25 40.90
CA ASN A 301 1.38 10.94 41.95
C ASN A 301 2.13 11.01 43.27
N ASP A 302 2.56 9.87 43.80
CA ASP A 302 3.14 9.84 45.13
C ASP A 302 4.16 8.72 45.22
N ILE A 303 5.03 8.81 46.22
CA ILE A 303 6.05 7.81 46.50
C ILE A 303 5.72 7.20 47.86
N ILE A 304 5.41 5.91 47.87
CA ILE A 304 5.05 5.20 49.09
C ILE A 304 6.30 4.56 49.68
N GLY A 305 6.57 4.84 50.95
CA GLY A 305 7.73 4.29 51.62
C GLY A 305 8.94 5.20 51.55
N ASP A 306 10.09 4.60 51.87
CA ASP A 306 11.34 5.33 51.89
C ASP A 306 11.83 5.59 50.46
N ILE A 307 12.80 6.48 50.35
CA ILE A 307 13.37 6.87 49.06
C ILE A 307 14.77 6.28 48.94
N ARG A 308 14.94 5.39 47.96
CA ARG A 308 16.24 4.81 47.65
C ARG A 308 16.53 5.01 46.17
N GLN A 309 17.78 5.35 45.87
CA GLN A 309 18.18 5.59 44.50
C GLN A 309 18.23 4.29 43.71
N ALA A 310 17.69 4.32 42.49
CA ALA A 310 17.75 3.16 41.61
C ALA A 310 19.19 2.88 41.19
N HIS A 311 19.55 1.61 41.13
CA HIS A 311 20.93 1.22 40.90
C HIS A 311 20.98 -0.18 40.30
N CYS A 312 22.14 -0.52 39.75
CA CYS A 312 22.40 -1.84 39.18
C CYS A 312 23.57 -2.48 39.90
N ASN A 313 23.53 -3.80 40.01
CA ASN A 313 24.56 -4.59 40.67
C ASN A 313 25.21 -5.54 39.68
N ILE A 314 26.53 -5.48 39.61
CA ILE A 314 27.34 -6.38 38.79
C ILE A 314 28.41 -6.99 39.68
N SER A 315 28.58 -8.31 39.61
CA SER A 315 29.55 -9.00 40.43
C SER A 315 30.97 -8.52 40.11
N GLU A 316 31.73 -8.23 41.17
CA GLU A 316 33.07 -7.65 41.00
C GLU A 316 34.03 -8.66 40.38
N GLU A 317 33.96 -9.92 40.82
CA GLU A 317 34.89 -10.92 40.31
C GLU A 317 34.61 -11.26 38.85
N LYS A 318 33.33 -11.38 38.48
CA LYS A 318 32.99 -11.68 37.09
C LYS A 318 33.40 -10.54 36.16
N TRP A 319 33.21 -9.30 36.60
CA TRP A 319 33.66 -8.16 35.80
C TRP A 319 35.18 -8.09 35.74
N ASN A 320 35.86 -8.51 36.81
CA ASN A 320 37.31 -8.59 36.78
C ASN A 320 37.78 -9.62 35.77
N ASN A 321 37.07 -10.76 35.71
CA ASN A 321 37.37 -11.78 34.70
C ASN A 321 37.18 -11.25 33.29
N THR A 322 36.06 -10.56 33.06
CA THR A 322 35.75 -10.02 31.74
C THR A 322 36.77 -8.96 31.32
N LEU A 323 37.12 -8.05 32.24
CA LEU A 323 38.09 -7.00 31.91
C LEU A 323 39.48 -7.58 31.68
N HIS A 324 39.87 -8.59 32.46
CA HIS A 324 41.18 -9.21 32.24
C HIS A 324 41.25 -9.90 30.89
N ARG A 325 40.20 -10.64 30.53
CA ARG A 325 40.20 -11.33 29.23
C ARG A 325 40.16 -10.32 28.07
N VAL A 326 39.38 -9.25 28.22
CA VAL A 326 39.30 -8.21 27.20
C VAL A 326 40.65 -7.53 27.02
N TRP A 327 41.34 -7.26 28.14
CA TRP A 327 42.66 -6.64 28.06
C TRP A 327 43.68 -7.57 27.40
N LYS A 328 43.58 -8.88 27.68
CA LYS A 328 44.49 -9.83 27.04
C LYS A 328 44.27 -9.88 25.53
N LYS A 329 43.00 -9.89 25.10
CA LYS A 329 42.72 -9.90 23.66
C LYS A 329 43.13 -8.58 23.01
N LEU A 330 42.96 -7.45 23.72
CA LEU A 330 43.36 -6.17 23.16
C LEU A 330 44.88 -6.03 23.13
N VAL A 331 45.59 -6.71 24.04
CA VAL A 331 47.04 -6.77 23.98
C VAL A 331 47.48 -7.60 22.78
N GLU A 332 46.76 -8.70 22.51
CA GLU A 332 47.03 -9.52 21.33
C GLU A 332 46.82 -8.73 20.04
N HIS A 333 45.77 -7.91 20.00
CA HIS A 333 45.49 -7.12 18.80
C HIS A 333 46.29 -5.83 18.71
N PHE A 334 46.91 -5.39 19.80
CA PHE A 334 47.69 -4.14 19.82
C PHE A 334 49.04 -4.43 20.47
N PRO A 335 50.01 -4.89 19.68
CA PRO A 335 51.34 -5.15 20.23
C PRO A 335 52.09 -3.86 20.54
N ASN A 336 53.14 -4.01 21.36
CA ASN A 336 54.10 -2.99 21.77
C ASN A 336 53.48 -1.89 22.64
N LYS A 337 52.24 -2.03 23.08
CA LYS A 337 51.61 -1.06 23.96
C LYS A 337 51.77 -1.53 25.40
N THR A 338 52.53 -0.78 26.20
CA THR A 338 52.83 -1.21 27.56
C THR A 338 51.60 -1.11 28.47
N THR A 339 50.88 0.01 28.41
CA THR A 339 49.76 0.26 29.31
C THR A 339 48.47 0.39 28.51
N ILE A 340 47.40 -0.20 29.03
CA ILE A 340 46.06 -0.06 28.48
C ILE A 340 45.14 0.38 29.60
N ARG A 341 44.48 1.51 29.42
CA ARG A 341 43.63 2.09 30.45
C ARG A 341 42.17 2.01 30.02
N PHE A 342 41.31 1.55 30.92
CA PHE A 342 39.87 1.61 30.73
C PHE A 342 39.33 2.73 31.61
N ASP A 343 38.90 3.82 30.97
CA ASP A 343 38.36 5.00 31.63
C ASP A 343 36.91 5.20 31.22
N ARG A 344 36.30 6.23 31.80
CA ARG A 344 34.89 6.51 31.52
C ARG A 344 34.74 7.19 30.16
N HIS A 345 33.49 7.49 29.81
CA HIS A 345 33.20 8.18 28.57
C HIS A 345 33.67 9.63 28.64
N SER A 346 33.92 10.21 27.46
CA SER A 346 34.46 11.56 27.39
C SER A 346 33.43 12.60 27.85
N GLY A 347 32.31 12.70 27.15
CA GLY A 347 31.29 13.65 27.50
C GLY A 347 30.23 13.75 26.43
N GLY A 348 29.23 14.56 26.72
CA GLY A 348 28.10 14.75 25.83
C GLY A 348 26.77 14.67 26.54
N ASP A 349 25.71 14.35 25.81
CA ASP A 349 24.39 14.21 26.42
C ASP A 349 24.30 12.93 27.22
N LEU A 350 23.26 12.86 28.07
CA LEU A 350 23.09 11.71 28.97
C LEU A 350 22.79 10.42 28.23
N GLU A 351 22.25 10.50 27.03
CA GLU A 351 21.89 9.31 26.27
C GLU A 351 23.11 8.53 25.75
N ILE A 352 24.29 9.15 25.72
CA ILE A 352 25.48 8.50 25.18
C ILE A 352 26.50 8.30 26.29
N THR A 353 26.52 9.20 27.27
CA THR A 353 27.50 9.11 28.36
C THR A 353 27.18 8.01 29.36
N THR A 354 25.94 7.50 29.38
CA THR A 354 25.54 6.50 30.36
C THR A 354 24.97 5.28 29.63
N HIS A 355 25.01 4.14 30.32
CA HIS A 355 24.39 2.92 29.84
C HIS A 355 22.87 3.11 29.84
N SER A 356 22.28 3.24 28.65
CA SER A 356 20.86 3.49 28.50
C SER A 356 20.16 2.21 28.06
N PHE A 357 19.14 1.81 28.81
CA PHE A 357 18.38 0.61 28.48
C PHE A 357 16.97 0.77 29.02
N ASN A 358 16.18 -0.30 28.95
CA ASN A 358 14.78 -0.26 29.37
C ASN A 358 14.55 -1.53 30.19
N CYS A 359 14.15 -1.35 31.45
CA CYS A 359 13.81 -2.43 32.36
C CYS A 359 12.35 -2.27 32.77
N GLY A 360 11.54 -3.26 32.42
CA GLY A 360 10.14 -3.32 32.84
C GLY A 360 9.29 -2.16 32.39
N GLY A 361 9.55 -1.64 31.19
CA GLY A 361 8.84 -0.48 30.70
C GLY A 361 9.38 0.85 31.19
N GLU A 362 10.46 0.86 31.98
CA GLU A 362 11.04 2.10 32.50
C GLU A 362 12.44 2.27 31.93
N PHE A 363 12.74 3.47 31.46
CA PHE A 363 14.02 3.74 30.83
C PHE A 363 15.06 4.12 31.89
N PHE A 364 16.18 3.41 31.87
CA PHE A 364 17.25 3.60 32.84
C PHE A 364 18.51 4.13 32.15
N TYR A 365 19.17 5.08 32.82
CA TYR A 365 20.43 5.65 32.37
C TYR A 365 21.42 5.52 33.52
N CYS A 366 22.37 4.59 33.38
CA CYS A 366 23.22 4.18 34.49
C CYS A 366 24.66 4.64 34.26
N ASN A 367 25.21 5.29 35.27
CA ASN A 367 26.60 5.76 35.22
C ASN A 367 27.55 4.57 35.24
N THR A 368 28.50 4.55 34.30
CA THR A 368 29.45 3.45 34.15
C THR A 368 30.87 3.85 34.51
N SER A 369 31.05 4.83 35.39
CA SER A 369 32.39 5.23 35.80
C SER A 369 33.04 4.17 36.69
N GLY A 370 32.24 3.45 37.47
CA GLY A 370 32.78 2.41 38.33
C GLY A 370 33.19 1.15 37.60
N LEU A 371 32.63 0.92 36.41
CA LEU A 371 32.98 -0.28 35.65
C LEU A 371 34.29 -0.09 34.89
N PHE A 372 34.33 0.89 33.99
CA PHE A 372 35.53 1.14 33.19
C PHE A 372 36.43 2.12 33.94
N ASN A 373 37.16 1.57 34.91
CA ASN A 373 38.15 2.32 35.68
C ASN A 373 39.25 1.35 36.11
N ILE A 374 40.29 1.24 35.28
CA ILE A 374 41.40 0.33 35.56
C ILE A 374 42.56 0.71 34.65
N THR A 375 43.78 0.37 35.06
CA THR A 375 44.96 0.47 34.22
C THR A 375 45.70 -0.86 34.27
N TYR A 376 45.90 -1.49 33.11
CA TYR A 376 46.57 -2.77 33.01
C TYR A 376 47.90 -2.60 32.30
N ASN A 377 48.95 -3.17 32.87
CA ASN A 377 50.28 -3.16 32.26
C ASN A 377 50.72 -4.59 32.00
N SER A 378 51.65 -4.74 31.05
CA SER A 378 52.13 -6.06 30.67
C SER A 378 53.13 -6.65 31.66
N ASN A 379 53.60 -5.87 32.64
CA ASN A 379 54.62 -6.33 33.55
C ASN A 379 54.07 -6.90 34.86
N TYR A 380 52.75 -6.93 35.04
CA TYR A 380 52.15 -7.60 36.19
C TYR A 380 51.34 -8.80 35.71
N THR A 381 51.46 -9.91 36.44
CA THR A 381 50.70 -11.11 36.13
C THR A 381 49.22 -10.92 36.43
N TYR A 382 48.90 -10.06 37.40
CA TYR A 382 47.53 -9.75 37.85
C TYR A 382 46.82 -10.98 38.42
N ASN A 383 47.58 -11.97 38.85
CA ASN A 383 47.11 -13.20 39.51
C ASN A 383 46.11 -13.92 38.61
N ASP A 384 45.12 -14.58 39.21
CA ASP A 384 44.02 -15.17 38.46
C ASP A 384 42.69 -14.51 38.80
N THR A 385 42.73 -13.35 39.47
CA THR A 385 41.54 -12.63 39.97
C THR A 385 40.61 -13.56 40.76
N LYS A 386 41.22 -14.39 41.61
CA LYS A 386 40.56 -15.39 42.42
C LYS A 386 40.17 -14.78 43.77
N HIS A 387 40.05 -15.63 44.81
CA HIS A 387 39.69 -15.31 46.19
C HIS A 387 38.23 -14.90 46.35
N ASN A 388 37.34 -15.43 45.50
CA ASN A 388 35.87 -15.34 45.56
C ASN A 388 35.32 -13.97 45.97
N GLY A 389 34.25 -13.96 46.75
CA GLY A 389 33.70 -12.72 47.24
C GLY A 389 32.32 -12.44 46.66
N THR A 390 31.48 -11.80 47.46
CA THR A 390 30.13 -11.41 47.07
C THR A 390 30.01 -9.91 46.82
N LYS A 391 31.13 -9.20 46.77
CA LYS A 391 31.12 -7.75 46.55
C LYS A 391 30.61 -7.42 45.15
N VAL A 392 29.74 -6.41 45.08
CA VAL A 392 29.15 -5.98 43.82
C VAL A 392 29.52 -4.52 43.59
N ILE A 393 29.24 -4.06 42.37
CA ILE A 393 29.48 -2.68 41.96
C ILE A 393 28.11 -2.01 41.86
N THR A 394 27.85 -1.07 42.77
CA THR A 394 26.57 -0.36 42.79
C THR A 394 26.70 0.88 41.92
N LEU A 395 26.33 0.76 40.65
CA LEU A 395 26.37 1.89 39.73
C LEU A 395 25.05 2.65 39.81
N PRO A 396 25.06 3.94 40.15
CA PRO A 396 23.81 4.69 40.27
C PRO A 396 23.16 4.90 38.90
N CYS A 397 21.82 5.00 38.91
CA CYS A 397 21.05 5.15 37.69
C CYS A 397 20.00 6.24 37.87
N ARG A 398 19.62 6.86 36.76
CA ARG A 398 18.58 7.87 36.71
C ARG A 398 17.52 7.43 35.72
N ILE A 399 16.32 7.99 35.87
CA ILE A 399 15.16 7.59 35.08
C ILE A 399 14.58 8.82 34.38
N LYS A 400 14.38 8.71 33.07
CA LYS A 400 13.70 9.72 32.28
C LYS A 400 12.35 9.17 31.80
N GLN A 401 11.47 10.08 31.42
CA GLN A 401 10.21 9.74 30.79
C GLN A 401 10.05 10.33 29.40
N ILE A 402 10.62 11.51 29.15
CA ILE A 402 10.63 12.08 27.82
C ILE A 402 11.78 11.45 27.03
N ILE A 403 11.47 10.37 26.32
CA ILE A 403 12.48 9.57 25.63
C ILE A 403 12.52 9.98 24.17
N ASN A 404 13.71 10.38 23.70
CA ASN A 404 13.92 10.78 22.31
C ASN A 404 15.14 10.03 21.76
N MET A 405 14.92 8.81 21.31
CA MET A 405 15.93 8.01 20.64
C MET A 405 15.59 7.91 19.15
N TRP A 406 16.64 7.80 18.33
CA TRP A 406 16.54 7.83 16.87
C TRP A 406 15.86 9.13 16.41
N GLN A 407 16.60 10.23 16.62
CA GLN A 407 16.06 11.59 16.58
C GLN A 407 15.57 11.99 15.19
N GLU A 408 15.89 11.22 14.15
CA GLU A 408 15.40 11.53 12.80
C GLU A 408 13.89 11.35 12.68
N VAL A 409 13.24 10.68 13.64
CA VAL A 409 11.81 10.42 13.51
C VAL A 409 11.00 11.70 13.75
N GLY A 410 11.52 12.60 14.59
CA GLY A 410 10.84 13.84 14.92
C GLY A 410 9.77 13.74 15.98
N ARG A 411 9.53 12.54 16.53
CA ARG A 411 8.52 12.33 17.56
C ARG A 411 9.17 11.65 18.76
N ALA A 412 9.00 12.24 19.94
CA ALA A 412 9.49 11.67 21.19
C ALA A 412 8.38 10.83 21.85
N MET A 413 8.61 10.46 23.11
CA MET A 413 7.66 9.68 23.88
C MET A 413 7.52 10.28 25.26
N TYR A 414 6.37 10.05 25.87
CA TYR A 414 6.21 10.15 27.33
C TYR A 414 5.93 8.73 27.81
N ALA A 415 6.94 8.11 28.42
CA ALA A 415 6.82 6.73 28.88
C ALA A 415 5.80 6.64 30.02
N PRO A 416 4.94 5.62 30.03
CA PRO A 416 3.89 5.53 31.06
C PRO A 416 4.49 5.17 32.41
N PRO A 417 3.97 5.76 33.49
CA PRO A 417 4.43 5.39 34.83
C PRO A 417 4.04 3.96 35.19
N ILE A 418 4.88 3.31 35.99
CA ILE A 418 4.72 1.92 36.39
C ILE A 418 4.61 1.86 37.90
N ALA A 419 3.51 1.29 38.39
CA ALA A 419 3.29 1.12 39.83
C ALA A 419 4.01 -0.13 40.34
N GLY A 420 4.41 -0.09 41.61
CA GLY A 420 5.21 -1.15 42.19
C GLY A 420 6.68 -0.91 41.88
N ASN A 421 7.54 -1.75 42.46
CA ASN A 421 8.94 -1.66 42.05
C ASN A 421 9.12 -2.30 40.68
N ILE A 422 10.25 -2.01 40.05
CA ILE A 422 10.66 -2.72 38.85
C ILE A 422 12.01 -3.38 39.10
N THR A 423 12.14 -4.65 38.72
CA THR A 423 13.38 -5.37 38.91
C THR A 423 13.60 -6.28 37.72
N CYS A 424 14.73 -6.12 37.05
CA CYS A 424 15.07 -6.95 35.90
C CYS A 424 16.46 -7.56 36.12
N THR A 425 16.67 -8.71 35.49
CA THR A 425 17.96 -9.40 35.52
C THR A 425 18.32 -9.74 34.09
N SER A 426 19.37 -9.12 33.56
CA SER A 426 19.79 -9.31 32.19
C SER A 426 21.22 -9.84 32.17
N ASN A 427 21.71 -10.13 30.97
CA ASN A 427 23.08 -10.57 30.77
C ASN A 427 23.80 -9.58 29.86
N ILE A 428 24.95 -9.10 30.29
CA ILE A 428 25.85 -8.41 29.38
C ILE A 428 26.68 -9.46 28.67
N THR A 429 26.57 -9.47 27.34
CA THR A 429 27.29 -10.42 26.49
C THR A 429 28.30 -9.73 25.58
N GLY A 430 28.44 -8.42 25.65
CA GLY A 430 29.39 -7.72 24.81
C GLY A 430 29.53 -6.28 25.23
N LEU A 431 30.63 -5.68 24.79
CA LEU A 431 30.94 -4.29 25.09
C LEU A 431 31.15 -3.52 23.79
N LEU A 432 30.60 -2.31 23.71
CA LEU A 432 30.80 -1.44 22.56
C LEU A 432 31.96 -0.48 22.83
N LEU A 433 33.16 -1.05 22.87
CA LEU A 433 34.36 -0.27 23.17
C LEU A 433 34.70 0.68 22.02
N THR A 434 35.47 1.71 22.35
CA THR A 434 35.89 2.71 21.38
C THR A 434 37.24 3.26 21.80
N ARG A 435 38.24 3.14 20.94
CA ARG A 435 39.56 3.66 21.24
C ARG A 435 39.57 5.19 21.20
N ASP A 436 40.49 5.77 21.95
CA ASP A 436 40.60 7.22 22.01
C ASP A 436 41.30 7.76 20.76
N GLY A 437 41.44 9.08 20.71
CA GLY A 437 42.07 9.71 19.56
C GLY A 437 43.57 9.50 19.55
N GLY A 438 44.19 9.98 18.47
CA GLY A 438 45.62 9.84 18.29
C GLY A 438 46.45 10.60 19.30
N ASN A 439 47.08 9.86 20.21
CA ASN A 439 47.94 10.42 21.25
C ASN A 439 49.39 9.98 21.06
N ASN A 440 49.80 9.88 19.79
CA ASN A 440 51.15 9.46 19.35
C ASN A 440 51.50 8.05 19.80
N SER A 441 52.72 7.63 19.52
CA SER A 441 53.18 6.29 19.90
C SER A 441 53.80 6.32 21.30
N THR A 442 52.97 6.68 22.27
CA THR A 442 53.40 6.77 23.67
C THR A 442 53.21 5.47 24.42
N GLU A 443 52.97 4.36 23.71
CA GLU A 443 52.74 3.04 24.30
C GLU A 443 51.58 3.05 25.28
N THR A 444 50.54 3.82 24.96
CA THR A 444 49.32 3.83 25.76
C THR A 444 48.13 4.10 24.86
N GLU A 445 47.07 3.32 25.05
CA GLU A 445 45.79 3.54 24.39
C GLU A 445 44.69 3.41 25.43
N THR A 446 43.81 4.40 25.51
CA THR A 446 42.72 4.39 26.47
C THR A 446 41.43 4.04 25.75
N PHE A 447 40.80 2.95 26.18
CA PHE A 447 39.54 2.49 25.60
C PHE A 447 38.39 2.93 26.50
N ARG A 448 37.47 3.70 25.94
CA ARG A 448 36.30 4.20 26.64
C ARG A 448 35.04 3.54 26.10
N PRO A 449 33.98 3.44 26.90
CA PRO A 449 32.71 2.94 26.38
C PRO A 449 32.15 3.86 25.30
N GLY A 450 31.46 3.26 24.34
CA GLY A 450 30.98 4.00 23.19
C GLY A 450 29.56 4.50 23.34
N GLY A 451 28.65 3.97 22.53
CA GLY A 451 27.28 4.43 22.53
C GLY A 451 26.94 5.23 21.29
N GLY A 452 27.46 4.80 20.15
CA GLY A 452 27.22 5.50 18.90
C GLY A 452 25.88 5.15 18.28
N ASP A 453 25.88 4.90 16.97
CA ASP A 453 24.64 4.50 16.30
C ASP A 453 24.19 3.13 16.78
N MET A 454 22.87 2.93 16.81
CA MET A 454 22.31 1.68 17.32
C MET A 454 22.50 0.52 16.35
N ARG A 455 22.85 0.81 15.09
CA ARG A 455 23.03 -0.22 14.08
C ARG A 455 24.09 -1.23 14.49
N ASP A 456 25.14 -0.76 15.16
CA ASP A 456 26.20 -1.63 15.67
C ASP A 456 25.65 -2.74 16.56
N ASN A 457 24.61 -2.42 17.35
CA ASN A 457 23.97 -3.43 18.19
C ASN A 457 23.41 -4.56 17.34
N TRP A 458 22.71 -4.23 16.24
CA TRP A 458 22.22 -5.27 15.34
C TRP A 458 23.38 -5.98 14.66
N ARG A 459 24.50 -5.26 14.46
CA ARG A 459 25.68 -5.88 13.87
C ARG A 459 26.34 -6.84 14.84
N SER A 460 25.99 -6.79 16.13
CA SER A 460 26.47 -7.81 17.05
C SER A 460 25.75 -9.13 16.85
N GLU A 461 24.59 -9.12 16.18
CA GLU A 461 23.82 -10.33 15.94
C GLU A 461 23.91 -10.82 14.50
N LEU A 462 23.91 -9.91 13.54
CA LEU A 462 24.07 -10.28 12.13
C LEU A 462 25.53 -10.22 11.71
N TYR A 463 26.39 -10.87 12.48
CA TYR A 463 27.81 -10.98 12.15
C TYR A 463 28.12 -12.22 11.32
N LYS A 464 27.15 -13.11 11.15
CA LYS A 464 27.34 -14.35 10.40
C LYS A 464 26.42 -14.49 9.21
N TYR A 465 25.36 -13.69 9.11
CA TYR A 465 24.36 -13.88 8.07
C TYR A 465 24.64 -12.98 6.88
N LYS A 466 24.63 -13.56 5.68
CA LYS A 466 24.67 -12.80 4.44
C LYS A 466 23.57 -13.29 3.52
N VAL A 467 23.14 -12.43 2.61
CA VAL A 467 22.06 -12.73 1.68
C VAL A 467 22.67 -13.03 0.32
N VAL A 468 22.30 -14.17 -0.27
CA VAL A 468 22.92 -14.64 -1.51
C VAL A 468 21.83 -14.88 -2.55
N GLU A 469 22.14 -14.55 -3.80
CA GLU A 469 21.18 -14.59 -4.90
C GLU A 469 21.42 -15.79 -5.81
N ILE A 470 20.44 -16.69 -5.87
CA ILE A 470 20.59 -17.99 -6.49
C ILE A 470 20.46 -17.85 -8.00
N LYS A 471 21.42 -18.43 -8.74
CA LYS A 471 21.35 -18.58 -10.19
C LYS A 471 21.17 -20.06 -10.50
N PRO A 472 19.97 -20.51 -10.86
CA PRO A 472 19.78 -21.92 -11.19
C PRO A 472 20.17 -22.29 -12.61
N LEU A 473 20.46 -21.32 -13.47
CA LEU A 473 20.78 -21.58 -14.86
C LEU A 473 22.28 -21.80 -15.00
N GLY A 474 22.67 -22.95 -15.55
CA GLY A 474 24.06 -23.27 -15.72
C GLY A 474 24.34 -23.87 -17.08
N ILE A 475 25.57 -23.68 -17.54
CA ILE A 475 26.03 -24.12 -18.84
C ILE A 475 27.15 -25.14 -18.64
N ALA A 476 27.03 -26.29 -19.31
CA ALA A 476 28.05 -27.33 -19.16
C ALA A 476 28.23 -28.09 -20.46
N PRO A 477 29.47 -28.33 -20.91
CA PRO A 477 29.68 -29.10 -22.13
C PRO A 477 29.51 -30.60 -21.89
N THR A 478 28.77 -31.23 -22.79
CA THR A 478 28.52 -32.67 -22.75
C THR A 478 28.38 -33.14 -24.19
N GLY A 479 28.81 -34.37 -24.45
CA GLY A 479 28.75 -34.93 -25.79
C GLY A 479 27.39 -35.39 -26.27
N CYS A 480 26.33 -34.84 -25.69
CA CYS A 480 24.96 -35.11 -26.09
C CYS A 480 24.48 -34.05 -27.07
N LYS A 481 23.95 -34.49 -28.21
CA LYS A 481 23.46 -33.61 -29.25
C LYS A 481 21.95 -33.78 -29.39
N ARG A 482 21.23 -32.66 -29.39
CA ARG A 482 19.79 -32.70 -29.58
C ARG A 482 19.45 -33.10 -31.02
N ARG A 483 18.40 -33.91 -31.16
CA ARG A 483 17.99 -34.38 -32.47
C ARG A 483 17.34 -33.25 -33.28
N VAL A 484 17.32 -33.43 -34.59
CA VAL A 484 16.74 -32.43 -35.49
C VAL A 484 15.22 -32.51 -35.44
N LEU B 9 20.13 -34.64 0.41
CA LEU B 9 21.05 -33.66 0.98
C LEU B 9 20.31 -32.40 1.40
N GLY B 10 19.60 -31.80 0.45
CA GLY B 10 18.83 -30.59 0.69
C GLY B 10 19.21 -29.48 -0.26
N PHE B 11 18.65 -28.30 0.01
CA PHE B 11 18.93 -27.12 -0.80
C PHE B 11 20.40 -26.71 -0.67
N LEU B 12 21.03 -26.51 -1.83
CA LEU B 12 22.43 -26.08 -1.97
C LEU B 12 23.42 -27.07 -1.35
N GLY B 13 22.99 -28.30 -1.07
CA GLY B 13 23.84 -29.26 -0.36
C GLY B 13 24.99 -29.78 -1.18
N ALA B 14 24.94 -29.62 -2.50
CA ALA B 14 26.02 -30.04 -3.39
C ALA B 14 26.78 -28.86 -3.98
N ALA B 15 26.77 -27.70 -3.29
CA ALA B 15 27.50 -26.54 -3.77
C ALA B 15 29.01 -26.78 -3.73
N GLY B 16 29.50 -27.38 -2.64
CA GLY B 16 30.90 -27.73 -2.56
C GLY B 16 31.26 -29.05 -3.20
N SER B 17 30.27 -29.81 -3.66
CA SER B 17 30.52 -31.09 -4.30
C SER B 17 31.00 -30.88 -5.74
N THR B 18 31.36 -31.98 -6.37
CA THR B 18 31.83 -31.95 -7.75
C THR B 18 30.65 -31.73 -8.70
N MET B 19 30.98 -31.51 -9.98
CA MET B 19 29.97 -31.26 -11.01
C MET B 19 29.05 -32.47 -11.21
N GLY B 20 29.63 -33.67 -11.28
CA GLY B 20 28.83 -34.86 -11.53
C GLY B 20 27.90 -35.19 -10.39
N ALA B 21 28.36 -34.99 -9.15
CA ALA B 21 27.50 -35.22 -8.00
C ALA B 21 26.45 -34.12 -7.86
N ALA B 22 26.78 -32.88 -8.23
CA ALA B 22 25.81 -31.80 -8.11
C ALA B 22 24.78 -31.85 -9.22
N SER B 23 25.09 -32.55 -10.32
CA SER B 23 24.08 -32.75 -11.35
C SER B 23 23.04 -33.78 -10.93
N ASN B 24 23.37 -34.61 -9.93
CA ASN B 24 22.45 -35.66 -9.52
C ASN B 24 21.34 -35.12 -8.62
N THR B 25 21.54 -33.97 -7.99
CA THR B 25 20.50 -33.28 -7.23
C THR B 25 20.30 -31.90 -7.86
N LEU B 26 19.14 -31.71 -8.49
CA LEU B 26 18.84 -30.44 -9.15
C LEU B 26 17.41 -29.99 -8.84
N THR B 27 16.54 -30.94 -8.47
CA THR B 27 15.14 -30.62 -8.24
C THR B 27 14.94 -29.88 -6.93
N VAL B 28 15.79 -30.15 -5.93
CA VAL B 28 15.62 -29.53 -4.62
C VAL B 28 16.07 -28.07 -4.65
N GLN B 29 16.88 -27.70 -5.66
CA GLN B 29 17.21 -26.29 -5.84
C GLN B 29 16.19 -25.59 -6.72
N ALA B 30 15.53 -26.34 -7.61
CA ALA B 30 14.45 -25.78 -8.41
C ALA B 30 13.19 -25.58 -7.59
N ARG B 31 13.05 -26.33 -6.47
CA ARG B 31 11.97 -26.08 -5.53
C ARG B 31 12.03 -24.67 -4.95
N GLN B 32 13.23 -24.24 -4.54
CA GLN B 32 13.34 -23.01 -3.77
C GLN B 32 13.16 -21.78 -4.66
N LEU B 33 13.34 -21.95 -5.99
CA LEU B 33 13.21 -20.83 -6.92
C LEU B 33 11.80 -20.27 -6.98
N LEU B 34 10.78 -21.06 -6.60
CA LEU B 34 9.41 -20.56 -6.51
C LEU B 34 8.96 -20.46 -5.05
N SER B 35 9.11 -21.55 -4.29
CA SER B 35 8.81 -21.63 -2.86
C SER B 35 7.39 -21.20 -2.53
N GLY B 36 7.22 -19.98 -2.02
CA GLY B 36 5.91 -19.45 -1.70
C GLY B 36 5.34 -19.97 -0.40
N LEU B 57 1.55 -2.55 9.08
CA LEU B 57 0.23 -2.81 8.51
C LEU B 57 0.21 -2.50 7.02
N THR B 58 0.33 -1.22 6.68
CA THR B 58 0.32 -0.78 5.30
C THR B 58 1.70 -0.83 4.66
N VAL B 59 2.76 -0.97 5.45
CA VAL B 59 4.13 -0.94 4.94
C VAL B 59 4.73 -2.33 4.83
N TRP B 60 4.51 -3.19 5.82
CA TRP B 60 5.09 -4.53 5.80
C TRP B 60 4.40 -5.44 4.81
N GLY B 61 3.08 -5.26 4.65
CA GLY B 61 2.38 -5.93 3.57
C GLY B 61 2.91 -5.51 2.21
N ILE B 62 3.24 -4.22 2.07
CA ILE B 62 3.84 -3.72 0.83
C ILE B 62 5.20 -4.36 0.59
N LYS B 63 6.01 -4.50 1.65
CA LYS B 63 7.35 -5.06 1.50
C LYS B 63 7.30 -6.55 1.16
N GLN B 64 6.47 -7.32 1.86
CA GLN B 64 6.30 -8.74 1.55
C GLN B 64 5.74 -8.93 0.15
N LEU B 65 4.75 -8.10 -0.22
CA LEU B 65 4.15 -8.16 -1.54
C LEU B 65 5.17 -7.88 -2.64
N GLN B 66 6.00 -6.84 -2.43
CA GLN B 66 7.01 -6.47 -3.40
C GLN B 66 8.06 -7.56 -3.56
N THR B 67 8.49 -8.17 -2.45
CA THR B 67 9.55 -9.17 -2.58
C THR B 67 8.99 -10.48 -3.15
N ARG B 68 7.70 -10.77 -2.89
CA ARG B 68 7.09 -11.94 -3.52
C ARG B 68 6.95 -11.76 -5.03
N VAL B 69 6.51 -10.58 -5.48
CA VAL B 69 6.37 -10.40 -6.92
C VAL B 69 7.76 -10.29 -7.56
N LEU B 70 8.76 -9.84 -6.79
CA LEU B 70 10.13 -9.84 -7.30
C LEU B 70 10.63 -11.27 -7.54
N ALA B 71 10.42 -12.16 -6.58
CA ALA B 71 10.81 -13.56 -6.75
C ALA B 71 10.05 -14.22 -7.89
N ILE B 72 8.76 -13.88 -8.02
CA ILE B 72 7.95 -14.38 -9.13
C ILE B 72 8.51 -13.88 -10.46
N GLU B 73 8.97 -12.63 -10.50
CA GLU B 73 9.58 -12.07 -11.71
C GLU B 73 10.85 -12.80 -12.08
N ARG B 74 11.71 -13.11 -11.09
CA ARG B 74 12.92 -13.88 -11.39
C ARG B 74 12.59 -15.28 -11.90
N TYR B 75 11.60 -15.94 -11.28
CA TYR B 75 11.21 -17.27 -11.73
C TYR B 75 10.67 -17.24 -13.16
N LEU B 76 9.85 -16.25 -13.48
CA LEU B 76 9.32 -16.10 -14.84
C LEU B 76 10.43 -15.76 -15.82
N GLU B 77 11.42 -14.97 -15.39
CA GLU B 77 12.55 -14.64 -16.26
C GLU B 77 13.36 -15.89 -16.60
N VAL B 78 13.65 -16.72 -15.60
CA VAL B 78 14.43 -17.93 -15.85
C VAL B 78 13.64 -18.92 -16.68
N GLN B 79 12.32 -19.02 -16.43
CA GLN B 79 11.48 -19.92 -17.23
C GLN B 79 11.38 -19.45 -18.67
N GLN B 80 11.32 -18.13 -18.89
CA GLN B 80 11.30 -17.60 -20.25
C GLN B 80 12.62 -17.85 -20.97
N LEU B 81 13.74 -17.68 -20.26
CA LEU B 81 15.04 -17.97 -20.85
C LEU B 81 15.17 -19.45 -21.20
N LEU B 82 14.61 -20.33 -20.36
CA LEU B 82 14.59 -21.75 -20.69
C LEU B 82 13.69 -22.03 -21.89
N GLY B 83 12.55 -21.34 -21.98
CA GLY B 83 11.63 -21.56 -23.09
C GLY B 83 12.19 -21.10 -24.42
N LEU B 84 12.96 -20.01 -24.42
CA LEU B 84 13.56 -19.52 -25.65
C LEU B 84 14.67 -20.42 -26.18
N TRP B 85 15.18 -21.34 -25.36
CA TRP B 85 16.22 -22.26 -25.78
C TRP B 85 15.67 -23.62 -26.17
N GLY B 86 14.35 -23.78 -26.21
CA GLY B 86 13.77 -25.08 -26.45
C GLY B 86 13.92 -26.06 -25.31
N CYS B 87 14.13 -25.56 -24.09
CA CYS B 87 14.35 -26.41 -22.92
C CYS B 87 13.27 -26.21 -21.87
N SER B 88 12.07 -25.81 -22.28
CA SER B 88 10.99 -25.57 -21.32
C SER B 88 10.48 -26.90 -20.76
N GLY B 89 10.21 -26.91 -19.46
CA GLY B 89 9.71 -28.10 -18.82
C GLY B 89 10.74 -29.16 -18.54
N LYS B 90 12.03 -28.86 -18.74
CA LYS B 90 13.10 -29.81 -18.52
C LYS B 90 14.15 -29.20 -17.61
N LEU B 91 14.82 -30.04 -16.84
CA LEU B 91 15.91 -29.60 -15.98
C LEU B 91 17.26 -29.67 -16.69
N ILE B 92 17.56 -30.77 -17.36
CA ILE B 92 18.79 -30.90 -18.15
C ILE B 92 18.35 -31.07 -19.60
N CYS B 93 18.67 -30.08 -20.43
CA CYS B 93 18.26 -30.08 -21.83
C CYS B 93 19.50 -29.88 -22.71
N CYS B 94 19.73 -30.81 -23.62
CA CYS B 94 20.85 -30.73 -24.53
C CYS B 94 20.57 -29.72 -25.64
N THR B 95 21.63 -29.24 -26.28
CA THR B 95 21.51 -28.25 -27.34
C THR B 95 22.57 -28.54 -28.40
N ALA B 96 22.18 -28.40 -29.66
CA ALA B 96 23.04 -28.69 -30.80
C ALA B 96 24.08 -27.60 -31.09
N VAL B 97 24.27 -26.64 -30.19
CA VAL B 97 25.31 -25.63 -30.33
C VAL B 97 26.66 -26.27 -30.03
N PRO B 98 27.63 -26.18 -30.95
CA PRO B 98 28.97 -26.71 -30.65
C PRO B 98 29.65 -25.92 -29.54
N TRP B 99 30.44 -26.63 -28.74
CA TRP B 99 31.19 -26.02 -27.65
C TRP B 99 32.48 -25.41 -28.20
N ASN B 100 32.56 -24.09 -28.19
CA ASN B 100 33.75 -23.41 -28.69
C ASN B 100 34.90 -23.62 -27.71
N SER B 101 36.07 -23.99 -28.26
CA SER B 101 37.25 -24.21 -27.41
C SER B 101 37.80 -22.91 -26.85
N SER B 102 37.45 -21.76 -27.43
CA SER B 102 37.91 -20.48 -26.89
C SER B 102 37.24 -20.18 -25.56
N TRP B 103 36.03 -20.68 -25.34
CA TRP B 103 35.37 -20.51 -24.05
C TRP B 103 36.12 -21.26 -22.96
N SER B 104 36.52 -22.50 -23.24
CA SER B 104 37.28 -23.31 -22.28
C SER B 104 38.00 -24.40 -23.05
N ASN B 105 39.34 -24.41 -22.97
CA ASN B 105 40.12 -25.45 -23.60
C ASN B 105 40.23 -26.71 -22.75
N LYS B 106 39.66 -26.70 -21.55
CA LYS B 106 39.69 -27.88 -20.68
C LYS B 106 38.81 -28.98 -21.24
N SER B 107 39.31 -30.22 -21.18
CA SER B 107 38.50 -31.34 -21.63
C SER B 107 37.52 -31.75 -20.53
N GLU B 108 36.72 -32.78 -20.83
CA GLU B 108 35.49 -33.04 -20.09
C GLU B 108 35.76 -33.51 -18.66
N THR B 109 36.84 -34.27 -18.45
CA THR B 109 36.99 -34.99 -17.19
C THR B 109 37.33 -34.04 -16.03
N GLU B 110 38.16 -33.03 -16.25
CA GLU B 110 38.47 -32.10 -15.17
C GLU B 110 37.34 -31.10 -14.96
N ILE B 111 36.47 -30.93 -15.95
CA ILE B 111 35.24 -30.18 -15.70
C ILE B 111 34.29 -30.97 -14.82
N TRP B 112 34.13 -32.26 -15.10
CA TRP B 112 33.08 -33.05 -14.47
C TRP B 112 33.53 -33.88 -13.28
N ASN B 113 34.79 -33.80 -12.86
CA ASN B 113 35.21 -34.70 -11.79
C ASN B 113 35.87 -34.01 -10.60
N ASN B 114 36.68 -32.97 -10.82
CA ASN B 114 37.37 -32.29 -9.72
C ASN B 114 37.06 -30.80 -9.70
N MET B 115 35.89 -30.43 -10.22
CA MET B 115 35.50 -29.04 -10.39
C MET B 115 34.13 -28.84 -9.76
N THR B 116 33.89 -27.67 -9.19
CA THR B 116 32.58 -27.32 -8.66
C THR B 116 31.83 -26.42 -9.64
N TRP B 117 30.57 -26.15 -9.32
CA TRP B 117 29.77 -25.29 -10.19
C TRP B 117 30.22 -23.83 -10.09
N MET B 118 30.67 -23.41 -8.90
CA MET B 118 31.11 -22.03 -8.71
C MET B 118 32.36 -21.70 -9.52
N GLN B 119 33.33 -22.61 -9.53
CA GLN B 119 34.57 -22.36 -10.26
C GLN B 119 34.31 -22.33 -11.76
N TRP B 120 33.39 -23.17 -12.23
CA TRP B 120 32.98 -23.12 -13.63
C TRP B 120 32.24 -21.83 -13.94
N ASP B 121 31.42 -21.34 -13.01
CA ASP B 121 30.75 -20.06 -13.18
C ASP B 121 31.77 -18.94 -13.28
N ARG B 122 32.84 -19.03 -12.48
CA ARG B 122 33.90 -18.02 -12.52
C ARG B 122 34.66 -18.05 -13.84
N GLU B 123 34.97 -19.24 -14.37
CA GLU B 123 35.72 -19.29 -15.62
C GLU B 123 34.88 -18.90 -16.82
N ILE B 124 33.60 -19.29 -16.85
CA ILE B 124 32.75 -19.04 -18.01
C ILE B 124 31.79 -17.87 -17.76
N ASN B 125 32.19 -16.91 -16.92
CA ASN B 125 31.36 -15.73 -16.71
C ASN B 125 31.47 -14.77 -17.90
N ASN B 126 32.64 -14.73 -18.54
CA ASN B 126 32.86 -13.76 -19.62
C ASN B 126 32.13 -14.15 -20.89
N TYR B 127 31.84 -15.43 -21.08
CA TYR B 127 31.23 -15.93 -22.31
C TYR B 127 29.77 -16.32 -22.13
N THR B 128 29.09 -15.81 -21.10
CA THR B 128 27.72 -16.22 -20.82
C THR B 128 26.75 -15.68 -21.87
N ASN B 129 26.86 -14.38 -22.18
CA ASN B 129 25.93 -13.74 -23.10
C ASN B 129 26.06 -14.29 -24.52
N THR B 130 27.30 -14.54 -24.95
CA THR B 130 27.54 -15.11 -26.27
C THR B 130 26.93 -16.50 -26.39
N ILE B 131 27.10 -17.32 -25.35
CA ILE B 131 26.49 -18.66 -25.32
C ILE B 131 24.98 -18.55 -25.36
N TYR B 132 24.40 -17.60 -24.62
CA TYR B 132 22.96 -17.41 -24.60
C TYR B 132 22.42 -17.05 -25.99
N ARG B 133 23.10 -16.12 -26.67
CA ARG B 133 22.70 -15.76 -28.03
C ARG B 133 22.86 -16.93 -29.00
N LEU B 134 23.93 -17.71 -28.87
CA LEU B 134 24.10 -18.86 -29.75
C LEU B 134 22.98 -19.86 -29.56
N LEU B 135 22.55 -20.08 -28.32
CA LEU B 135 21.41 -20.96 -28.04
C LEU B 135 20.12 -20.43 -28.65
N GLU B 136 19.86 -19.13 -28.51
CA GLU B 136 18.61 -18.57 -29.01
C GLU B 136 18.54 -18.57 -30.53
N GLU B 137 19.62 -18.19 -31.21
CA GLU B 137 19.63 -18.29 -32.67
C GLU B 137 19.58 -19.74 -33.16
N SER B 138 20.18 -20.68 -32.43
CA SER B 138 20.08 -22.08 -32.82
C SER B 138 18.64 -22.58 -32.72
N GLN B 139 17.97 -22.27 -31.62
CA GLN B 139 16.58 -22.70 -31.44
C GLN B 139 15.66 -22.02 -32.45
N PHE B 140 15.89 -20.73 -32.72
CA PHE B 140 15.06 -20.01 -33.66
C PHE B 140 15.23 -20.53 -35.09
N GLN B 141 16.48 -20.84 -35.47
CA GLN B 141 16.73 -21.41 -36.80
C GLN B 141 16.15 -22.82 -36.90
N GLN B 142 16.19 -23.58 -35.80
CA GLN B 142 15.57 -24.91 -35.79
C GLN B 142 14.07 -24.82 -36.02
N GLU B 143 13.41 -23.87 -35.34
CA GLU B 143 11.98 -23.68 -35.55
C GLU B 143 11.68 -23.21 -36.96
N ILE B 144 12.48 -22.28 -37.49
CA ILE B 144 12.22 -21.72 -38.82
C ILE B 144 12.40 -22.78 -39.89
N ASN B 145 13.49 -23.54 -39.84
CA ASN B 145 13.67 -24.54 -40.90
C ASN B 145 12.79 -25.77 -40.68
N GLU B 146 12.32 -25.98 -39.45
CA GLU B 146 11.34 -27.08 -39.24
C GLU B 146 10.06 -26.64 -39.96
N VAL B 147 9.64 -25.39 -39.78
CA VAL B 147 8.46 -24.87 -40.48
C VAL B 147 8.65 -24.95 -41.99
N ASP B 148 9.85 -24.59 -42.47
CA ASP B 148 10.12 -24.62 -43.91
C ASP B 148 10.06 -26.04 -44.47
N LEU B 149 10.61 -27.01 -43.73
CA LEU B 149 10.63 -28.38 -44.24
C LEU B 149 9.26 -29.05 -44.11
N LEU B 150 8.53 -28.77 -43.02
CA LEU B 150 7.25 -29.45 -42.82
C LEU B 150 6.17 -28.88 -43.73
N ALA B 151 6.34 -27.64 -44.20
CA ALA B 151 5.40 -27.10 -45.19
C ALA B 151 5.61 -27.73 -46.56
N LEU B 152 6.83 -28.20 -46.85
CA LEU B 152 7.07 -28.91 -48.11
C LEU B 152 6.33 -30.24 -48.14
N ASP B 153 6.30 -30.94 -47.01
CA ASP B 153 5.61 -32.23 -46.93
C ASP B 153 4.12 -32.03 -46.76
N GLY C 1 -2.27 -27.30 -52.19
CA GLY C 1 -3.49 -26.53 -52.07
C GLY C 1 -4.02 -26.45 -50.65
N ASN C 2 -3.75 -27.49 -49.88
CA ASN C 2 -4.20 -27.53 -48.48
C ASN C 2 -3.39 -26.55 -47.63
N LEU C 3 -4.04 -25.96 -46.64
CA LEU C 3 -3.42 -25.00 -45.75
C LEU C 3 -3.82 -25.32 -44.32
N TRP C 4 -2.98 -24.89 -43.37
CA TRP C 4 -3.17 -25.19 -41.96
C TRP C 4 -2.92 -23.92 -41.14
N VAL C 5 -3.54 -23.87 -39.97
CA VAL C 5 -3.38 -22.73 -39.07
C VAL C 5 -2.02 -22.80 -38.39
N THR C 6 -1.29 -21.69 -38.41
CA THR C 6 0.02 -21.60 -37.77
C THR C 6 0.03 -20.46 -36.76
N VAL C 7 0.65 -20.70 -35.61
CA VAL C 7 0.68 -19.77 -34.49
C VAL C 7 2.05 -19.10 -34.47
N TYR C 8 2.05 -17.77 -34.31
CA TYR C 8 3.29 -16.99 -34.24
C TYR C 8 3.31 -16.19 -32.96
N TYR C 9 4.45 -16.21 -32.28
CA TYR C 9 4.66 -15.51 -31.02
C TYR C 9 5.69 -14.41 -31.23
N GLY C 10 5.45 -13.25 -30.60
CA GLY C 10 6.25 -12.08 -30.88
C GLY C 10 5.78 -11.25 -32.05
N VAL C 11 4.48 -11.25 -32.33
CA VAL C 11 3.95 -10.58 -33.52
C VAL C 11 3.96 -9.07 -33.30
N PRO C 12 4.50 -8.27 -34.22
CA PRO C 12 4.53 -6.80 -34.05
C PRO C 12 3.24 -6.08 -34.47
N VAL C 13 2.20 -6.25 -33.65
CA VAL C 13 0.96 -5.49 -33.79
C VAL C 13 0.61 -4.89 -32.43
N TRP C 14 -0.25 -3.87 -32.47
CA TRP C 14 -0.65 -3.18 -31.25
C TRP C 14 -2.03 -2.56 -31.43
N ARG C 15 -2.68 -2.26 -30.32
CA ARG C 15 -3.94 -1.52 -30.30
C ARG C 15 -3.80 -0.36 -29.32
N GLU C 16 -4.91 0.31 -29.05
CA GLU C 16 -4.93 1.38 -28.07
C GLU C 16 -4.91 0.81 -26.64
N ALA C 17 -4.41 1.61 -25.71
CA ALA C 17 -4.29 1.16 -24.33
C ALA C 17 -4.45 2.35 -23.39
N LYS C 18 -4.83 2.04 -22.16
CA LYS C 18 -4.96 3.03 -21.09
C LYS C 18 -4.30 2.51 -19.81
N THR C 19 -3.14 1.88 -19.95
CA THR C 19 -2.46 1.29 -18.80
C THR C 19 -1.78 2.36 -17.95
N THR C 20 -1.57 2.04 -16.68
CA THR C 20 -0.89 2.93 -15.76
C THR C 20 0.61 2.87 -16.00
N LEU C 21 1.23 4.04 -16.14
CA LEU C 21 2.67 4.15 -16.35
C LEU C 21 3.38 4.43 -15.03
N PHE C 22 4.71 4.33 -15.07
CA PHE C 22 5.55 4.57 -13.90
C PHE C 22 6.64 5.57 -14.25
N CYS C 23 6.94 6.45 -13.30
CA CYS C 23 7.90 7.54 -13.50
C CYS C 23 9.33 7.01 -13.49
N ALA C 24 10.25 7.85 -13.98
CA ALA C 24 11.67 7.53 -13.96
C ALA C 24 12.45 8.83 -13.96
N SER C 25 13.02 9.19 -12.82
CA SER C 25 13.85 10.38 -12.70
C SER C 25 15.28 10.09 -13.13
N ASP C 26 16.01 11.15 -13.47
CA ASP C 26 17.36 11.00 -13.98
C ASP C 26 18.32 10.55 -12.88
N ALA C 27 19.42 9.92 -13.30
CA ALA C 27 20.40 9.41 -12.34
C ALA C 27 21.17 10.55 -11.68
N LYS C 28 21.35 11.67 -12.39
CA LYS C 28 22.04 12.81 -11.82
C LYS C 28 21.20 13.52 -10.76
N ALA C 29 19.88 13.30 -10.77
CA ALA C 29 19.01 13.85 -9.74
C ALA C 29 19.14 13.13 -8.40
N TYR C 30 19.81 11.99 -8.36
CA TYR C 30 20.01 11.23 -7.13
C TYR C 30 21.30 11.62 -6.41
N ASP C 31 21.99 12.65 -6.88
CA ASP C 31 23.20 13.15 -6.20
C ASP C 31 22.75 14.07 -5.06
N ARG C 32 22.29 13.43 -3.98
CA ARG C 32 21.60 14.06 -2.85
C ARG C 32 20.45 14.93 -3.35
N GLU C 33 20.62 16.26 -3.26
CA GLU C 33 19.65 17.30 -3.64
C GLU C 33 18.20 16.93 -3.27
N VAL C 34 18.06 16.48 -2.03
CA VAL C 34 16.83 15.89 -1.56
C VAL C 34 15.83 17.01 -1.25
N HIS C 35 14.58 16.60 -0.99
CA HIS C 35 13.51 17.46 -0.50
C HIS C 35 13.10 18.54 -1.51
N ASN C 36 13.00 18.16 -2.77
CA ASN C 36 12.37 18.97 -3.80
C ASN C 36 11.00 18.38 -4.09
N VAL C 37 10.06 19.25 -4.49
CA VAL C 37 8.67 18.83 -4.69
C VAL C 37 8.57 17.79 -5.79
N TRP C 38 9.26 18.04 -6.91
CA TRP C 38 9.24 17.12 -8.04
C TRP C 38 10.29 16.02 -7.95
N ALA C 39 11.20 16.09 -6.98
CA ALA C 39 12.18 15.02 -6.80
C ALA C 39 11.51 13.86 -6.08
N THR C 40 11.19 12.82 -6.83
CA THR C 40 10.52 11.63 -6.28
C THR C 40 11.55 10.51 -6.22
N HIS C 41 11.88 10.07 -5.00
CA HIS C 41 12.80 8.97 -4.83
C HIS C 41 12.18 7.63 -5.21
N ALA C 42 10.85 7.56 -5.29
CA ALA C 42 10.20 6.33 -5.71
C ALA C 42 10.31 6.11 -7.22
N CYS C 43 10.68 7.16 -7.96
CA CYS C 43 10.96 7.00 -9.38
C CYS C 43 12.21 6.15 -9.57
N VAL C 44 12.16 5.23 -10.54
CA VAL C 44 13.28 4.35 -10.83
C VAL C 44 14.37 5.17 -11.53
N PRO C 45 15.64 4.74 -11.48
CA PRO C 45 16.68 5.45 -12.24
C PRO C 45 16.41 5.40 -13.73
N THR C 46 16.77 6.49 -14.41
CA THR C 46 16.60 6.57 -15.86
C THR C 46 17.51 5.56 -16.55
N ASP C 47 16.94 4.82 -17.49
CA ASP C 47 17.66 3.80 -18.25
C ASP C 47 18.81 4.45 -19.02
N PRO C 48 20.05 4.00 -18.84
CA PRO C 48 21.16 4.53 -19.64
C PRO C 48 21.01 4.14 -21.10
N ASN C 49 21.70 4.90 -21.96
CA ASN C 49 21.73 4.93 -23.43
C ASN C 49 20.40 4.50 -24.06
N PRO C 50 19.33 5.26 -23.83
CA PRO C 50 17.99 4.80 -24.24
C PRO C 50 17.84 4.73 -25.75
N GLN C 51 17.01 3.79 -26.20
CA GLN C 51 16.85 3.47 -27.60
C GLN C 51 15.52 3.99 -28.11
N GLU C 52 15.52 4.49 -29.34
CA GLU C 52 14.32 4.85 -30.07
C GLU C 52 14.40 4.15 -31.41
N ILE C 53 13.43 3.27 -31.68
CA ILE C 53 13.48 2.37 -32.83
C ILE C 53 12.54 2.91 -33.89
N VAL C 54 13.10 3.32 -35.02
CA VAL C 54 12.33 3.91 -36.10
C VAL C 54 11.56 2.81 -36.82
N LEU C 55 10.26 3.02 -37.00
CA LEU C 55 9.39 2.06 -37.66
C LEU C 55 9.03 2.61 -39.03
N GLU C 56 9.61 2.03 -40.07
CA GLU C 56 9.35 2.48 -41.43
C GLU C 56 8.09 1.83 -41.98
N ASN C 57 7.57 2.42 -43.06
CA ASN C 57 6.46 1.90 -43.86
C ASN C 57 5.16 1.77 -43.07
N VAL C 58 5.00 2.56 -42.01
CA VAL C 58 3.83 2.46 -41.14
C VAL C 58 3.30 3.86 -40.85
N THR C 59 1.98 3.97 -40.73
CA THR C 59 1.29 5.21 -40.43
C THR C 59 0.36 5.00 -39.25
N GLU C 60 0.42 5.91 -38.27
CA GLU C 60 -0.39 5.78 -37.06
C GLU C 60 -1.19 7.06 -36.83
N ASN C 61 -2.38 6.88 -36.26
CA ASN C 61 -3.28 8.00 -35.99
C ASN C 61 -3.13 8.43 -34.54
N PHE C 62 -2.77 9.69 -34.33
CA PHE C 62 -2.57 10.26 -33.01
C PHE C 62 -3.67 11.27 -32.69
N ASN C 63 -3.84 11.51 -31.39
CA ASN C 63 -4.81 12.50 -30.91
C ASN C 63 -4.33 13.00 -29.56
N MET C 64 -3.88 14.26 -29.51
CA MET C 64 -3.40 14.82 -28.26
C MET C 64 -4.54 15.07 -27.27
N TRP C 65 -5.73 15.39 -27.77
CA TRP C 65 -6.83 15.79 -26.91
C TRP C 65 -7.58 14.62 -26.30
N LYS C 66 -7.27 13.39 -26.70
CA LYS C 66 -7.85 12.20 -26.10
C LYS C 66 -6.81 11.35 -25.40
N ASN C 67 -5.62 11.90 -25.15
CA ASN C 67 -4.55 11.16 -24.50
C ASN C 67 -4.82 11.01 -23.01
N ASP C 68 -4.51 9.83 -22.48
CA ASP C 68 -4.66 9.56 -21.06
C ASP C 68 -3.40 9.87 -20.26
N MET C 69 -2.25 9.99 -20.94
CA MET C 69 -1.01 10.30 -20.26
C MET C 69 -1.04 11.69 -19.63
N VAL C 70 -1.74 12.63 -20.27
CA VAL C 70 -1.87 13.98 -19.72
C VAL C 70 -2.65 13.96 -18.42
N ASP C 71 -3.76 13.20 -18.39
CA ASP C 71 -4.55 13.08 -17.17
C ASP C 71 -3.77 12.36 -16.07
N GLN C 72 -3.02 11.32 -16.44
CA GLN C 72 -2.20 10.61 -15.46
C GLN C 72 -1.11 11.52 -14.89
N MET C 73 -0.49 12.33 -15.74
CA MET C 73 0.54 13.27 -15.27
C MET C 73 -0.06 14.33 -14.35
N HIS C 74 -1.26 14.82 -14.69
CA HIS C 74 -1.92 15.82 -13.84
C HIS C 74 -2.25 15.24 -12.47
N GLU C 75 -2.81 14.03 -12.44
CA GLU C 75 -3.13 13.39 -11.16
C GLU C 75 -1.87 13.10 -10.35
N ASP C 76 -0.80 12.65 -11.02
CA ASP C 76 0.45 12.33 -10.34
C ASP C 76 1.06 13.60 -9.75
N ILE C 77 1.00 14.72 -10.49
CA ILE C 77 1.52 15.99 -9.99
C ILE C 77 0.70 16.45 -8.78
N ILE C 78 -0.63 16.29 -8.85
CA ILE C 78 -1.51 16.68 -7.75
C ILE C 78 -1.20 15.89 -6.47
N SER C 79 -1.03 14.57 -6.60
CA SER C 79 -0.78 13.76 -5.41
C SER C 79 0.65 13.94 -4.89
N LEU C 80 1.62 14.22 -5.79
CA LEU C 80 2.95 14.59 -5.34
C LEU C 80 2.93 15.90 -4.57
N TRP C 81 2.12 16.86 -5.04
CA TRP C 81 1.92 18.13 -4.35
C TRP C 81 1.34 17.91 -2.95
N ASP C 82 0.35 17.01 -2.86
CA ASP C 82 -0.24 16.67 -1.57
C ASP C 82 0.78 16.01 -0.64
N GLN C 83 1.59 15.09 -1.17
CA GLN C 83 2.57 14.40 -0.34
C GLN C 83 3.66 15.35 0.13
N SER C 84 4.05 16.30 -0.71
CA SER C 84 5.08 17.27 -0.31
C SER C 84 4.52 18.27 0.69
N LEU C 85 3.23 18.61 0.59
CA LEU C 85 2.65 19.54 1.55
C LEU C 85 2.17 18.87 2.84
N LYS C 86 2.09 17.55 2.86
CA LYS C 86 1.61 16.85 4.05
C LYS C 86 2.45 17.04 5.32
N PRO C 87 3.79 16.81 5.36
CA PRO C 87 4.44 16.59 6.66
C PRO C 87 4.63 17.81 7.56
N CYS C 88 5.06 18.94 7.02
CA CYS C 88 5.58 20.01 7.86
C CYS C 88 4.44 20.85 8.48
N VAL C 89 4.82 21.99 9.05
CA VAL C 89 3.98 22.70 10.01
C VAL C 89 2.84 23.45 9.31
N LYS C 90 1.64 23.32 9.87
CA LYS C 90 0.47 24.07 9.44
C LYS C 90 0.40 25.41 10.17
N LEU C 91 -0.20 26.40 9.51
CA LEU C 91 -0.31 27.76 10.05
C LEU C 91 -1.70 28.07 10.59
N THR C 92 -2.42 27.05 11.04
CA THR C 92 -3.72 27.26 11.67
C THR C 92 -3.68 28.19 12.90
N PRO C 93 -2.70 28.12 13.82
CA PRO C 93 -2.64 29.18 14.85
C PRO C 93 -2.34 30.58 14.32
N LEU C 94 -1.84 30.70 13.09
CA LEU C 94 -1.54 32.03 12.55
C LEU C 94 -2.80 32.78 12.13
N CYS C 95 -3.96 32.13 12.12
CA CYS C 95 -5.23 32.77 11.78
C CYS C 95 -5.71 33.59 12.98
N VAL C 96 -5.14 34.77 13.14
CA VAL C 96 -5.39 35.65 14.27
C VAL C 96 -5.49 37.08 13.76
N THR C 97 -6.00 37.97 14.62
CA THR C 97 -6.10 39.38 14.26
C THR C 97 -4.73 40.00 14.09
N LEU C 98 -4.53 40.66 12.94
CA LEU C 98 -3.26 41.28 12.60
C LEU C 98 -3.42 42.79 12.63
N ASN C 99 -2.55 43.47 13.38
CA ASN C 99 -2.52 44.92 13.42
C ASN C 99 -1.52 45.37 12.35
N CYS C 100 -2.03 45.84 11.23
CA CYS C 100 -1.20 46.13 10.07
C CYS C 100 -1.09 47.63 9.83
N THR C 101 0.10 48.06 9.42
CA THR C 101 0.40 49.45 9.15
C THR C 101 1.27 49.51 7.90
N ASN C 102 1.56 50.73 7.45
CA ASN C 102 2.39 50.93 6.27
C ASN C 102 3.83 50.53 6.56
N VAL C 103 4.52 50.09 5.51
CA VAL C 103 5.92 49.69 5.61
C VAL C 103 6.80 50.92 5.41
N THR C 104 7.69 51.16 6.37
CA THR C 104 8.62 52.28 6.27
C THR C 104 9.61 52.06 5.13
N SER C 105 10.05 53.16 4.53
CA SER C 105 10.99 53.10 3.41
C SER C 105 12.39 52.72 3.89
N VAL C 129 9.10 56.75 0.94
CA VAL C 129 8.21 56.24 -0.08
C VAL C 129 7.43 55.04 0.47
N ILE C 130 6.20 54.87 0.00
CA ILE C 130 5.36 53.75 0.43
C ILE C 130 5.49 52.62 -0.59
N ASN C 131 5.70 51.40 -0.08
CA ASN C 131 5.83 50.24 -0.95
C ASN C 131 4.54 49.96 -1.71
N GLU C 132 3.39 50.11 -1.05
CA GLU C 132 2.04 49.87 -1.56
C GLU C 132 1.84 48.42 -2.03
N ASP C 133 2.69 47.50 -1.56
CA ASP C 133 2.53 46.09 -1.87
C ASP C 133 2.68 45.19 -0.65
N MET C 134 3.31 45.68 0.42
CA MET C 134 3.44 44.94 1.67
C MET C 134 2.96 45.81 2.82
N LYS C 135 2.55 45.14 3.89
CA LYS C 135 2.12 45.80 5.12
C LYS C 135 2.84 45.18 6.30
N ASN C 136 3.21 46.02 7.26
CA ASN C 136 3.87 45.59 8.49
C ASN C 136 2.80 45.21 9.49
N CYS C 137 2.63 43.91 9.73
CA CYS C 137 1.57 43.40 10.58
C CYS C 137 2.17 42.79 11.85
N SER C 138 1.68 43.24 12.99
CA SER C 138 2.05 42.70 14.29
C SER C 138 0.91 41.83 14.81
N PHE C 139 1.26 40.73 15.46
CA PHE C 139 0.28 39.78 15.96
C PHE C 139 0.82 39.10 17.21
N ASN C 140 -0.10 38.60 18.03
CA ASN C 140 0.25 37.86 19.22
C ASN C 140 0.37 36.38 18.88
N ALA C 141 1.55 35.82 19.12
CA ALA C 141 1.83 34.41 18.86
C ALA C 141 2.22 33.74 20.17
N THR C 142 1.71 32.53 20.37
CA THR C 142 2.04 31.78 21.58
C THR C 142 3.49 31.33 21.55
N THR C 143 4.11 31.31 22.73
CA THR C 143 5.52 30.93 22.87
C THR C 143 5.58 29.40 22.92
N GLU C 144 6.72 28.84 23.34
CA GLU C 144 6.83 27.39 23.51
C GLU C 144 5.89 26.85 24.58
N ILE C 145 5.40 27.70 25.47
CA ILE C 145 4.37 27.36 26.43
C ILE C 145 3.07 28.03 25.98
N ARG C 146 1.98 27.27 25.97
CA ARG C 146 0.72 27.82 25.48
C ARG C 146 -0.08 28.51 26.58
N ASP C 147 0.58 29.39 27.32
CA ASP C 147 -0.09 30.23 28.30
C ASP C 147 0.36 31.69 28.25
N ARG C 148 1.46 32.01 27.59
CA ARG C 148 1.91 33.38 27.38
C ARG C 148 2.04 33.62 25.88
N LYS C 149 1.74 34.86 25.46
CA LYS C 149 1.77 35.22 24.05
C LYS C 149 2.65 36.45 23.87
N LYS C 150 3.55 36.39 22.90
CA LYS C 150 4.46 37.48 22.59
C LYS C 150 4.01 38.20 21.33
N GLU C 151 4.21 39.51 21.31
CA GLU C 151 3.78 40.35 20.19
C GLU C 151 4.89 40.39 19.16
N MET C 152 4.79 39.52 18.15
CA MET C 152 5.75 39.49 17.05
C MET C 152 5.23 40.33 15.89
N TYR C 153 6.06 40.47 14.86
CA TYR C 153 5.68 41.24 13.69
C TYR C 153 6.33 40.64 12.45
N ALA C 154 5.71 40.88 11.30
CA ALA C 154 6.23 40.40 10.03
C ALA C 154 5.67 41.25 8.91
N LEU C 155 6.33 41.18 7.75
CA LEU C 155 5.89 41.88 6.55
C LEU C 155 5.08 40.92 5.68
N PHE C 156 3.83 41.28 5.40
CA PHE C 156 2.94 40.43 4.64
C PHE C 156 2.47 41.15 3.39
N TYR C 157 2.43 40.43 2.27
CA TYR C 157 1.92 41.00 1.02
C TYR C 157 0.44 41.31 1.13
N LYS C 158 0.02 42.40 0.49
CA LYS C 158 -1.37 42.83 0.55
C LYS C 158 -2.32 41.87 -0.16
N LEU C 159 -1.81 41.04 -1.06
CA LEU C 159 -2.62 40.01 -1.70
C LEU C 159 -2.89 38.82 -0.80
N ASP C 160 -2.21 38.74 0.35
CA ASP C 160 -2.38 37.63 1.27
C ASP C 160 -3.20 37.99 2.50
N ILE C 161 -3.51 39.26 2.71
CA ILE C 161 -4.26 39.71 3.88
C ILE C 161 -5.55 40.37 3.41
N VAL C 162 -6.68 39.88 3.92
CA VAL C 162 -7.98 40.50 3.69
C VAL C 162 -8.33 41.33 4.94
N PRO C 163 -8.79 42.56 4.77
CA PRO C 163 -9.18 43.36 5.94
C PRO C 163 -10.42 42.78 6.61
N LEU C 164 -10.42 42.81 7.94
CA LEU C 164 -11.58 42.41 8.71
C LEU C 164 -12.71 43.41 8.53
N ASP C 165 -13.94 42.91 8.66
CA ASP C 165 -15.19 43.66 8.43
C ASP C 165 -15.22 44.21 7.01
N GLY C 166 -14.83 45.47 6.84
CA GLY C 166 -14.77 46.07 5.52
C GLY C 166 -15.43 47.43 5.45
N GLU C 167 -15.80 47.98 6.62
CA GLU C 167 -16.47 49.27 6.66
C GLU C 167 -15.76 50.29 7.52
N LYS C 168 -14.56 49.98 8.01
CA LYS C 168 -13.84 50.90 8.89
C LYS C 168 -12.34 50.78 8.65
N SER C 169 -11.62 51.86 8.94
CA SER C 169 -10.17 51.88 8.84
C SER C 169 -9.52 51.53 10.18
N ASP C 170 -9.89 50.37 10.72
CA ASP C 170 -9.39 49.93 12.02
C ASP C 170 -8.00 49.31 11.96
N ASN C 171 -7.43 49.16 10.77
CA ASN C 171 -6.12 48.55 10.54
C ASN C 171 -6.03 47.12 11.09
N ARG C 172 -7.15 46.39 11.04
CA ARG C 172 -7.21 45.01 11.46
C ARG C 172 -7.43 44.12 10.25
N TYR C 173 -6.51 43.19 10.02
CA TYR C 173 -6.51 42.33 8.86
C TYR C 173 -6.45 40.88 9.32
N ARG C 174 -6.53 39.96 8.36
CA ARG C 174 -6.36 38.54 8.63
C ARG C 174 -5.86 37.88 7.36
N LEU C 175 -5.40 36.63 7.49
CA LEU C 175 -4.97 35.88 6.32
C LEU C 175 -6.15 35.58 5.42
N ILE C 176 -5.84 35.41 4.12
CA ILE C 176 -6.89 35.40 3.10
C ILE C 176 -7.77 34.14 3.23
N ASN C 177 -7.17 32.97 3.39
CA ASN C 177 -7.92 31.73 3.58
C ASN C 177 -7.91 31.29 5.04
N CYS C 178 -8.51 32.12 5.89
CA CYS C 178 -8.79 31.74 7.27
C CYS C 178 -10.21 31.21 7.44
N ASN C 179 -10.97 31.11 6.36
CA ASN C 179 -12.38 30.76 6.42
C ASN C 179 -12.80 29.78 5.32
N THR C 180 -11.86 29.26 4.54
CA THR C 180 -12.17 28.30 3.49
C THR C 180 -11.50 26.95 3.73
N SER C 181 -10.20 26.92 3.98
CA SER C 181 -9.48 25.67 4.18
C SER C 181 -8.33 25.93 5.14
N THR C 182 -7.40 24.98 5.21
CA THR C 182 -6.24 25.08 6.08
C THR C 182 -5.00 25.37 5.25
N ILE C 183 -4.00 25.97 5.88
CA ILE C 183 -2.73 26.30 5.23
C ILE C 183 -1.65 25.45 5.87
N THR C 184 -0.84 24.80 5.05
CA THR C 184 0.36 24.11 5.52
C THR C 184 1.57 24.79 4.89
N GLN C 185 2.34 25.48 5.73
CA GLN C 185 3.50 26.22 5.25
C GLN C 185 4.57 25.29 4.71
N ALA C 186 5.19 25.69 3.60
CA ALA C 186 6.19 24.88 2.93
C ALA C 186 7.40 24.68 3.82
N CYS C 187 7.90 23.44 3.82
CA CYS C 187 8.94 23.05 4.76
C CYS C 187 10.22 23.85 4.47
N PRO C 188 11.02 24.17 5.49
CA PRO C 188 12.08 25.19 5.31
C PRO C 188 13.15 24.82 4.28
N LYS C 189 13.30 23.55 3.96
CA LYS C 189 14.34 23.10 3.03
C LYS C 189 13.80 22.94 1.60
N VAL C 190 12.48 23.00 1.39
CA VAL C 190 11.87 22.54 0.15
C VAL C 190 12.27 23.46 -1.01
N SER C 191 12.30 22.89 -2.22
CA SER C 191 12.71 23.61 -3.43
C SER C 191 11.73 23.30 -4.54
N PHE C 192 11.57 24.26 -5.46
CA PHE C 192 10.62 24.16 -6.56
C PHE C 192 11.30 24.02 -7.92
N ASP C 193 12.55 23.58 -7.95
CA ASP C 193 13.28 23.44 -9.20
C ASP C 193 12.77 22.22 -9.96
N PRO C 194 12.24 22.37 -11.17
CA PRO C 194 11.77 21.20 -11.92
C PRO C 194 12.94 20.35 -12.43
N ILE C 195 12.68 19.05 -12.50
CA ILE C 195 13.65 18.09 -13.03
C ILE C 195 12.94 17.28 -14.11
N PRO C 196 13.66 16.77 -15.12
CA PRO C 196 13.00 15.95 -16.15
C PRO C 196 12.43 14.66 -15.58
N ILE C 197 11.25 14.30 -16.06
CA ILE C 197 10.55 13.08 -15.63
C ILE C 197 10.29 12.24 -16.87
N HIS C 198 10.85 11.04 -16.90
CA HIS C 198 10.71 10.14 -18.05
C HIS C 198 9.59 9.15 -17.73
N TYR C 199 8.42 9.39 -18.30
CA TYR C 199 7.32 8.45 -18.16
C TYR C 199 7.59 7.19 -18.97
N CYS C 200 7.66 6.05 -18.27
CA CYS C 200 7.97 4.78 -18.89
C CYS C 200 6.77 3.86 -18.84
N THR C 201 6.59 3.13 -19.89
CA THR C 201 5.48 2.21 -20.09
C THR C 201 5.90 0.79 -19.69
N PRO C 202 4.98 -0.02 -19.19
CA PRO C 202 5.36 -1.36 -18.69
C PRO C 202 5.67 -2.34 -19.81
N ALA C 203 5.96 -3.57 -19.38
CA ALA C 203 6.13 -4.67 -20.31
C ALA C 203 4.79 -5.02 -20.96
N GLY C 204 4.85 -5.43 -22.22
CA GLY C 204 3.66 -5.67 -23.00
C GLY C 204 3.03 -4.42 -23.58
N PHE C 205 3.61 -3.24 -23.34
CA PHE C 205 3.13 -1.99 -23.87
C PHE C 205 4.33 -1.18 -24.35
N ALA C 206 4.10 -0.31 -25.32
CA ALA C 206 5.15 0.54 -25.86
C ALA C 206 4.64 1.97 -25.98
N ILE C 207 5.55 2.90 -26.28
CA ILE C 207 5.17 4.28 -26.53
C ILE C 207 5.52 4.61 -27.98
N LEU C 208 4.55 5.12 -28.72
CA LEU C 208 4.77 5.57 -30.09
C LEU C 208 4.94 7.07 -30.11
N LYS C 209 6.03 7.53 -30.72
CA LYS C 209 6.37 8.94 -30.84
C LYS C 209 6.30 9.32 -32.31
N CYS C 210 5.60 10.40 -32.61
CA CYS C 210 5.42 10.89 -33.99
C CYS C 210 6.55 11.86 -34.30
N ASN C 211 7.47 11.44 -35.17
CA ASN C 211 8.63 12.23 -35.54
C ASN C 211 8.34 13.23 -36.66
N ASN C 212 7.11 13.26 -37.17
CA ASN C 212 6.69 14.22 -38.19
C ASN C 212 6.84 15.63 -37.62
N LYS C 213 7.71 16.44 -38.24
CA LYS C 213 8.02 17.76 -37.73
C LYS C 213 6.91 18.77 -37.99
N THR C 214 6.05 18.50 -38.97
CA THR C 214 4.96 19.38 -39.36
C THR C 214 3.70 19.08 -38.54
N PHE C 215 3.73 17.99 -37.76
CA PHE C 215 2.53 17.40 -37.16
C PHE C 215 1.79 18.37 -36.26
N ASN C 216 0.47 18.46 -36.47
CA ASN C 216 -0.36 19.50 -35.90
C ASN C 216 -1.12 19.03 -34.65
N GLY C 217 -0.77 17.88 -34.11
CA GLY C 217 -1.33 17.39 -32.87
C GLY C 217 -2.31 16.25 -33.01
N THR C 218 -2.90 16.06 -34.18
CA THR C 218 -3.88 14.99 -34.37
C THR C 218 -3.85 14.54 -35.82
N GLY C 219 -4.35 13.33 -36.04
CA GLY C 219 -4.44 12.79 -37.39
C GLY C 219 -3.33 11.79 -37.70
N PRO C 220 -3.07 11.59 -38.99
CA PRO C 220 -2.08 10.60 -39.39
C PRO C 220 -0.65 11.06 -39.16
N CYS C 221 0.23 10.08 -39.02
CA CYS C 221 1.67 10.32 -38.87
C CYS C 221 2.39 9.19 -39.59
N ASN C 222 3.18 9.53 -40.61
CA ASN C 222 3.84 8.55 -41.46
C ASN C 222 5.22 8.16 -40.97
N ASN C 223 5.77 8.84 -39.98
CA ASN C 223 7.08 8.53 -39.41
C ASN C 223 6.89 8.43 -37.89
N VAL C 224 6.67 7.21 -37.41
CA VAL C 224 6.38 6.95 -36.00
C VAL C 224 7.38 5.93 -35.50
N SER C 225 7.98 6.18 -34.34
CA SER C 225 9.00 5.33 -33.76
C SER C 225 8.55 4.80 -32.40
N THR C 226 9.00 3.59 -32.06
CA THR C 226 8.67 3.02 -30.76
C THR C 226 9.79 3.27 -29.75
N VAL C 227 9.39 3.66 -28.54
CA VAL C 227 10.31 4.02 -27.46
C VAL C 227 9.77 3.36 -26.19
N GLN C 228 10.66 3.19 -25.21
CA GLN C 228 10.36 2.69 -23.87
C GLN C 228 9.96 3.79 -22.90
N CYS C 229 10.58 4.96 -22.98
CA CYS C 229 10.35 6.06 -22.04
C CYS C 229 10.31 7.38 -22.81
N THR C 230 9.75 8.40 -22.18
CA THR C 230 9.62 9.71 -22.82
C THR C 230 10.94 10.47 -22.75
N HIS C 231 10.90 11.75 -23.11
CA HIS C 231 12.11 12.56 -23.27
C HIS C 231 12.43 13.37 -22.01
N GLY C 232 11.89 12.99 -20.86
CA GLY C 232 12.14 13.73 -19.64
C GLY C 232 11.44 15.08 -19.60
N ILE C 233 10.11 15.04 -19.50
CA ILE C 233 9.31 16.26 -19.53
C ILE C 233 9.45 16.99 -18.20
N LYS C 234 9.83 18.26 -18.26
CA LYS C 234 9.91 19.09 -17.07
C LYS C 234 8.51 19.55 -16.67
N PRO C 235 8.09 19.33 -15.42
CA PRO C 235 6.74 19.76 -14.99
C PRO C 235 6.68 21.23 -14.58
N VAL C 236 6.80 22.09 -15.58
CA VAL C 236 6.78 23.54 -15.35
C VAL C 236 5.33 24.00 -15.22
N VAL C 237 5.02 24.67 -14.12
CA VAL C 237 3.69 25.19 -13.87
C VAL C 237 3.64 26.65 -14.31
N SER C 238 2.81 26.95 -15.30
CA SER C 238 2.72 28.30 -15.83
C SER C 238 1.35 28.50 -16.47
N THR C 239 0.92 29.76 -16.51
CA THR C 239 -0.33 30.17 -17.14
C THR C 239 -0.04 31.23 -18.19
N GLN C 240 -0.75 31.12 -19.33
CA GLN C 240 -0.71 32.01 -20.50
C GLN C 240 0.58 31.88 -21.30
N LEU C 241 1.56 31.13 -20.79
CA LEU C 241 2.86 31.02 -21.44
C LEU C 241 3.43 29.66 -21.13
N LEU C 242 4.35 29.21 -21.97
CA LEU C 242 5.00 27.91 -21.84
C LEU C 242 6.49 28.15 -21.57
N LEU C 243 6.93 27.77 -20.37
CA LEU C 243 8.30 28.02 -19.93
C LEU C 243 9.10 26.72 -19.97
N ASN C 244 10.29 26.80 -20.55
CA ASN C 244 11.27 25.70 -20.59
C ASN C 244 10.69 24.45 -21.23
N GLY C 245 9.98 24.65 -22.34
CA GLY C 245 9.40 23.53 -23.07
C GLY C 245 10.16 23.17 -24.32
N SER C 246 9.83 22.03 -24.90
CA SER C 246 10.46 21.62 -26.15
C SER C 246 10.00 22.52 -27.30
N LEU C 247 10.93 22.86 -28.19
CA LEU C 247 10.63 23.74 -29.29
C LEU C 247 10.12 22.93 -30.49
N ALA C 248 9.61 23.65 -31.49
CA ALA C 248 9.20 23.05 -32.74
C ALA C 248 10.45 22.87 -33.63
N GLU C 249 10.25 22.35 -34.84
CA GLU C 249 11.37 22.05 -35.72
C GLU C 249 11.36 22.86 -37.00
N GLU C 250 10.22 22.94 -37.69
CA GLU C 250 10.16 23.67 -38.96
C GLU C 250 9.54 25.05 -38.80
N ASP C 251 8.30 25.12 -38.32
CA ASP C 251 7.56 26.39 -38.26
C ASP C 251 6.70 26.38 -37.01
N ILE C 252 5.86 27.43 -36.88
CA ILE C 252 4.91 27.50 -35.79
C ILE C 252 3.78 26.50 -36.03
N ILE C 253 3.45 25.74 -35.01
CA ILE C 253 2.43 24.70 -35.09
C ILE C 253 1.28 25.10 -34.18
N ILE C 254 0.13 25.39 -34.78
CA ILE C 254 -1.07 25.74 -34.03
C ILE C 254 -1.87 24.46 -33.79
N ARG C 255 -2.23 24.22 -32.54
CA ARG C 255 -2.91 23.00 -32.14
C ARG C 255 -4.19 23.35 -31.40
N SER C 256 -5.30 22.75 -31.82
CA SER C 256 -6.59 22.98 -31.20
C SER C 256 -7.46 21.75 -31.43
N GLU C 257 -8.28 21.41 -30.44
CA GLU C 257 -9.20 20.29 -30.61
C GLU C 257 -10.27 20.61 -31.65
N ASN C 258 -10.77 21.84 -31.65
CA ASN C 258 -11.81 22.25 -32.59
C ASN C 258 -11.72 23.77 -32.73
N LEU C 259 -11.19 24.23 -33.87
CA LEU C 259 -10.91 25.66 -34.04
C LEU C 259 -12.18 26.48 -34.12
N THR C 260 -13.23 25.94 -34.75
CA THR C 260 -14.46 26.70 -34.88
C THR C 260 -15.21 26.79 -33.55
N ASN C 261 -14.86 25.96 -32.58
CA ASN C 261 -15.35 26.10 -31.21
C ASN C 261 -14.47 27.10 -30.48
N ASN C 262 -15.09 28.09 -29.84
CA ASN C 262 -14.35 29.12 -29.13
C ASN C 262 -13.96 28.73 -27.72
N ALA C 263 -14.48 27.61 -27.21
CA ALA C 263 -14.14 27.18 -25.86
C ALA C 263 -12.81 26.45 -25.80
N LYS C 264 -12.38 25.86 -26.92
CA LYS C 264 -11.11 25.13 -26.93
C LYS C 264 -9.93 26.10 -26.89
N THR C 265 -8.90 25.72 -26.16
CA THR C 265 -7.72 26.55 -25.98
C THR C 265 -6.68 26.20 -27.03
N ILE C 266 -6.29 27.19 -27.82
CA ILE C 266 -5.25 27.01 -28.83
C ILE C 266 -3.89 26.97 -28.14
N ILE C 267 -3.10 25.96 -28.46
CA ILE C 267 -1.76 25.80 -27.92
C ILE C 267 -0.79 26.10 -29.07
N VAL C 268 -0.36 27.36 -29.15
CA VAL C 268 0.61 27.75 -30.17
C VAL C 268 1.98 27.20 -29.77
N HIS C 269 2.65 26.55 -30.70
CA HIS C 269 3.97 25.96 -30.48
C HIS C 269 5.00 26.73 -31.30
N LEU C 270 5.85 27.49 -30.60
CA LEU C 270 6.86 28.28 -31.27
C LEU C 270 8.04 27.40 -31.69
N ASN C 271 8.76 27.88 -32.72
CA ASN C 271 9.98 27.21 -33.16
C ASN C 271 11.24 27.91 -32.69
N GLU C 272 11.14 29.17 -32.27
CA GLU C 272 12.27 29.92 -31.73
C GLU C 272 11.84 30.46 -30.36
N SER C 273 12.40 29.88 -29.30
CA SER C 273 12.07 30.30 -27.95
C SER C 273 12.64 31.69 -27.69
N VAL C 274 11.90 32.49 -26.92
CA VAL C 274 12.28 33.87 -26.63
C VAL C 274 12.73 33.95 -25.18
N GLU C 275 13.89 34.57 -24.96
CA GLU C 275 14.43 34.68 -23.61
C GLU C 275 13.67 35.74 -22.81
N ILE C 276 13.22 35.37 -21.62
CA ILE C 276 12.56 36.28 -20.69
C ILE C 276 13.32 36.24 -19.37
N VAL C 277 13.73 37.42 -18.89
CA VAL C 277 14.51 37.55 -17.66
C VAL C 277 13.64 38.22 -16.62
N CYS C 278 13.42 37.54 -15.50
CA CYS C 278 12.58 38.04 -14.43
C CYS C 278 13.41 38.19 -13.16
N THR C 279 13.07 39.20 -12.36
CA THR C 279 13.88 39.52 -11.19
C THR C 279 13.02 40.15 -10.11
N ARG C 280 13.52 40.04 -8.88
CA ARG C 280 13.00 40.76 -7.72
C ARG C 280 14.19 41.50 -7.12
N PRO C 281 14.41 42.76 -7.51
CA PRO C 281 15.63 43.46 -7.10
C PRO C 281 15.69 43.80 -5.62
N ASN C 282 14.56 43.70 -4.90
CA ASN C 282 14.56 44.01 -3.47
C ASN C 282 15.31 42.93 -2.68
N ASN C 283 16.10 43.37 -1.72
CA ASN C 283 16.82 42.49 -0.80
C ASN C 283 16.00 42.39 0.47
N MET C 284 15.65 41.16 0.86
CA MET C 284 14.69 40.95 1.93
C MET C 284 15.30 40.04 3.00
N THR C 285 14.92 40.28 4.24
CA THR C 285 15.47 39.57 5.40
C THR C 285 14.49 38.52 5.90
N ARG C 286 15.02 37.42 6.42
CA ARG C 286 14.23 36.31 6.93
C ARG C 286 14.41 36.18 8.43
N LYS C 287 13.29 36.01 9.14
CA LYS C 287 13.30 35.87 10.60
C LYS C 287 12.38 34.74 11.01
N SER C 288 12.83 33.92 11.95
CA SER C 288 12.03 32.82 12.47
C SER C 288 11.07 33.32 13.55
N ILE C 289 9.81 32.91 13.44
CA ILE C 289 8.77 33.30 14.38
C ILE C 289 8.14 32.03 14.95
N ARG C 290 8.03 31.97 16.27
CA ARG C 290 7.43 30.83 16.95
C ARG C 290 5.94 31.07 17.10
N ILE C 291 5.13 30.22 16.45
CA ILE C 291 3.67 30.34 16.54
C ILE C 291 3.06 29.38 17.55
N GLY C 292 3.84 28.45 18.10
CA GLY C 292 3.33 27.50 19.05
C GLY C 292 4.39 26.55 19.55
N PRO C 293 4.01 25.63 20.44
CA PRO C 293 4.97 24.63 20.93
C PRO C 293 5.36 23.64 19.86
N GLY C 294 6.60 23.70 19.41
CA GLY C 294 7.08 22.83 18.37
C GLY C 294 6.73 23.26 16.96
N GLN C 295 6.10 24.42 16.80
CA GLN C 295 5.72 24.93 15.49
C GLN C 295 6.40 26.28 15.27
N THR C 296 7.16 26.39 14.19
CA THR C 296 7.85 27.63 13.85
C THR C 296 7.87 27.78 12.34
N PHE C 297 7.79 29.02 11.87
CA PHE C 297 7.78 29.30 10.45
C PHE C 297 8.64 30.53 10.17
N TYR C 298 9.13 30.63 8.94
CA TYR C 298 9.97 31.75 8.53
C TYR C 298 9.11 32.83 7.89
N ALA C 299 9.41 34.08 8.22
CA ALA C 299 8.61 35.21 7.74
C ALA C 299 9.53 36.35 7.36
N LEU C 300 9.01 37.25 6.52
CA LEU C 300 9.77 38.41 6.10
C LEU C 300 9.90 39.41 7.24
N ASN C 301 11.07 40.03 7.34
CA ASN C 301 11.38 40.94 8.44
C ASN C 301 11.63 42.37 7.98
N ASP C 302 12.55 42.57 7.03
CA ASP C 302 12.95 43.91 6.64
C ASP C 302 13.37 43.93 5.19
N ILE C 303 13.39 45.12 4.61
CA ILE C 303 13.82 45.35 3.23
C ILE C 303 15.07 46.21 3.28
N ILE C 304 16.19 45.65 2.83
CA ILE C 304 17.47 46.35 2.85
C ILE C 304 17.68 47.04 1.51
N GLY C 305 17.94 48.34 1.56
CA GLY C 305 18.16 49.11 0.35
C GLY C 305 16.91 49.78 -0.16
N ASP C 306 17.00 50.23 -1.41
CA ASP C 306 15.88 50.93 -2.04
C ASP C 306 14.79 49.93 -2.43
N ILE C 307 13.62 50.47 -2.76
CA ILE C 307 12.45 49.68 -3.12
C ILE C 307 12.22 49.82 -4.62
N ARG C 308 12.34 48.71 -5.35
CA ARG C 308 12.03 48.66 -6.77
C ARG C 308 11.04 47.54 -7.03
N GLN C 309 10.08 47.81 -7.91
CA GLN C 309 9.05 46.83 -8.22
C GLN C 309 9.63 45.69 -9.06
N ALA C 310 9.27 44.46 -8.70
CA ALA C 310 9.69 43.30 -9.47
C ALA C 310 9.05 43.31 -10.84
N HIS C 311 9.82 42.93 -11.85
CA HIS C 311 9.38 43.04 -13.24
C HIS C 311 10.12 42.03 -14.10
N CYS C 312 9.60 41.81 -15.30
CA CYS C 312 10.20 40.94 -16.28
C CYS C 312 10.50 41.72 -17.56
N ASN C 313 11.57 41.33 -18.25
CA ASN C 313 12.01 41.97 -19.47
C ASN C 313 11.96 40.99 -20.63
N ILE C 314 11.28 41.39 -21.70
CA ILE C 314 11.20 40.61 -22.93
C ILE C 314 11.61 41.53 -24.08
N SER C 315 12.48 41.03 -24.96
CA SER C 315 12.96 41.84 -26.08
C SER C 315 11.80 42.20 -27.00
N GLU C 316 11.75 43.49 -27.38
CA GLU C 316 10.63 43.98 -28.18
C GLU C 316 10.66 43.40 -29.59
N GLU C 317 11.85 43.32 -30.20
CA GLU C 317 11.94 42.82 -31.56
C GLU C 317 11.63 41.33 -31.65
N LYS C 318 12.12 40.53 -30.69
CA LYS C 318 11.83 39.10 -30.70
C LYS C 318 10.34 38.83 -30.49
N TRP C 319 9.70 39.60 -29.61
CA TRP C 319 8.26 39.46 -29.41
C TRP C 319 7.49 39.94 -30.64
N ASN C 320 8.01 40.95 -31.34
CA ASN C 320 7.40 41.38 -32.59
C ASN C 320 7.48 40.28 -33.65
N ASN C 321 8.63 39.58 -33.70
CA ASN C 321 8.79 38.44 -34.59
C ASN C 321 7.79 37.33 -34.26
N THR C 322 7.66 37.01 -32.97
CA THR C 322 6.76 35.94 -32.53
C THR C 322 5.30 36.29 -32.83
N LEU C 323 4.90 37.53 -32.54
CA LEU C 323 3.53 37.95 -32.78
C LEU C 323 3.21 38.00 -34.28
N HIS C 324 4.17 38.44 -35.09
CA HIS C 324 3.95 38.48 -36.54
C HIS C 324 3.78 37.07 -37.11
N ARG C 325 4.64 36.14 -36.68
CA ARG C 325 4.54 34.76 -37.17
C ARG C 325 3.25 34.09 -36.68
N VAL C 326 2.86 34.35 -35.42
CA VAL C 326 1.63 33.80 -34.88
C VAL C 326 0.42 34.35 -35.64
N TRP C 327 0.44 35.64 -35.96
CA TRP C 327 -0.66 36.23 -36.72
C TRP C 327 -0.73 35.66 -38.14
N LYS C 328 0.43 35.40 -38.76
CA LYS C 328 0.43 34.80 -40.09
C LYS C 328 -0.15 33.40 -40.07
N LYS C 329 0.21 32.59 -39.06
CA LYS C 329 -0.35 31.25 -38.96
C LYS C 329 -1.84 31.28 -38.64
N LEU C 330 -2.27 32.24 -37.80
CA LEU C 330 -3.69 32.35 -37.48
C LEU C 330 -4.49 32.89 -38.66
N VAL C 331 -3.85 33.66 -39.53
CA VAL C 331 -4.50 34.06 -40.79
C VAL C 331 -4.64 32.87 -41.71
N GLU C 332 -3.62 32.01 -41.74
CA GLU C 332 -3.70 30.78 -42.53
C GLU C 332 -4.80 29.86 -42.02
N HIS C 333 -4.98 29.76 -40.71
CA HIS C 333 -6.01 28.91 -40.15
C HIS C 333 -7.39 29.56 -40.10
N PHE C 334 -7.49 30.88 -40.27
CA PHE C 334 -8.76 31.59 -40.24
C PHE C 334 -8.85 32.50 -41.46
N PRO C 335 -9.32 31.98 -42.59
CA PRO C 335 -9.45 32.80 -43.79
C PRO C 335 -10.61 33.79 -43.67
N ASN C 336 -10.58 34.79 -44.55
CA ASN C 336 -11.58 35.84 -44.74
C ASN C 336 -11.72 36.78 -43.54
N LYS C 337 -10.84 36.71 -42.55
CA LYS C 337 -10.87 37.61 -41.41
C LYS C 337 -9.89 38.75 -41.68
N THR C 338 -10.42 39.97 -41.82
CA THR C 338 -9.58 41.10 -42.19
C THR C 338 -8.66 41.52 -41.04
N THR C 339 -9.20 41.65 -39.83
CA THR C 339 -8.45 42.14 -38.67
C THR C 339 -8.36 41.07 -37.60
N ILE C 340 -7.19 40.94 -37.00
CA ILE C 340 -6.95 40.06 -35.87
C ILE C 340 -6.32 40.90 -34.76
N ARG C 341 -6.96 40.93 -33.60
CA ARG C 341 -6.52 41.76 -32.48
C ARG C 341 -6.02 40.87 -31.35
N PHE C 342 -4.85 41.20 -30.82
CA PHE C 342 -4.34 40.58 -29.60
C PHE C 342 -4.52 41.58 -28.47
N ASP C 343 -5.44 41.26 -27.56
CA ASP C 343 -5.77 42.08 -26.41
C ASP C 343 -5.46 41.32 -25.13
N ARG C 344 -5.69 41.98 -24.00
CA ARG C 344 -5.40 41.38 -22.70
C ARG C 344 -6.49 40.37 -22.32
N HIS C 345 -6.32 39.78 -21.15
CA HIS C 345 -7.31 38.83 -20.64
C HIS C 345 -8.57 39.56 -20.23
N SER C 346 -9.69 38.82 -20.21
CA SER C 346 -10.99 39.43 -19.91
C SER C 346 -11.08 39.86 -18.46
N GLY C 347 -10.98 38.91 -17.54
CA GLY C 347 -11.08 39.22 -16.14
C GLY C 347 -11.18 37.97 -15.29
N GLY C 348 -11.21 38.18 -13.98
CA GLY C 348 -11.27 37.09 -13.03
C GLY C 348 -10.26 37.24 -11.90
N ASP C 349 -9.89 36.14 -11.27
CA ASP C 349 -8.91 36.19 -10.20
C ASP C 349 -7.51 36.40 -10.76
N LEU C 350 -6.57 36.77 -9.87
CA LEU C 350 -5.21 37.10 -10.27
C LEU C 350 -4.45 35.88 -10.81
N GLU C 351 -4.85 34.68 -10.43
CA GLU C 351 -4.15 33.47 -10.87
C GLU C 351 -4.37 33.15 -12.34
N ILE C 352 -5.38 33.74 -12.98
CA ILE C 352 -5.69 33.43 -14.37
C ILE C 352 -5.47 34.66 -15.23
N THR C 353 -5.68 35.85 -14.66
CA THR C 353 -5.53 37.09 -15.42
C THR C 353 -4.08 37.46 -15.68
N THR C 354 -3.13 36.89 -14.93
CA THR C 354 -1.73 37.24 -15.06
C THR C 354 -0.91 35.99 -15.34
N HIS C 355 0.27 36.20 -15.94
CA HIS C 355 1.24 35.13 -16.13
C HIS C 355 1.78 34.70 -14.78
N SER C 356 1.39 33.52 -14.33
CA SER C 356 1.76 33.00 -13.02
C SER C 356 2.82 31.94 -13.18
N PHE C 357 3.95 32.10 -12.49
CA PHE C 357 5.04 31.13 -12.57
C PHE C 357 5.81 31.19 -11.25
N ASN C 358 6.93 30.48 -11.20
CA ASN C 358 7.74 30.40 -9.98
C ASN C 358 9.20 30.59 -10.41
N CYS C 359 9.84 31.62 -9.88
CA CYS C 359 11.24 31.91 -10.11
C CYS C 359 11.98 31.85 -8.78
N GLY C 360 12.93 30.92 -8.68
CA GLY C 360 13.80 30.80 -7.52
C GLY C 360 13.09 30.54 -6.21
N GLY C 361 12.01 29.77 -6.25
CA GLY C 361 11.21 29.53 -5.06
C GLY C 361 10.22 30.60 -4.73
N GLU C 362 10.10 31.65 -5.54
CA GLU C 362 9.15 32.73 -5.30
C GLU C 362 8.12 32.77 -6.41
N PHE C 363 6.86 32.89 -6.05
CA PHE C 363 5.77 32.86 -7.00
C PHE C 363 5.53 34.25 -7.56
N PHE C 364 5.54 34.37 -8.89
CA PHE C 364 5.39 35.64 -9.59
C PHE C 364 4.10 35.64 -10.39
N TYR C 365 3.40 36.77 -10.36
CA TYR C 365 2.18 37.01 -11.12
C TYR C 365 2.39 38.29 -11.91
N CYS C 366 2.60 38.16 -13.22
CA CYS C 366 3.05 39.26 -14.07
C CYS C 366 1.94 39.70 -15.02
N ASN C 367 1.68 41.00 -15.04
CA ASN C 367 0.69 41.58 -15.93
C ASN C 367 1.16 41.49 -17.38
N THR C 368 0.30 40.97 -18.25
CA THR C 368 0.63 40.78 -19.65
C THR C 368 -0.14 41.70 -20.58
N SER C 369 -0.54 42.88 -20.10
CA SER C 369 -1.25 43.82 -20.97
C SER C 369 -0.32 44.43 -22.01
N GLY C 370 0.96 44.59 -21.68
CA GLY C 370 1.91 45.16 -22.62
C GLY C 370 2.33 44.20 -23.72
N LEU C 371 2.18 42.90 -23.50
CA LEU C 371 2.56 41.92 -24.51
C LEU C 371 1.47 41.76 -25.56
N PHE C 372 0.27 41.34 -25.14
CA PHE C 372 -0.84 41.13 -26.05
C PHE C 372 -1.62 42.43 -26.20
N ASN C 373 -1.07 43.32 -27.03
CA ASN C 373 -1.71 44.59 -27.35
C ASN C 373 -1.28 44.98 -28.76
N ILE C 374 -2.06 44.56 -29.76
CA ILE C 374 -1.75 44.85 -31.16
C ILE C 374 -2.98 44.56 -31.99
N THR C 375 -3.08 45.22 -33.16
CA THR C 375 -4.09 44.91 -34.15
C THR C 375 -3.41 44.73 -35.49
N TYR C 376 -3.58 43.55 -36.10
CA TYR C 376 -2.96 43.23 -37.38
C TYR C 376 -4.03 43.11 -38.45
N ASN C 377 -3.80 43.76 -39.58
CA ASN C 377 -4.70 43.66 -40.73
C ASN C 377 -3.95 43.07 -41.91
N SER C 378 -4.71 42.50 -42.85
CA SER C 378 -4.11 41.86 -44.01
C SER C 378 -3.64 42.84 -45.08
N ASN C 379 -3.98 44.13 -44.94
CA ASN C 379 -3.66 45.11 -45.97
C ASN C 379 -2.35 45.86 -45.72
N TYR C 380 -1.65 45.58 -44.63
CA TYR C 380 -0.31 46.12 -44.39
C TYR C 380 0.72 45.01 -44.43
N THR C 381 1.85 45.30 -45.08
CA THR C 381 2.95 44.34 -45.14
C THR C 381 3.62 44.18 -43.78
N TYR C 382 3.58 45.23 -42.95
CA TYR C 382 4.18 45.28 -41.61
C TYR C 382 5.69 45.09 -41.65
N ASN C 383 6.31 45.37 -42.79
CA ASN C 383 7.76 45.36 -43.02
C ASN C 383 8.32 43.98 -42.68
N ASP C 384 9.55 43.95 -42.15
CA ASP C 384 10.14 42.71 -41.64
C ASP C 384 10.41 42.81 -40.14
N THR C 385 9.83 43.82 -39.48
CA THR C 385 10.07 44.11 -38.05
C THR C 385 11.56 44.17 -37.73
N LYS C 386 12.32 44.81 -38.61
CA LYS C 386 13.76 44.95 -38.55
C LYS C 386 14.13 46.22 -37.78
N HIS C 387 15.31 46.78 -38.05
CA HIS C 387 15.91 47.98 -37.45
C HIS C 387 16.33 47.79 -36.00
N ASN C 388 16.71 46.55 -35.62
CA ASN C 388 17.35 46.15 -34.36
C ASN C 388 16.76 46.81 -33.11
N GLY C 389 17.60 47.14 -32.15
CA GLY C 389 17.16 47.84 -30.96
C GLY C 389 17.29 46.97 -29.72
N THR C 390 17.56 47.62 -28.59
CA THR C 390 17.69 46.96 -27.30
C THR C 390 16.50 47.24 -26.39
N LYS C 391 15.44 47.83 -26.93
CA LYS C 391 14.25 48.15 -26.13
C LYS C 391 13.57 46.87 -25.66
N VAL C 392 13.15 46.88 -24.38
CA VAL C 392 12.49 45.74 -23.76
C VAL C 392 11.12 46.18 -23.28
N ILE C 393 10.31 45.20 -22.91
CA ILE C 393 8.97 45.41 -22.37
C ILE C 393 9.03 45.10 -20.88
N THR C 394 8.89 46.15 -20.06
CA THR C 394 8.94 45.99 -18.61
C THR C 394 7.52 45.73 -18.11
N LEU C 395 7.17 44.45 -17.99
CA LEU C 395 5.86 44.06 -17.47
C LEU C 395 5.93 43.96 -15.95
N PRO C 396 5.12 44.73 -15.22
CA PRO C 396 5.17 44.68 -13.75
C PRO C 396 4.65 43.34 -13.22
N CYS C 397 5.18 42.95 -12.06
CA CYS C 397 4.83 41.68 -11.45
C CYS C 397 4.57 41.88 -9.96
N ARG C 398 3.74 41.00 -9.40
CA ARG C 398 3.43 40.98 -7.98
C ARG C 398 3.77 39.59 -7.43
N ILE C 399 3.94 39.53 -6.12
CA ILE C 399 4.38 38.32 -5.44
C ILE C 399 3.39 37.96 -4.35
N LYS C 400 2.94 36.71 -4.36
CA LYS C 400 2.12 36.16 -3.30
C LYS C 400 2.91 35.09 -2.54
N GLN C 401 2.44 34.79 -1.33
CA GLN C 401 2.96 33.70 -0.54
C GLN C 401 1.91 32.65 -0.20
N ILE C 402 0.66 33.04 -0.04
CA ILE C 402 -0.43 32.08 0.14
C ILE C 402 -0.84 31.55 -1.22
N ILE C 403 -0.22 30.44 -1.63
CA ILE C 403 -0.41 29.89 -2.97
C ILE C 403 -1.44 28.77 -2.91
N ASN C 404 -2.50 28.90 -3.71
CA ASN C 404 -3.56 27.90 -3.79
C ASN C 404 -3.82 27.56 -5.26
N MET C 405 -3.01 26.65 -5.79
CA MET C 405 -3.20 26.12 -7.13
C MET C 405 -3.68 24.68 -7.04
N TRP C 406 -4.45 24.26 -8.05
CA TRP C 406 -5.14 22.96 -8.07
C TRP C 406 -6.03 22.80 -6.83
N GLN C 407 -7.08 23.63 -6.82
CA GLN C 407 -7.88 23.89 -5.62
C GLN C 407 -8.64 22.67 -5.12
N GLU C 408 -8.70 21.58 -5.90
CA GLU C 408 -9.35 20.36 -5.44
C GLU C 408 -8.60 19.69 -4.30
N VAL C 409 -7.34 20.06 -4.04
CA VAL C 409 -6.57 19.39 -3.01
C VAL C 409 -7.04 19.79 -1.62
N GLY C 410 -7.56 21.02 -1.47
CA GLY C 410 -8.03 21.51 -0.19
C GLY C 410 -6.95 22.05 0.73
N ARG C 411 -5.68 22.03 0.32
CA ARG C 411 -4.57 22.52 1.12
C ARG C 411 -3.78 23.54 0.32
N ALA C 412 -3.58 24.72 0.90
CA ALA C 412 -2.78 25.76 0.28
C ALA C 412 -1.34 25.68 0.78
N MET C 413 -0.55 26.72 0.50
CA MET C 413 0.84 26.80 0.93
C MET C 413 1.11 28.18 1.50
N TYR C 414 2.10 28.25 2.38
CA TYR C 414 2.79 29.49 2.70
C TYR C 414 4.22 29.33 2.19
N ALA C 415 4.52 29.96 1.06
CA ALA C 415 5.84 29.84 0.45
C ALA C 415 6.90 30.45 1.34
N PRO C 416 8.06 29.82 1.49
CA PRO C 416 9.09 30.34 2.40
C PRO C 416 9.75 31.58 1.82
N PRO C 417 10.06 32.56 2.67
CA PRO C 417 10.78 33.76 2.20
C PRO C 417 12.20 33.44 1.77
N ILE C 418 12.68 34.19 0.79
CA ILE C 418 13.99 33.98 0.18
C ILE C 418 14.82 35.24 0.38
N ALA C 419 15.98 35.09 1.02
CA ALA C 419 16.90 36.22 1.22
C ALA C 419 17.76 36.45 0.00
N GLY C 420 18.17 37.71 -0.21
CA GLY C 420 18.87 38.10 -1.41
C GLY C 420 17.89 38.40 -2.52
N ASN C 421 18.40 38.89 -3.64
CA ASN C 421 17.51 39.04 -4.78
C ASN C 421 17.26 37.68 -5.41
N ILE C 422 16.23 37.60 -6.25
CA ILE C 422 16.00 36.44 -7.09
C ILE C 422 16.00 36.87 -8.55
N THR C 423 16.72 36.13 -9.38
CA THR C 423 16.79 36.44 -10.80
C THR C 423 16.81 35.15 -11.58
N CYS C 424 15.86 35.00 -12.49
CA CYS C 424 15.77 33.82 -13.35
C CYS C 424 15.71 34.24 -14.81
N THR C 425 16.19 33.36 -15.67
CA THR C 425 16.13 33.57 -17.11
C THR C 425 15.55 32.31 -17.74
N SER C 426 14.35 32.42 -18.30
CA SER C 426 13.65 31.29 -18.89
C SER C 426 13.39 31.56 -20.37
N ASN C 427 12.81 30.58 -21.03
CA ASN C 427 12.43 30.69 -22.43
C ASN C 427 10.94 30.49 -22.56
N ILE C 428 10.25 31.42 -23.21
CA ILE C 428 8.89 31.17 -23.66
C ILE C 428 8.96 30.45 -25.00
N THR C 429 8.38 29.24 -25.02
CA THR C 429 8.36 28.41 -26.21
C THR C 429 6.96 28.20 -26.76
N GLY C 430 5.94 28.77 -26.13
CA GLY C 430 4.58 28.60 -26.61
C GLY C 430 3.64 29.54 -25.89
N LEU C 431 2.48 29.73 -26.50
CA LEU C 431 1.43 30.58 -25.97
C LEU C 431 0.14 29.80 -25.84
N LEU C 432 -0.56 29.99 -24.72
CA LEU C 432 -1.86 29.35 -24.51
C LEU C 432 -2.98 30.31 -24.91
N LEU C 433 -3.07 30.55 -26.22
CA LEU C 433 -4.05 31.48 -26.75
C LEU C 433 -5.47 30.93 -26.61
N THR C 434 -6.44 31.85 -26.65
CA THR C 434 -7.85 31.48 -26.54
C THR C 434 -8.67 32.50 -27.31
N ARG C 435 -9.45 32.04 -28.28
CA ARG C 435 -10.29 32.93 -29.06
C ARG C 435 -11.46 33.44 -28.22
N ASP C 436 -11.95 34.61 -28.60
CA ASP C 436 -13.07 35.23 -27.88
C ASP C 436 -14.38 34.54 -28.27
N GLY C 437 -15.47 35.02 -27.67
CA GLY C 437 -16.76 34.46 -27.95
C GLY C 437 -17.30 34.86 -29.31
N GLY C 438 -18.46 34.31 -29.65
CA GLY C 438 -19.08 34.57 -30.93
C GLY C 438 -19.54 36.00 -31.11
N ASN C 439 -18.83 36.74 -31.95
CA ASN C 439 -19.14 38.13 -32.27
C ASN C 439 -19.56 38.29 -33.73
N ASN C 440 -20.28 37.28 -34.24
CA ASN C 440 -20.79 37.20 -35.61
C ASN C 440 -19.66 37.19 -36.64
N SER C 441 -20.03 37.21 -37.92
CA SER C 441 -19.05 37.22 -39.01
C SER C 441 -18.68 38.65 -39.39
N THR C 442 -18.12 39.36 -38.42
CA THR C 442 -17.71 40.75 -38.59
C THR C 442 -16.27 40.89 -39.09
N GLU C 443 -15.67 39.79 -39.56
CA GLU C 443 -14.29 39.74 -40.05
C GLU C 443 -13.30 40.22 -39.00
N THR C 444 -13.57 39.87 -37.74
CA THR C 444 -12.65 40.18 -36.65
C THR C 444 -12.75 39.09 -35.59
N GLU C 445 -11.60 38.63 -35.12
CA GLU C 445 -11.49 37.70 -34.00
C GLU C 445 -10.40 38.20 -33.08
N THR C 446 -10.71 38.32 -31.80
CA THR C 446 -9.75 38.81 -30.81
C THR C 446 -9.25 37.61 -30.00
N PHE C 447 -7.94 37.40 -30.04
CA PHE C 447 -7.30 36.31 -29.30
C PHE C 447 -6.68 36.87 -28.03
N ARG C 448 -7.12 36.36 -26.89
CA ARG C 448 -6.64 36.76 -25.58
C ARG C 448 -5.83 35.63 -24.96
N PRO C 449 -4.89 35.94 -24.06
CA PRO C 449 -4.19 34.88 -23.33
C PRO C 449 -5.15 34.09 -22.45
N GLY C 450 -4.84 32.80 -22.29
CA GLY C 450 -5.74 31.90 -21.59
C GLY C 450 -5.41 31.74 -20.13
N GLY C 451 -4.98 30.54 -19.74
CA GLY C 451 -4.71 30.25 -18.35
C GLY C 451 -5.75 29.35 -17.73
N GLY C 452 -6.21 28.36 -18.49
CA GLY C 452 -7.22 27.45 -18.03
C GLY C 452 -6.66 26.33 -17.16
N ASP C 453 -7.09 25.10 -17.41
CA ASP C 453 -6.55 23.97 -16.68
C ASP C 453 -5.09 23.75 -17.01
N MET C 454 -4.33 23.26 -16.02
CA MET C 454 -2.89 23.07 -16.20
C MET C 454 -2.57 21.88 -17.09
N ARG C 455 -3.55 21.00 -17.34
CA ARG C 455 -3.35 19.80 -18.14
C ARG C 455 -2.87 20.15 -19.55
N ASP C 456 -3.37 21.26 -20.09
CA ASP C 456 -2.95 21.74 -21.41
C ASP C 456 -1.44 21.94 -21.48
N ASN C 457 -0.83 22.39 -20.38
CA ASN C 457 0.62 22.55 -20.34
C ASN C 457 1.33 21.22 -20.56
N TRP C 458 0.85 20.16 -19.90
CA TRP C 458 1.43 18.85 -20.15
C TRP C 458 1.11 18.38 -21.57
N ARG C 459 -0.03 18.82 -22.11
CA ARG C 459 -0.37 18.48 -23.48
C ARG C 459 0.52 19.20 -24.48
N SER C 460 1.25 20.22 -24.05
CA SER C 460 2.24 20.82 -24.92
C SER C 460 3.47 19.93 -25.08
N GLU C 461 3.66 18.98 -24.17
CA GLU C 461 4.81 18.08 -24.22
C GLU C 461 4.45 16.68 -24.69
N LEU C 462 3.30 16.16 -24.28
CA LEU C 462 2.82 14.85 -24.73
C LEU C 462 1.92 14.99 -25.95
N TYR C 463 2.40 15.72 -26.96
CA TYR C 463 1.68 15.85 -28.22
C TYR C 463 2.07 14.80 -29.24
N LYS C 464 3.10 14.01 -28.95
CA LYS C 464 3.58 12.98 -29.85
C LYS C 464 3.53 11.58 -29.28
N TYR C 465 3.36 11.43 -27.97
CA TYR C 465 3.46 10.12 -27.32
C TYR C 465 2.08 9.50 -27.17
N LYS C 466 1.96 8.24 -27.59
CA LYS C 466 0.77 7.44 -27.31
C LYS C 466 1.19 6.09 -26.76
N VAL C 467 0.29 5.47 -25.99
CA VAL C 467 0.57 4.18 -25.36
C VAL C 467 -0.13 3.09 -26.15
N VAL C 468 0.61 2.05 -26.52
CA VAL C 468 0.09 1.00 -27.40
C VAL C 468 0.27 -0.35 -26.73
N GLU C 469 -0.72 -1.23 -26.91
CA GLU C 469 -0.80 -2.51 -26.24
C GLU C 469 -0.44 -3.65 -27.18
N ILE C 470 0.66 -4.35 -26.87
CA ILE C 470 1.28 -5.31 -27.77
C ILE C 470 0.50 -6.63 -27.72
N LYS C 471 0.15 -7.16 -28.90
CA LYS C 471 -0.40 -8.50 -29.05
C LYS C 471 0.65 -9.36 -29.74
N PRO C 472 1.35 -10.23 -29.03
CA PRO C 472 2.35 -11.09 -29.68
C PRO C 472 1.77 -12.33 -30.34
N LEU C 473 0.49 -12.64 -30.12
CA LEU C 473 -0.12 -13.84 -30.65
C LEU C 473 -0.70 -13.55 -32.03
N GLY C 474 -0.28 -14.31 -33.03
CA GLY C 474 -0.75 -14.11 -34.39
C GLY C 474 -1.07 -15.42 -35.07
N ILE C 475 -1.99 -15.34 -36.01
CA ILE C 475 -2.49 -16.49 -36.76
C ILE C 475 -2.13 -16.30 -38.23
N ALA C 476 -1.53 -17.34 -38.83
CA ALA C 476 -1.14 -17.24 -40.23
C ALA C 476 -1.26 -18.59 -40.92
N PRO C 477 -1.86 -18.65 -42.11
CA PRO C 477 -1.95 -19.92 -42.82
C PRO C 477 -0.64 -20.30 -43.50
N THR C 478 -0.27 -21.57 -43.31
CA THR C 478 0.95 -22.12 -43.90
C THR C 478 0.68 -23.59 -44.17
N GLY C 479 1.29 -24.13 -45.23
CA GLY C 479 1.09 -25.51 -45.61
C GLY C 479 1.81 -26.55 -44.77
N CYS C 480 2.16 -26.19 -43.53
CA CYS C 480 2.80 -27.10 -42.59
C CYS C 480 1.74 -27.74 -41.68
N LYS C 481 1.77 -29.06 -41.60
CA LYS C 481 0.82 -29.82 -40.80
C LYS C 481 1.56 -30.50 -39.65
N ARG C 482 1.05 -30.34 -38.44
CA ARG C 482 1.64 -31.00 -37.28
C ARG C 482 1.40 -32.50 -37.36
N ARG C 483 2.41 -33.26 -36.93
CA ARG C 483 2.33 -34.72 -36.97
C ARG C 483 1.38 -35.23 -35.88
N VAL C 484 0.89 -36.44 -36.08
CA VAL C 484 -0.03 -37.07 -35.14
C VAL C 484 0.73 -37.55 -33.91
N LEU D 9 17.43 -5.64 -35.67
CA LEU D 9 16.57 -4.47 -35.85
C LEU D 9 16.14 -3.89 -34.51
N GLY D 10 15.53 -4.72 -33.68
CA GLY D 10 15.08 -4.33 -32.36
C GLY D 10 13.62 -4.63 -32.15
N PHE D 11 13.10 -4.14 -31.02
CA PHE D 11 11.69 -4.32 -30.69
C PHE D 11 10.80 -3.58 -31.68
N LEU D 12 9.81 -4.29 -32.20
CA LEU D 12 8.80 -3.79 -33.16
C LEU D 12 9.40 -3.29 -34.46
N GLY D 13 10.67 -3.64 -34.75
CA GLY D 13 11.36 -3.09 -35.90
C GLY D 13 10.85 -3.61 -37.23
N ALA D 14 10.10 -4.72 -37.22
CA ALA D 14 9.52 -5.29 -38.43
C ALA D 14 8.01 -5.12 -38.47
N ALA D 15 7.48 -4.10 -37.78
CA ALA D 15 6.04 -3.85 -37.80
C ALA D 15 5.58 -3.40 -39.18
N GLY D 16 6.35 -2.50 -39.82
CA GLY D 16 6.04 -2.09 -41.17
C GLY D 16 6.57 -3.01 -42.25
N SER D 17 7.36 -4.02 -41.87
CA SER D 17 7.90 -4.96 -42.83
C SER D 17 6.83 -5.98 -43.25
N THR D 18 7.19 -6.82 -44.22
CA THR D 18 6.30 -7.86 -44.70
C THR D 18 6.18 -8.98 -43.69
N MET D 19 5.26 -9.92 -43.96
CA MET D 19 5.01 -11.04 -43.07
C MET D 19 6.22 -11.96 -42.98
N GLY D 20 6.84 -12.27 -44.12
CA GLY D 20 7.96 -13.20 -44.13
C GLY D 20 9.18 -12.64 -43.42
N ALA D 21 9.43 -11.33 -43.59
CA ALA D 21 10.54 -10.70 -42.89
C ALA D 21 10.25 -10.52 -41.41
N ALA D 22 8.99 -10.28 -41.04
CA ALA D 22 8.65 -10.10 -39.63
C ALA D 22 8.59 -11.44 -38.91
N SER D 23 8.45 -12.54 -39.64
CA SER D 23 8.55 -13.84 -39.00
C SER D 23 9.99 -14.20 -38.66
N ASN D 24 10.96 -13.52 -39.29
CA ASN D 24 12.36 -13.85 -39.06
C ASN D 24 12.87 -13.25 -37.75
N THR D 25 12.21 -12.21 -37.24
CA THR D 25 12.53 -11.65 -35.92
C THR D 25 11.26 -11.76 -35.06
N LEU D 26 11.32 -12.62 -34.06
CA LEU D 26 10.18 -12.83 -33.17
C LEU D 26 10.62 -12.88 -31.71
N THR D 27 11.90 -13.18 -31.47
CA THR D 27 12.38 -13.34 -30.10
C THR D 27 12.55 -11.99 -29.41
N VAL D 28 12.86 -10.94 -30.18
CA VAL D 28 13.10 -9.62 -29.59
C VAL D 28 11.79 -8.97 -29.17
N GLN D 29 10.67 -9.44 -29.72
CA GLN D 29 9.37 -8.97 -29.26
C GLN D 29 8.86 -9.82 -28.11
N ALA D 30 9.28 -11.09 -28.05
CA ALA D 30 8.94 -11.93 -26.91
C ALA D 30 9.75 -11.57 -25.68
N ARG D 31 10.91 -10.92 -25.86
CA ARG D 31 11.66 -10.36 -24.74
C ARG D 31 10.85 -9.32 -23.97
N GLN D 32 10.20 -8.41 -24.70
CA GLN D 32 9.59 -7.25 -24.06
C GLN D 32 8.31 -7.65 -23.33
N LEU D 33 7.71 -8.79 -23.69
CA LEU D 33 6.48 -9.24 -23.06
C LEU D 33 6.64 -9.55 -21.57
N LEU D 34 7.87 -9.84 -21.11
CA LEU D 34 8.14 -10.04 -19.70
C LEU D 34 8.97 -8.89 -19.13
N SER D 35 10.10 -8.58 -19.78
CA SER D 35 10.98 -7.47 -19.45
C SER D 35 11.46 -7.50 -17.99
N GLY D 36 10.85 -6.66 -17.15
CA GLY D 36 11.18 -6.62 -15.74
C GLY D 36 12.46 -5.88 -15.42
N LEU D 57 5.57 7.50 -1.94
CA LEU D 57 6.08 6.48 -1.03
C LEU D 57 5.13 5.28 -0.99
N THR D 58 3.94 5.50 -0.41
CA THR D 58 2.94 4.45 -0.29
C THR D 58 2.05 4.33 -1.53
N VAL D 59 2.08 5.32 -2.43
CA VAL D 59 1.21 5.35 -3.60
C VAL D 59 1.94 4.94 -4.87
N TRP D 60 3.17 5.41 -5.05
CA TRP D 60 3.92 5.11 -6.27
C TRP D 60 4.43 3.67 -6.27
N GLY D 61 4.80 3.16 -5.09
CA GLY D 61 5.08 1.74 -4.97
C GLY D 61 3.87 0.89 -5.31
N ILE D 62 2.68 1.35 -4.89
CA ILE D 62 1.43 0.66 -5.23
C ILE D 62 1.21 0.67 -6.74
N LYS D 63 1.47 1.81 -7.40
CA LYS D 63 1.24 1.91 -8.83
C LYS D 63 2.21 1.05 -9.63
N GLN D 64 3.51 1.10 -9.29
CA GLN D 64 4.49 0.26 -9.95
C GLN D 64 4.21 -1.22 -9.71
N LEU D 65 3.84 -1.56 -8.47
CA LEU D 65 3.50 -2.93 -8.12
C LEU D 65 2.30 -3.43 -8.91
N GLN D 66 1.26 -2.61 -9.02
CA GLN D 66 0.06 -2.98 -9.76
C GLN D 66 0.34 -3.16 -11.24
N THR D 67 1.16 -2.28 -11.83
CA THR D 67 1.39 -2.41 -13.27
C THR D 67 2.34 -3.56 -13.56
N ARG D 68 3.26 -3.88 -12.63
CA ARG D 68 4.11 -5.07 -12.80
C ARG D 68 3.29 -6.35 -12.73
N VAL D 69 2.38 -6.45 -11.75
CA VAL D 69 1.60 -7.69 -11.67
C VAL D 69 0.60 -7.74 -12.82
N LEU D 70 0.19 -6.59 -13.35
CA LEU D 70 -0.66 -6.56 -14.54
C LEU D 70 0.08 -7.14 -15.75
N ALA D 71 1.32 -6.69 -15.99
CA ALA D 71 2.11 -7.22 -17.09
C ALA D 71 2.40 -8.71 -16.91
N ILE D 72 2.64 -9.13 -15.66
CA ILE D 72 2.84 -10.54 -15.35
C ILE D 72 1.57 -11.33 -15.67
N GLU D 73 0.40 -10.75 -15.38
CA GLU D 73 -0.87 -11.39 -15.69
C GLU D 73 -1.07 -11.56 -17.19
N ARG D 74 -0.73 -10.53 -17.98
CA ARG D 74 -0.82 -10.67 -19.43
C ARG D 74 0.14 -11.73 -19.96
N TYR D 75 1.37 -11.77 -19.43
CA TYR D 75 2.32 -12.78 -19.89
C TYR D 75 1.85 -14.18 -19.55
N LEU D 76 1.29 -14.37 -18.34
CA LEU D 76 0.77 -15.68 -17.95
C LEU D 76 -0.47 -16.04 -18.77
N GLU D 77 -1.29 -15.05 -19.14
CA GLU D 77 -2.45 -15.30 -19.98
C GLU D 77 -2.04 -15.79 -21.36
N VAL D 78 -1.04 -15.12 -21.97
CA VAL D 78 -0.59 -15.52 -23.29
C VAL D 78 0.10 -16.89 -23.24
N GLN D 79 0.87 -17.14 -22.18
CA GLN D 79 1.53 -18.44 -22.04
C GLN D 79 0.51 -19.55 -21.83
N GLN D 80 -0.56 -19.28 -21.08
CA GLN D 80 -1.62 -20.27 -20.89
C GLN D 80 -2.35 -20.55 -22.19
N LEU D 81 -2.62 -19.50 -22.97
CA LEU D 81 -3.26 -19.69 -24.28
C LEU D 81 -2.38 -20.49 -25.22
N LEU D 82 -1.06 -20.28 -25.15
CA LEU D 82 -0.14 -21.09 -25.93
C LEU D 82 -0.12 -22.53 -25.44
N GLY D 83 -0.17 -22.73 -24.13
CA GLY D 83 -0.15 -24.08 -23.58
C GLY D 83 -1.38 -24.89 -23.92
N LEU D 84 -2.54 -24.23 -23.97
CA LEU D 84 -3.78 -24.93 -24.31
C LEU D 84 -3.84 -25.34 -25.78
N TRP D 85 -2.98 -24.80 -26.63
CA TRP D 85 -2.94 -25.15 -28.04
C TRP D 85 -1.86 -26.18 -28.36
N GLY D 86 -1.17 -26.69 -27.34
CA GLY D 86 -0.06 -27.59 -27.58
C GLY D 86 1.17 -26.90 -28.14
N CYS D 87 1.29 -25.59 -27.93
CA CYS D 87 2.40 -24.81 -28.47
C CYS D 87 3.24 -24.17 -27.37
N SER D 88 3.27 -24.78 -26.18
CA SER D 88 4.03 -24.22 -25.08
C SER D 88 5.52 -24.40 -25.31
N GLY D 89 6.28 -23.36 -24.98
CA GLY D 89 7.72 -23.40 -25.15
C GLY D 89 8.20 -23.21 -26.57
N LYS D 90 7.31 -22.85 -27.49
CA LYS D 90 7.66 -22.65 -28.88
C LYS D 90 7.18 -21.28 -29.33
N LEU D 91 7.90 -20.70 -30.29
CA LEU D 91 7.51 -19.43 -30.89
C LEU D 91 6.62 -19.62 -32.10
N ILE D 92 6.99 -20.50 -33.03
CA ILE D 92 6.17 -20.83 -34.18
C ILE D 92 5.79 -22.29 -34.04
N CYS D 93 4.49 -22.56 -33.84
CA CYS D 93 3.99 -23.91 -33.63
C CYS D 93 2.87 -24.18 -34.63
N CYS D 94 3.03 -25.25 -35.42
CA CYS D 94 2.03 -25.63 -36.39
C CYS D 94 0.85 -26.31 -35.70
N THR D 95 -0.29 -26.35 -36.40
CA THR D 95 -1.50 -26.95 -35.84
C THR D 95 -2.26 -27.62 -36.99
N ALA D 96 -2.80 -28.80 -36.70
CA ALA D 96 -3.52 -29.60 -37.68
C ALA D 96 -4.94 -29.11 -37.97
N VAL D 97 -5.30 -27.91 -37.53
CA VAL D 97 -6.60 -27.33 -37.86
C VAL D 97 -6.57 -26.85 -39.32
N PRO D 98 -7.50 -27.29 -40.16
CA PRO D 98 -7.55 -26.78 -41.54
C PRO D 98 -7.91 -25.31 -41.57
N TRP D 99 -7.33 -24.61 -42.55
CA TRP D 99 -7.59 -23.18 -42.73
C TRP D 99 -8.87 -23.01 -43.54
N ASN D 100 -9.92 -22.49 -42.88
CA ASN D 100 -11.19 -22.28 -43.55
C ASN D 100 -11.06 -21.12 -44.55
N SER D 101 -11.56 -21.34 -45.77
CA SER D 101 -11.49 -20.30 -46.79
C SER D 101 -12.44 -19.15 -46.50
N SER D 102 -13.45 -19.35 -45.64
CA SER D 102 -14.35 -18.27 -45.27
C SER D 102 -13.64 -17.21 -44.43
N TRP D 103 -12.62 -17.61 -43.67
CA TRP D 103 -11.82 -16.64 -42.91
C TRP D 103 -11.06 -15.72 -43.85
N SER D 104 -10.43 -16.28 -44.88
CA SER D 104 -9.69 -15.50 -45.86
C SER D 104 -9.56 -16.33 -47.14
N ASN D 105 -10.09 -15.81 -48.24
CA ASN D 105 -9.96 -16.49 -49.53
C ASN D 105 -8.65 -16.17 -50.22
N LYS D 106 -7.82 -15.31 -49.64
CA LYS D 106 -6.53 -14.98 -50.23
C LYS D 106 -5.58 -16.17 -50.13
N SER D 107 -4.83 -16.40 -51.21
CA SER D 107 -3.85 -17.46 -51.19
C SER D 107 -2.57 -16.99 -50.50
N GLU D 108 -1.59 -17.89 -50.42
CA GLU D 108 -0.50 -17.75 -49.47
C GLU D 108 0.45 -16.60 -49.82
N THR D 109 0.64 -16.34 -51.11
CA THR D 109 1.73 -15.44 -51.52
C THR D 109 1.44 -13.98 -51.17
N GLU D 110 0.19 -13.53 -51.34
CA GLU D 110 -0.11 -12.14 -51.00
C GLU D 110 -0.27 -11.97 -49.50
N ILE D 111 -0.51 -13.06 -48.76
CA ILE D 111 -0.42 -12.98 -47.31
C ILE D 111 1.04 -12.81 -46.87
N TRP D 112 1.95 -13.59 -47.47
CA TRP D 112 3.31 -13.68 -46.94
C TRP D 112 4.32 -12.79 -47.66
N ASN D 113 3.91 -11.99 -48.65
CA ASN D 113 4.92 -11.24 -49.39
C ASN D 113 4.69 -9.74 -49.46
N ASN D 114 3.45 -9.28 -49.59
CA ASN D 114 3.16 -7.85 -49.70
C ASN D 114 2.18 -7.38 -48.62
N MET D 115 2.15 -8.08 -47.49
CA MET D 115 1.20 -7.86 -46.42
C MET D 115 1.96 -7.70 -45.11
N THR D 116 1.46 -6.84 -44.23
CA THR D 116 2.03 -6.69 -42.90
C THR D 116 1.20 -7.46 -41.88
N TRP D 117 1.70 -7.50 -40.64
CA TRP D 117 0.99 -8.21 -39.59
C TRP D 117 -0.27 -7.44 -39.16
N MET D 118 -0.21 -6.10 -39.20
CA MET D 118 -1.35 -5.28 -38.80
C MET D 118 -2.54 -5.44 -39.74
N GLN D 119 -2.29 -5.47 -41.05
CA GLN D 119 -3.38 -5.60 -42.01
C GLN D 119 -4.01 -6.98 -41.92
N TRP D 120 -3.21 -8.00 -41.64
CA TRP D 120 -3.74 -9.33 -41.40
C TRP D 120 -4.55 -9.39 -40.11
N ASP D 121 -4.10 -8.66 -39.08
CA ASP D 121 -4.85 -8.57 -37.83
C ASP D 121 -6.21 -7.90 -38.09
N ARG D 122 -6.21 -6.89 -38.96
CA ARG D 122 -7.45 -6.20 -39.29
C ARG D 122 -8.42 -7.10 -40.06
N GLU D 123 -7.91 -7.90 -41.01
CA GLU D 123 -8.80 -8.75 -41.79
C GLU D 123 -9.31 -9.93 -40.97
N ILE D 124 -8.47 -10.52 -40.13
CA ILE D 124 -8.86 -11.72 -39.38
C ILE D 124 -9.19 -11.39 -37.92
N ASN D 125 -9.68 -10.18 -37.67
CA ASN D 125 -10.12 -9.84 -36.31
C ASN D 125 -11.46 -10.49 -35.99
N ASN D 126 -12.33 -10.65 -37.00
CA ASN D 126 -13.67 -11.15 -36.75
C ASN D 126 -13.68 -12.65 -36.47
N TYR D 127 -12.67 -13.37 -36.94
CA TYR D 127 -12.62 -14.83 -36.81
C TYR D 127 -11.60 -15.30 -35.78
N THR D 128 -11.19 -14.44 -34.85
CA THR D 128 -10.13 -14.81 -33.91
C THR D 128 -10.63 -15.84 -32.89
N ASN D 129 -11.81 -15.60 -32.31
CA ASN D 129 -12.33 -16.47 -31.27
C ASN D 129 -12.67 -17.86 -31.81
N THR D 130 -13.23 -17.92 -33.01
CA THR D 130 -13.56 -19.20 -33.64
C THR D 130 -12.29 -20.01 -33.91
N ILE D 131 -11.23 -19.35 -34.39
CA ILE D 131 -9.96 -20.01 -34.61
C ILE D 131 -9.39 -20.53 -33.29
N TYR D 132 -9.49 -19.72 -32.23
CA TYR D 132 -9.00 -20.12 -30.91
C TYR D 132 -9.70 -21.36 -30.40
N ARG D 133 -11.03 -21.39 -30.53
CA ARG D 133 -11.79 -22.57 -30.11
C ARG D 133 -11.46 -23.79 -30.97
N LEU D 134 -11.27 -23.60 -32.28
CA LEU D 134 -10.90 -24.74 -33.12
C LEU D 134 -9.55 -25.32 -32.71
N LEU D 135 -8.60 -24.45 -32.37
CA LEU D 135 -7.30 -24.92 -31.87
C LEU D 135 -7.44 -25.68 -30.56
N GLU D 136 -8.23 -25.16 -29.62
CA GLU D 136 -8.34 -25.81 -28.30
C GLU D 136 -9.06 -27.16 -28.40
N GLU D 137 -10.15 -27.25 -29.15
CA GLU D 137 -10.79 -28.55 -29.34
C GLU D 137 -9.91 -29.53 -30.13
N SER D 138 -9.11 -29.03 -31.09
CA SER D 138 -8.20 -29.92 -31.80
C SER D 138 -7.14 -30.50 -30.85
N GLN D 139 -6.53 -29.64 -30.03
CA GLN D 139 -5.52 -30.11 -29.08
C GLN D 139 -6.12 -31.05 -28.04
N PHE D 140 -7.32 -30.73 -27.56
CA PHE D 140 -7.97 -31.57 -26.55
C PHE D 140 -8.34 -32.93 -27.12
N GLN D 141 -8.84 -32.97 -28.36
CA GLN D 141 -9.16 -34.25 -28.98
C GLN D 141 -7.90 -35.05 -29.28
N GLN D 142 -6.80 -34.36 -29.62
CA GLN D 142 -5.53 -35.04 -29.83
C GLN D 142 -5.04 -35.70 -28.55
N GLU D 143 -5.14 -34.98 -27.42
CA GLU D 143 -4.75 -35.57 -26.14
C GLU D 143 -5.66 -36.74 -25.77
N ILE D 144 -6.97 -36.58 -25.97
CA ILE D 144 -7.93 -37.60 -25.58
C ILE D 144 -7.73 -38.88 -26.39
N ASN D 145 -7.61 -38.75 -27.72
CA ASN D 145 -7.46 -39.96 -28.51
C ASN D 145 -6.03 -40.53 -28.42
N GLU D 146 -5.07 -39.69 -28.03
CA GLU D 146 -3.71 -40.25 -27.79
C GLU D 146 -3.82 -41.14 -26.55
N VAL D 147 -4.49 -40.66 -25.50
CA VAL D 147 -4.71 -41.46 -24.30
C VAL D 147 -5.47 -42.74 -24.64
N ASP D 148 -6.50 -42.63 -25.49
CA ASP D 148 -7.30 -43.79 -25.86
C ASP D 148 -6.47 -44.82 -26.63
N LEU D 149 -5.62 -44.36 -27.55
CA LEU D 149 -4.84 -45.30 -28.35
C LEU D 149 -3.68 -45.87 -27.56
N LEU D 150 -3.03 -45.07 -26.70
CA LEU D 150 -1.86 -45.57 -25.99
C LEU D 150 -2.26 -46.51 -24.85
N ALA D 151 -3.50 -46.41 -24.37
CA ALA D 151 -3.98 -47.39 -23.38
C ALA D 151 -4.26 -48.74 -24.02
N LEU D 152 -4.58 -48.76 -25.32
CA LEU D 152 -4.76 -50.03 -26.02
C LEU D 152 -3.44 -50.79 -26.14
N ASP D 153 -2.35 -50.08 -26.38
CA ASP D 153 -1.04 -50.71 -26.51
C ASP D 153 -0.46 -50.99 -25.11
N GLY E 1 -3.16 -56.09 -17.53
CA GLY E 1 -3.16 -56.11 -16.09
C GLY E 1 -2.31 -55.02 -15.47
N ASN E 2 -1.26 -54.63 -16.19
CA ASN E 2 -0.37 -53.58 -15.71
C ASN E 2 -1.06 -52.21 -15.77
N LEU E 3 -0.75 -51.36 -14.81
CA LEU E 3 -1.31 -50.03 -14.72
C LEU E 3 -0.22 -49.02 -14.43
N TRP E 4 -0.46 -47.76 -14.82
CA TRP E 4 0.52 -46.70 -14.68
C TRP E 4 -0.15 -45.45 -14.13
N VAL E 5 0.65 -44.61 -13.48
CA VAL E 5 0.14 -43.37 -12.90
C VAL E 5 -0.07 -42.35 -14.02
N THR E 6 -1.25 -41.72 -14.01
CA THR E 6 -1.59 -40.70 -15.00
C THR E 6 -1.97 -39.41 -14.29
N VAL E 7 -1.51 -38.29 -14.84
CA VAL E 7 -1.70 -36.96 -14.25
C VAL E 7 -2.80 -36.25 -15.01
N TYR E 8 -3.73 -35.64 -14.29
CA TYR E 8 -4.82 -34.89 -14.88
C TYR E 8 -4.84 -33.47 -14.34
N TYR E 9 -5.00 -32.51 -15.25
CA TYR E 9 -5.02 -31.09 -14.93
C TYR E 9 -6.41 -30.53 -15.20
N GLY E 10 -6.88 -29.66 -14.32
CA GLY E 10 -8.26 -29.21 -14.37
C GLY E 10 -9.24 -30.09 -13.64
N VAL E 11 -8.80 -30.77 -12.58
CA VAL E 11 -9.64 -31.74 -11.88
C VAL E 11 -10.69 -31.00 -11.05
N PRO E 12 -11.97 -31.34 -11.16
CA PRO E 12 -13.02 -30.66 -10.37
C PRO E 12 -13.21 -31.19 -8.94
N VAL E 13 -12.23 -30.87 -8.08
CA VAL E 13 -12.32 -31.14 -6.65
C VAL E 13 -11.97 -29.86 -5.91
N TRP E 14 -12.37 -29.80 -4.64
CA TRP E 14 -12.14 -28.63 -3.81
C TRP E 14 -12.09 -29.04 -2.35
N ARG E 15 -11.50 -28.16 -1.53
CA ARG E 15 -11.50 -28.30 -0.08
C ARG E 15 -11.97 -26.98 0.53
N GLU E 16 -11.85 -26.86 1.84
CA GLU E 16 -12.19 -25.63 2.53
C GLU E 16 -11.08 -24.59 2.33
N ALA E 17 -11.46 -23.32 2.45
CA ALA E 17 -10.52 -22.23 2.23
C ALA E 17 -10.89 -21.05 3.09
N LYS E 18 -9.90 -20.20 3.37
CA LYS E 18 -10.08 -18.96 4.10
C LYS E 18 -9.35 -17.82 3.39
N THR E 19 -9.47 -17.77 2.07
CA THR E 19 -8.76 -16.77 1.29
C THR E 19 -9.47 -15.42 1.39
N THR E 20 -8.70 -14.35 1.16
CA THR E 20 -9.24 -13.00 1.15
C THR E 20 -9.98 -12.74 -0.15
N LEU E 21 -11.20 -12.23 -0.04
CA LEU E 21 -12.02 -11.90 -1.20
C LEU E 21 -11.91 -10.42 -1.52
N PHE E 22 -12.45 -10.04 -2.69
CA PHE E 22 -12.44 -8.66 -3.14
C PHE E 22 -13.85 -8.24 -3.55
N CYS E 23 -14.19 -6.99 -3.23
CA CYS E 23 -15.53 -6.47 -3.46
C CYS E 23 -15.76 -6.16 -4.94
N ALA E 24 -17.03 -5.99 -5.29
CA ALA E 24 -17.41 -5.62 -6.65
C ALA E 24 -18.75 -4.89 -6.59
N SER E 25 -18.71 -3.57 -6.76
CA SER E 25 -19.93 -2.77 -6.79
C SER E 25 -20.54 -2.78 -8.18
N ASP E 26 -21.83 -2.46 -8.25
CA ASP E 26 -22.56 -2.50 -9.51
C ASP E 26 -22.12 -1.38 -10.44
N ALA E 27 -22.32 -1.61 -11.75
CA ALA E 27 -21.91 -0.63 -12.75
C ALA E 27 -22.80 0.61 -12.71
N LYS E 28 -24.07 0.44 -12.31
CA LYS E 28 -24.96 1.59 -12.22
C LYS E 28 -24.61 2.48 -11.04
N ALA E 29 -23.88 1.97 -10.06
CA ALA E 29 -23.42 2.77 -8.94
C ALA E 29 -22.29 3.72 -9.30
N TYR E 30 -21.70 3.56 -10.49
CA TYR E 30 -20.63 4.44 -10.95
C TYR E 30 -21.13 5.63 -11.75
N ASP E 31 -22.45 5.83 -11.81
CA ASP E 31 -23.03 7.00 -12.47
C ASP E 31 -22.99 8.18 -11.50
N ARG E 32 -21.78 8.74 -11.36
CA ARG E 32 -21.42 9.71 -10.33
C ARG E 32 -21.81 9.21 -8.95
N GLU E 33 -22.85 9.82 -8.36
CA GLU E 33 -23.39 9.54 -7.02
C GLU E 33 -22.29 9.25 -5.99
N VAL E 34 -21.29 10.12 -5.99
CA VAL E 34 -20.08 9.91 -5.23
C VAL E 34 -20.33 10.25 -3.77
N HIS E 35 -19.36 9.92 -2.92
CA HIS E 35 -19.30 10.31 -1.51
C HIS E 35 -20.43 9.68 -0.69
N ASN E 36 -20.70 8.40 -0.93
CA ASN E 36 -21.53 7.59 -0.06
C ASN E 36 -20.62 6.67 0.74
N VAL E 37 -21.05 6.32 1.96
CA VAL E 37 -20.21 5.54 2.87
C VAL E 37 -19.92 4.16 2.28
N TRP E 38 -20.94 3.50 1.74
CA TRP E 38 -20.78 2.18 1.15
C TRP E 38 -20.36 2.21 -0.31
N ALA E 39 -20.34 3.38 -0.94
CA ALA E 39 -19.88 3.49 -2.32
C ALA E 39 -18.36 3.48 -2.33
N THR E 40 -17.78 2.35 -2.70
CA THR E 40 -16.34 2.17 -2.75
C THR E 40 -15.90 2.16 -4.20
N HIS E 41 -15.13 3.18 -4.59
CA HIS E 41 -14.62 3.24 -5.96
C HIS E 41 -13.51 2.23 -6.20
N ALA E 42 -12.91 1.69 -5.13
CA ALA E 42 -11.90 0.65 -5.30
C ALA E 42 -12.50 -0.70 -5.65
N CYS E 43 -13.81 -0.85 -5.46
CA CYS E 43 -14.50 -2.04 -5.92
C CYS E 43 -14.49 -2.11 -7.44
N VAL E 44 -14.24 -3.29 -7.98
CA VAL E 44 -14.21 -3.50 -9.42
C VAL E 44 -15.65 -3.43 -9.95
N PRO E 45 -15.85 -3.13 -11.24
CA PRO E 45 -17.21 -3.21 -11.80
C PRO E 45 -17.77 -4.62 -11.73
N THR E 46 -19.08 -4.70 -11.51
CA THR E 46 -19.77 -5.98 -11.46
C THR E 46 -19.74 -6.65 -12.83
N ASP E 47 -19.37 -7.93 -12.84
CA ASP E 47 -19.28 -8.71 -14.07
C ASP E 47 -20.64 -8.77 -14.75
N PRO E 48 -20.76 -8.35 -16.01
CA PRO E 48 -22.03 -8.49 -16.72
C PRO E 48 -22.37 -9.96 -16.96
N ASN E 49 -23.68 -10.21 -17.19
CA ASN E 49 -24.42 -11.47 -17.33
C ASN E 49 -23.80 -12.61 -16.52
N PRO E 50 -23.79 -12.51 -15.19
CA PRO E 50 -23.06 -13.47 -14.37
C PRO E 50 -23.66 -14.86 -14.41
N GLN E 51 -22.79 -15.86 -14.27
CA GLN E 51 -23.16 -17.26 -14.46
C GLN E 51 -23.21 -17.96 -13.10
N GLU E 52 -24.18 -18.84 -12.95
CA GLU E 52 -24.27 -19.75 -11.82
C GLU E 52 -24.41 -21.16 -12.39
N ILE E 53 -23.45 -22.02 -12.09
CA ILE E 53 -23.35 -23.32 -12.73
C ILE E 53 -23.84 -24.37 -11.75
N VAL E 54 -24.94 -25.03 -12.10
CA VAL E 54 -25.57 -26.02 -11.23
C VAL E 54 -24.74 -27.29 -11.26
N LEU E 55 -24.41 -27.80 -10.08
CA LEU E 55 -23.62 -29.01 -9.94
C LEU E 55 -24.54 -30.13 -9.46
N GLU E 56 -24.85 -31.05 -10.36
CA GLU E 56 -25.74 -32.16 -10.03
C GLU E 56 -24.94 -33.30 -9.38
N ASN E 57 -25.68 -34.19 -8.72
CA ASN E 57 -25.19 -35.45 -8.16
C ASN E 57 -24.13 -35.24 -7.07
N VAL E 58 -24.14 -34.08 -6.41
CA VAL E 58 -23.14 -33.76 -5.40
C VAL E 58 -23.82 -33.17 -4.18
N THR E 59 -23.27 -33.47 -3.01
CA THR E 59 -23.77 -32.98 -1.73
C THR E 59 -22.63 -32.34 -0.96
N GLU E 60 -22.87 -31.14 -0.42
CA GLU E 60 -21.85 -30.40 0.30
C GLU E 60 -22.35 -30.01 1.68
N ASN E 61 -21.42 -29.96 2.64
CA ASN E 61 -21.73 -29.63 4.01
C ASN E 61 -21.43 -28.15 4.26
N PHE E 62 -22.45 -27.40 4.67
CA PHE E 62 -22.34 -25.98 4.93
C PHE E 62 -22.45 -25.70 6.42
N ASN E 63 -21.95 -24.54 6.83
CA ASN E 63 -22.04 -24.09 8.22
C ASN E 63 -21.98 -22.57 8.21
N MET E 64 -23.11 -21.93 8.52
CA MET E 64 -23.16 -20.47 8.55
C MET E 64 -22.37 -19.90 9.73
N TRP E 65 -22.32 -20.62 10.85
CA TRP E 65 -21.73 -20.09 12.07
C TRP E 65 -20.22 -20.22 12.11
N LYS E 66 -19.61 -20.92 11.15
CA LYS E 66 -18.17 -21.01 11.03
C LYS E 66 -17.65 -20.35 9.77
N ASN E 67 -18.47 -19.54 9.10
CA ASN E 67 -18.07 -18.90 7.87
C ASN E 67 -17.11 -17.73 8.15
N ASP E 68 -16.11 -17.60 7.30
CA ASP E 68 -15.15 -16.51 7.41
C ASP E 68 -15.55 -15.28 6.60
N MET E 69 -16.47 -15.44 5.65
CA MET E 69 -16.93 -14.32 4.84
C MET E 69 -17.68 -13.29 5.69
N VAL E 70 -18.39 -13.74 6.72
CA VAL E 70 -19.09 -12.82 7.62
C VAL E 70 -18.10 -11.95 8.37
N ASP E 71 -17.04 -12.57 8.89
CA ASP E 71 -16.01 -11.82 9.60
C ASP E 71 -15.28 -10.85 8.66
N GLN E 72 -14.99 -11.30 7.44
CA GLN E 72 -14.35 -10.42 6.46
C GLN E 72 -15.25 -9.24 6.10
N MET E 73 -16.54 -9.48 5.94
CA MET E 73 -17.48 -8.40 5.64
C MET E 73 -17.58 -7.41 6.80
N HIS E 74 -17.59 -7.92 8.03
CA HIS E 74 -17.65 -7.04 9.21
C HIS E 74 -16.41 -6.16 9.30
N GLU E 75 -15.23 -6.76 9.10
CA GLU E 75 -13.99 -5.99 9.14
C GLU E 75 -13.93 -4.96 8.01
N ASP E 76 -14.39 -5.35 6.81
CA ASP E 76 -14.37 -4.45 5.66
C ASP E 76 -15.31 -3.28 5.90
N ILE E 77 -16.49 -3.54 6.47
CA ILE E 77 -17.45 -2.48 6.79
C ILE E 77 -16.86 -1.54 7.84
N ILE E 78 -16.17 -2.10 8.85
CA ILE E 78 -15.56 -1.28 9.90
C ILE E 78 -14.49 -0.36 9.33
N SER E 79 -13.62 -0.88 8.46
CA SER E 79 -12.55 -0.04 7.93
C SER E 79 -13.06 0.94 6.88
N LEU E 80 -14.12 0.58 6.14
CA LEU E 80 -14.79 1.54 5.27
C LEU E 80 -15.41 2.69 6.07
N TRP E 81 -16.00 2.35 7.23
CA TRP E 81 -16.55 3.35 8.14
C TRP E 81 -15.46 4.28 8.65
N ASP E 82 -14.30 3.71 9.00
CA ASP E 82 -13.15 4.52 9.42
C ASP E 82 -12.66 5.43 8.30
N GLN E 83 -12.57 4.91 7.08
CA GLN E 83 -12.07 5.71 5.95
C GLN E 83 -13.05 6.83 5.60
N SER E 84 -14.36 6.56 5.71
CA SER E 84 -15.34 7.60 5.42
C SER E 84 -15.37 8.65 6.53
N LEU E 85 -15.12 8.26 7.77
CA LEU E 85 -15.11 9.24 8.86
C LEU E 85 -13.78 9.95 9.02
N LYS E 86 -12.72 9.48 8.36
CA LYS E 86 -11.40 10.10 8.49
C LYS E 86 -11.31 11.56 8.03
N PRO E 87 -11.72 11.95 6.78
CA PRO E 87 -11.20 13.23 6.24
C PRO E 87 -11.78 14.51 6.83
N CYS E 88 -13.09 14.59 7.03
CA CYS E 88 -13.74 15.88 7.27
C CYS E 88 -13.57 16.34 8.72
N VAL E 89 -14.33 17.38 9.09
CA VAL E 89 -14.04 18.19 10.27
C VAL E 89 -14.43 17.46 11.55
N LYS E 90 -13.54 17.53 12.53
CA LYS E 90 -13.80 17.02 13.88
C LYS E 90 -14.44 18.12 14.73
N LEU E 91 -15.24 17.70 15.72
CA LEU E 91 -15.96 18.61 16.59
C LEU E 91 -15.32 18.74 17.97
N THR E 92 -14.02 18.52 18.06
CA THR E 92 -13.30 18.73 19.32
C THR E 92 -13.44 20.14 19.90
N PRO E 93 -13.39 21.24 19.13
CA PRO E 93 -13.70 22.55 19.76
C PRO E 93 -15.15 22.68 20.22
N LEU E 94 -16.06 21.82 19.75
CA LEU E 94 -17.46 21.92 20.17
C LEU E 94 -17.68 21.40 21.59
N CYS E 95 -16.67 20.78 22.20
CA CYS E 95 -16.77 20.29 23.58
C CYS E 95 -16.60 21.47 24.54
N VAL E 96 -17.68 22.23 24.72
CA VAL E 96 -17.68 23.44 25.52
C VAL E 96 -18.97 23.49 26.33
N THR E 97 -19.01 24.38 27.31
CA THR E 97 -20.20 24.54 28.13
C THR E 97 -21.36 25.06 27.30
N LEU E 98 -22.49 24.37 27.40
CA LEU E 98 -23.70 24.71 26.65
C LEU E 98 -24.76 25.23 27.61
N ASN E 99 -25.29 26.41 27.32
CA ASN E 99 -26.40 26.98 28.08
C ASN E 99 -27.68 26.54 27.40
N CYS E 100 -28.36 25.56 27.96
CA CYS E 100 -29.50 24.93 27.32
C CYS E 100 -30.80 25.30 28.02
N THR E 101 -31.85 25.49 27.23
CA THR E 101 -33.17 25.84 27.72
C THR E 101 -34.19 25.07 26.90
N ASN E 102 -35.47 25.20 27.29
CA ASN E 102 -36.54 24.52 26.59
C ASN E 102 -36.74 25.11 25.19
N VAL E 103 -37.21 24.26 24.28
CA VAL E 103 -37.48 24.68 22.91
C VAL E 103 -38.89 25.24 22.83
N THR E 104 -39.01 26.45 22.30
CA THR E 104 -40.31 27.07 22.13
C THR E 104 -41.13 26.33 21.07
N SER E 105 -42.45 26.33 21.25
CA SER E 105 -43.35 25.66 20.32
C SER E 105 -43.45 26.40 18.99
N VAL E 129 -46.48 24.19 23.66
CA VAL E 129 -46.19 22.81 24.04
C VAL E 129 -44.67 22.61 24.08
N ILE E 130 -44.22 21.73 24.96
CA ILE E 130 -42.80 21.42 25.10
C ILE E 130 -42.48 20.17 24.28
N ASN E 131 -41.41 20.25 23.49
CA ASN E 131 -41.00 19.12 22.66
C ASN E 131 -40.58 17.92 23.52
N GLU E 132 -39.88 18.18 24.63
CA GLU E 132 -39.35 17.19 25.57
C GLU E 132 -38.38 16.21 24.91
N ASP E 133 -37.83 16.55 23.75
CA ASP E 133 -36.84 15.73 23.08
C ASP E 133 -35.64 16.52 22.59
N MET E 134 -35.77 17.84 22.41
CA MET E 134 -34.66 18.71 22.03
C MET E 134 -34.56 19.86 23.01
N LYS E 135 -33.36 20.43 23.08
CA LYS E 135 -33.09 21.59 23.91
C LYS E 135 -32.36 22.63 23.08
N ASN E 136 -32.70 23.90 23.33
CA ASN E 136 -32.09 25.03 22.65
C ASN E 136 -30.84 25.42 23.44
N CYS E 137 -29.66 25.11 22.89
CA CYS E 137 -28.40 25.31 23.59
C CYS E 137 -27.59 26.40 22.87
N SER E 138 -27.18 27.41 23.62
CA SER E 138 -26.30 28.45 23.15
C SER E 138 -24.89 28.21 23.67
N PHE E 139 -23.90 28.51 22.84
CA PHE E 139 -22.50 28.28 23.19
C PHE E 139 -21.62 29.30 22.48
N ASN E 140 -20.45 29.53 23.06
CA ASN E 140 -19.47 30.42 22.48
C ASN E 140 -18.57 29.64 21.54
N ALA E 141 -18.55 30.03 20.27
CA ALA E 141 -17.73 29.40 19.25
C ALA E 141 -16.76 30.43 18.68
N THR E 142 -15.52 30.00 18.47
CA THR E 142 -14.51 30.89 17.90
C THR E 142 -14.83 31.19 16.44
N THR E 143 -14.53 32.41 16.02
CA THR E 143 -14.79 32.87 14.66
C THR E 143 -13.63 32.39 13.78
N GLU E 144 -13.50 32.93 12.57
CA GLU E 144 -12.38 32.60 11.69
C GLU E 144 -11.04 33.03 12.28
N ILE E 145 -11.04 33.95 13.24
CA ILE E 145 -9.86 34.32 14.01
C ILE E 145 -10.02 33.75 15.41
N ARG E 146 -8.98 33.09 15.91
CA ARG E 146 -9.05 32.43 17.21
C ARG E 146 -8.71 33.39 18.35
N ASP E 147 -9.31 34.57 18.35
CA ASP E 147 -9.19 35.51 19.46
C ASP E 147 -10.51 36.13 19.88
N ARG E 148 -11.56 36.03 19.06
CA ARG E 148 -12.89 36.49 19.41
C ARG E 148 -13.85 35.31 19.31
N LYS E 149 -14.86 35.29 20.17
CA LYS E 149 -15.83 34.20 20.23
C LYS E 149 -17.23 34.77 20.14
N LYS E 150 -18.04 34.21 19.27
CA LYS E 150 -19.43 34.64 19.07
C LYS E 150 -20.37 33.63 19.73
N GLU E 151 -21.47 34.16 20.26
CA GLU E 151 -22.45 33.34 20.98
C GLU E 151 -23.47 32.81 19.97
N MET E 152 -23.25 31.59 19.49
CA MET E 152 -24.18 30.94 18.57
C MET E 152 -25.14 30.05 19.35
N TYR E 153 -26.10 29.49 18.64
CA TYR E 153 -27.08 28.61 19.27
C TYR E 153 -27.51 27.54 18.28
N ALA E 154 -27.98 26.42 18.83
CA ALA E 154 -28.44 25.29 18.01
C ALA E 154 -29.39 24.44 18.84
N LEU E 155 -30.18 23.63 18.14
CA LEU E 155 -31.08 22.68 18.77
C LEU E 155 -30.42 21.32 18.84
N PHE E 156 -30.28 20.78 20.05
CA PHE E 156 -29.60 19.51 20.27
C PHE E 156 -30.55 18.52 20.93
N TYR E 157 -30.50 17.27 20.47
CA TYR E 157 -31.33 16.23 21.09
C TYR E 157 -30.85 15.94 22.50
N LYS E 158 -31.80 15.63 23.38
CA LYS E 158 -31.48 15.38 24.78
C LYS E 158 -30.67 14.11 24.99
N LEU E 159 -30.70 13.19 24.02
CA LEU E 159 -29.88 11.99 24.08
C LEU E 159 -28.42 12.26 23.75
N ASP E 160 -28.10 13.46 23.24
CA ASP E 160 -26.74 13.81 22.87
C ASP E 160 -26.06 14.74 23.86
N ILE E 161 -26.79 15.27 24.84
CA ILE E 161 -26.24 16.20 25.81
C ILE E 161 -26.40 15.60 27.20
N VAL E 162 -25.29 15.50 27.92
CA VAL E 162 -25.29 15.09 29.32
C VAL E 162 -25.18 16.36 30.18
N PRO E 163 -25.99 16.51 31.22
CA PRO E 163 -25.85 17.68 32.08
C PRO E 163 -24.54 17.65 32.87
N LEU E 164 -23.94 18.83 33.01
CA LEU E 164 -22.75 18.96 33.83
C LEU E 164 -23.10 18.79 35.30
N ASP E 165 -22.11 18.32 36.07
CA ASP E 165 -22.24 17.97 37.49
C ASP E 165 -23.33 16.92 37.70
N GLY E 166 -24.54 17.36 38.04
CA GLY E 166 -25.65 16.44 38.19
C GLY E 166 -26.42 16.64 39.47
N GLU E 167 -26.12 17.73 40.18
CA GLU E 167 -26.78 18.00 41.45
C GLU E 167 -27.45 19.38 41.49
N LYS E 168 -27.52 20.09 40.37
CA LYS E 168 -28.11 21.42 40.36
C LYS E 168 -28.79 21.66 39.02
N SER E 169 -29.79 22.53 39.03
CA SER E 169 -30.49 22.94 37.82
C SER E 169 -29.87 24.20 37.21
N ASP E 170 -28.58 24.13 36.93
CA ASP E 170 -27.83 25.28 36.41
C ASP E 170 -28.00 25.46 34.90
N ASN E 171 -28.71 24.55 34.23
CA ASN E 171 -28.94 24.57 32.79
C ASN E 171 -27.63 24.57 32.00
N ARG E 172 -26.61 23.89 32.52
CA ARG E 172 -25.32 23.75 31.86
C ARG E 172 -25.14 22.30 31.46
N TYR E 173 -24.94 22.07 30.16
CA TYR E 173 -24.85 20.74 29.58
C TYR E 173 -23.55 20.64 28.78
N ARG E 174 -23.29 19.44 28.26
CA ARG E 174 -22.15 19.23 27.37
C ARG E 174 -22.48 18.05 26.46
N LEU E 175 -21.67 17.88 25.43
CA LEU E 175 -21.86 16.73 24.54
C LEU E 175 -21.54 15.44 25.27
N ILE E 176 -22.17 14.35 24.81
CA ILE E 176 -22.18 13.10 25.59
C ILE E 176 -20.79 12.48 25.66
N ASN E 177 -20.09 12.40 24.53
CA ASN E 177 -18.73 11.87 24.50
C ASN E 177 -17.70 12.99 24.39
N CYS E 178 -17.65 13.83 25.41
CA CYS E 178 -16.58 14.81 25.57
C CYS E 178 -15.47 14.30 26.48
N ASN E 179 -15.57 13.06 26.96
CA ASN E 179 -14.65 12.52 27.95
C ASN E 179 -14.25 11.07 27.67
N THR E 180 -14.66 10.51 26.52
CA THR E 180 -14.29 9.15 26.17
C THR E 180 -13.44 9.10 24.90
N SER E 181 -13.87 9.74 23.82
CA SER E 181 -13.14 9.71 22.57
C SER E 181 -13.39 11.02 21.83
N THR E 182 -13.05 11.04 20.55
CA THR E 182 -13.22 12.23 19.71
C THR E 182 -14.38 12.01 18.76
N ILE E 183 -14.99 13.11 18.31
CA ILE E 183 -16.09 13.09 17.37
C ILE E 183 -15.62 13.70 16.05
N THR E 184 -15.88 13.02 14.95
CA THR E 184 -15.66 13.58 13.62
C THR E 184 -17.00 13.67 12.93
N GLN E 185 -17.47 14.91 12.73
CA GLN E 185 -18.77 15.15 12.12
C GLN E 185 -18.80 14.68 10.67
N ALA E 186 -19.92 14.07 10.29
CA ALA E 186 -20.05 13.52 8.94
C ALA E 186 -20.02 14.62 7.90
N CYS E 187 -19.30 14.36 6.82
CA CYS E 187 -19.01 15.39 5.82
C CYS E 187 -20.31 15.84 5.16
N PRO E 188 -20.42 17.11 4.76
CA PRO E 188 -21.75 17.67 4.42
C PRO E 188 -22.44 17.00 3.23
N LYS E 189 -21.69 16.30 2.38
CA LYS E 189 -22.25 15.67 1.19
C LYS E 189 -22.58 14.19 1.41
N VAL E 190 -22.14 13.60 2.52
CA VAL E 190 -22.13 12.15 2.67
C VAL E 190 -23.55 11.60 2.73
N SER E 191 -23.71 10.35 2.28
CA SER E 191 -25.01 9.68 2.21
C SER E 191 -24.89 8.27 2.76
N PHE E 192 -25.98 7.77 3.33
CA PHE E 192 -26.01 6.46 3.96
C PHE E 192 -26.87 5.45 3.20
N ASP E 193 -27.09 5.68 1.91
CA ASP E 193 -27.91 4.78 1.11
C ASP E 193 -27.12 3.50 0.80
N PRO E 194 -27.59 2.33 1.21
CA PRO E 194 -26.85 1.10 0.89
C PRO E 194 -26.95 0.74 -0.59
N ILE E 195 -25.89 0.13 -1.10
CA ILE E 195 -25.85 -0.36 -2.47
C ILE E 195 -25.45 -1.84 -2.42
N PRO E 196 -25.85 -2.65 -3.39
CA PRO E 196 -25.43 -4.06 -3.38
C PRO E 196 -23.93 -4.21 -3.55
N ILE E 197 -23.37 -5.16 -2.81
CA ILE E 197 -21.93 -5.45 -2.85
C ILE E 197 -21.77 -6.92 -3.20
N HIS E 198 -21.12 -7.19 -4.32
CA HIS E 198 -20.92 -8.56 -4.82
C HIS E 198 -19.53 -9.01 -4.39
N TYR E 199 -19.47 -9.82 -3.33
CA TYR E 199 -18.21 -10.39 -2.90
C TYR E 199 -17.75 -11.45 -3.90
N CYS E 200 -16.59 -11.24 -4.51
CA CYS E 200 -16.06 -12.13 -5.52
C CYS E 200 -14.81 -12.82 -5.01
N THR E 201 -14.67 -14.06 -5.36
CA THR E 201 -13.58 -14.92 -4.95
C THR E 201 -12.50 -14.95 -6.03
N PRO E 202 -11.23 -15.11 -5.67
CA PRO E 202 -10.15 -15.02 -6.66
C PRO E 202 -10.08 -16.25 -7.55
N ALA E 203 -9.08 -16.21 -8.43
CA ALA E 203 -8.75 -17.38 -9.25
C ALA E 203 -8.22 -18.50 -8.39
N GLY E 204 -8.53 -19.73 -8.78
CA GLY E 204 -8.20 -20.89 -7.99
C GLY E 204 -9.15 -21.16 -6.84
N PHE E 205 -10.18 -20.33 -6.67
CA PHE E 205 -11.17 -20.51 -5.63
C PHE E 205 -12.54 -20.24 -6.23
N ALA E 206 -13.57 -20.85 -5.65
CA ALA E 206 -14.94 -20.67 -6.13
C ALA E 206 -15.86 -20.43 -4.94
N ILE E 207 -17.10 -20.06 -5.21
CA ILE E 207 -18.11 -19.90 -4.17
C ILE E 207 -19.20 -20.93 -4.42
N LEU E 208 -19.52 -21.72 -3.40
CA LEU E 208 -20.60 -22.68 -3.47
C LEU E 208 -21.83 -22.09 -2.79
N LYS E 209 -22.95 -22.10 -3.51
CA LYS E 209 -24.24 -21.61 -3.05
C LYS E 209 -25.20 -22.78 -2.91
N CYS E 210 -25.85 -22.87 -1.76
CA CYS E 210 -26.80 -23.95 -1.49
C CYS E 210 -28.19 -23.51 -1.92
N ASN E 211 -28.69 -24.12 -3.00
CA ASN E 211 -29.99 -23.77 -3.57
C ASN E 211 -31.15 -24.48 -2.89
N ASN E 212 -30.88 -25.33 -1.90
CA ASN E 212 -31.91 -26.00 -1.12
C ASN E 212 -32.77 -24.96 -0.42
N LYS E 213 -34.06 -24.92 -0.77
CA LYS E 213 -34.97 -23.89 -0.26
C LYS E 213 -35.36 -24.13 1.19
N THR E 214 -35.25 -25.36 1.66
CA THR E 214 -35.62 -25.75 3.02
C THR E 214 -34.44 -25.57 3.99
N PHE E 215 -33.26 -25.26 3.45
CA PHE E 215 -31.99 -25.35 4.18
C PHE E 215 -31.97 -24.46 5.41
N ASN E 216 -31.56 -25.05 6.53
CA ASN E 216 -31.71 -24.46 7.85
C ASN E 216 -30.42 -23.78 8.35
N GLY E 217 -29.44 -23.61 7.47
CA GLY E 217 -28.23 -22.89 7.79
C GLY E 217 -26.99 -23.74 7.97
N THR E 218 -27.15 -25.03 8.25
CA THR E 218 -26.00 -25.90 8.46
C THR E 218 -26.36 -27.32 8.07
N GLY E 219 -25.34 -28.12 7.80
CA GLY E 219 -25.53 -29.51 7.46
C GLY E 219 -25.41 -29.77 5.97
N PRO E 220 -25.99 -30.89 5.52
CA PRO E 220 -25.86 -31.26 4.11
C PRO E 220 -26.73 -30.42 3.20
N CYS E 221 -26.32 -30.36 1.93
CA CYS E 221 -27.06 -29.67 0.88
C CYS E 221 -26.87 -30.45 -0.40
N ASN E 222 -27.97 -30.97 -0.97
CA ASN E 222 -27.91 -31.84 -2.13
C ASN E 222 -27.99 -31.10 -3.46
N ASN E 223 -28.28 -29.80 -3.44
CA ASN E 223 -28.35 -28.99 -4.65
C ASN E 223 -27.46 -27.77 -4.40
N VAL E 224 -26.21 -27.85 -4.84
CA VAL E 224 -25.22 -26.80 -4.61
C VAL E 224 -24.63 -26.40 -5.96
N SER E 225 -24.53 -25.10 -6.20
CA SER E 225 -24.05 -24.56 -7.47
C SER E 225 -22.80 -23.72 -7.25
N THR E 226 -21.93 -23.70 -8.25
CA THR E 226 -20.72 -22.89 -8.16
C THR E 226 -20.93 -21.55 -8.87
N VAL E 227 -20.47 -20.48 -8.21
CA VAL E 227 -20.61 -19.12 -8.68
C VAL E 227 -19.27 -18.42 -8.47
N GLN E 228 -19.07 -17.33 -9.22
CA GLN E 228 -17.92 -16.44 -9.11
C GLN E 228 -18.11 -15.31 -8.09
N CYS E 229 -19.31 -14.76 -7.99
CA CYS E 229 -19.59 -13.63 -7.10
C CYS E 229 -20.93 -13.84 -6.42
N THR E 230 -21.17 -13.11 -5.33
CA THR E 230 -22.40 -13.25 -4.58
C THR E 230 -23.53 -12.48 -5.26
N HIS E 231 -24.67 -12.35 -4.57
CA HIS E 231 -25.88 -11.78 -5.14
C HIS E 231 -26.03 -10.28 -4.86
N GLY E 232 -24.95 -9.60 -4.51
CA GLY E 232 -25.05 -8.18 -4.19
C GLY E 232 -25.73 -7.91 -2.87
N ILE E 233 -25.07 -8.27 -1.78
CA ILE E 233 -25.66 -8.12 -0.45
C ILE E 233 -25.64 -6.66 -0.04
N LYS E 234 -26.81 -6.13 0.31
CA LYS E 234 -26.90 -4.77 0.82
C LYS E 234 -26.43 -4.72 2.28
N PRO E 235 -25.49 -3.85 2.62
CA PRO E 235 -25.00 -3.76 4.02
C PRO E 235 -25.90 -2.90 4.90
N VAL E 236 -27.09 -3.42 5.19
CA VAL E 236 -28.06 -2.71 6.01
C VAL E 236 -27.72 -2.92 7.48
N VAL E 237 -27.57 -1.82 8.21
CA VAL E 237 -27.24 -1.86 9.63
C VAL E 237 -28.53 -1.73 10.42
N SER E 238 -28.88 -2.76 11.17
CA SER E 238 -30.12 -2.77 11.95
C SER E 238 -29.97 -3.71 13.13
N THR E 239 -30.76 -3.43 14.17
CA THR E 239 -30.82 -4.25 15.38
C THR E 239 -32.25 -4.69 15.61
N GLN E 240 -32.40 -5.95 16.04
CA GLN E 240 -33.66 -6.65 16.37
C GLN E 240 -34.51 -6.97 15.15
N LEU E 241 -34.14 -6.47 13.99
CA LEU E 241 -34.93 -6.63 12.78
C LEU E 241 -33.99 -6.67 11.59
N LEU E 242 -34.48 -7.26 10.50
CA LEU E 242 -33.71 -7.39 9.27
C LEU E 242 -34.41 -6.59 8.18
N LEU E 243 -33.76 -5.52 7.72
CA LEU E 243 -34.33 -4.60 6.75
C LEU E 243 -33.72 -4.82 5.38
N ASN E 244 -34.58 -4.91 4.36
CA ASN E 244 -34.20 -5.01 2.95
C ASN E 244 -33.30 -6.22 2.69
N GLY E 245 -33.67 -7.35 3.29
CA GLY E 245 -32.91 -8.57 3.10
C GLY E 245 -33.57 -9.54 2.15
N SER E 246 -32.85 -10.57 1.75
CA SER E 246 -33.41 -11.60 0.89
C SER E 246 -34.43 -12.43 1.65
N LEU E 247 -35.53 -12.77 0.98
CA LEU E 247 -36.60 -13.53 1.60
C LEU E 247 -36.34 -15.03 1.48
N ALA E 248 -37.14 -15.81 2.20
CA ALA E 248 -37.11 -17.26 2.10
C ALA E 248 -37.93 -17.69 0.88
N GLU E 249 -38.03 -18.99 0.65
CA GLU E 249 -38.72 -19.49 -0.54
C GLU E 249 -39.95 -20.32 -0.21
N GLU E 250 -39.85 -21.27 0.72
CA GLU E 250 -40.97 -22.15 1.05
C GLU E 250 -41.67 -21.71 2.33
N ASP E 251 -40.95 -21.68 3.45
CA ASP E 251 -41.54 -21.41 4.76
C ASP E 251 -40.57 -20.62 5.61
N ILE E 252 -40.94 -20.40 6.87
CA ILE E 252 -40.05 -19.75 7.81
C ILE E 252 -38.92 -20.68 8.18
N ILE E 253 -37.69 -20.17 8.15
CA ILE E 253 -36.49 -20.95 8.42
C ILE E 253 -35.85 -20.40 9.69
N ILE E 254 -35.86 -21.20 10.75
CA ILE E 254 -35.23 -20.82 12.01
C ILE E 254 -33.80 -21.34 12.00
N ARG E 255 -32.85 -20.45 12.29
CA ARG E 255 -31.43 -20.77 12.23
C ARG E 255 -30.78 -20.42 13.55
N SER E 256 -30.04 -21.37 14.11
CA SER E 256 -29.34 -21.18 15.38
C SER E 256 -28.14 -22.11 15.41
N GLU E 257 -27.05 -21.64 16.00
CA GLU E 257 -25.86 -22.48 16.15
C GLU E 257 -26.14 -23.63 17.10
N ASN E 258 -26.86 -23.36 18.19
CA ASN E 258 -27.15 -24.38 19.19
C ASN E 258 -28.41 -23.93 19.94
N LEU E 259 -29.54 -24.58 19.64
CA LEU E 259 -30.83 -24.13 20.16
C LEU E 259 -30.93 -24.32 21.67
N THR E 260 -30.37 -25.40 22.19
CA THR E 260 -30.45 -25.66 23.62
C THR E 260 -29.56 -24.72 24.42
N ASN E 261 -28.61 -24.05 23.76
CA ASN E 261 -27.86 -22.97 24.38
C ASN E 261 -28.65 -21.68 24.25
N ASN E 262 -28.82 -20.97 25.37
CA ASN E 262 -29.59 -19.75 25.39
C ASN E 262 -28.78 -18.52 24.97
N ALA E 263 -27.46 -18.65 24.84
CA ALA E 263 -26.64 -17.51 24.45
C ALA E 263 -26.64 -17.28 22.95
N LYS E 264 -26.92 -18.33 22.16
CA LYS E 264 -26.94 -18.19 20.71
C LYS E 264 -28.17 -17.41 20.26
N THR E 265 -27.98 -16.56 19.26
CA THR E 265 -29.06 -15.71 18.75
C THR E 265 -29.75 -16.41 17.60
N ILE E 266 -31.06 -16.61 17.73
CA ILE E 266 -31.85 -17.21 16.66
C ILE E 266 -32.10 -16.18 15.58
N ILE E 267 -31.82 -16.56 14.34
CA ILE E 267 -32.04 -15.70 13.18
C ILE E 267 -33.25 -16.27 12.44
N VAL E 268 -34.43 -15.75 12.75
CA VAL E 268 -35.65 -16.17 12.06
C VAL E 268 -35.65 -15.56 10.65
N HIS E 269 -35.89 -16.41 9.65
CA HIS E 269 -35.91 -15.97 8.25
C HIS E 269 -37.35 -16.06 7.74
N LEU E 270 -37.96 -14.91 7.51
CA LEU E 270 -39.33 -14.87 7.03
C LEU E 270 -39.39 -15.16 5.53
N ASN E 271 -40.55 -15.65 5.09
CA ASN E 271 -40.80 -15.87 3.68
C ASN E 271 -41.66 -14.79 3.04
N GLU E 272 -42.37 -14.01 3.84
CA GLU E 272 -43.19 -12.88 3.37
C GLU E 272 -42.75 -11.64 4.14
N SER E 273 -42.03 -10.74 3.46
CA SER E 273 -41.57 -9.52 4.10
C SER E 273 -42.76 -8.61 4.40
N VAL E 274 -42.67 -7.89 5.53
CA VAL E 274 -43.74 -7.02 5.99
C VAL E 274 -43.30 -5.58 5.79
N GLU E 275 -44.17 -4.77 5.19
CA GLU E 275 -43.85 -3.38 4.91
C GLU E 275 -43.94 -2.56 6.20
N ILE E 276 -42.89 -1.80 6.49
CA ILE E 276 -42.85 -0.88 7.62
C ILE E 276 -42.51 0.51 7.09
N VAL E 277 -43.36 1.49 7.43
CA VAL E 277 -43.21 2.86 6.96
C VAL E 277 -42.83 3.72 8.16
N CYS E 278 -41.69 4.38 8.07
CA CYS E 278 -41.18 5.22 9.14
C CYS E 278 -41.05 6.66 8.65
N THR E 279 -41.28 7.61 9.56
CA THR E 279 -41.33 9.00 9.17
C THR E 279 -40.92 9.89 10.33
N ARG E 280 -40.46 11.09 9.97
CA ARG E 280 -40.22 12.19 10.90
C ARG E 280 -41.01 13.37 10.37
N PRO E 281 -42.26 13.55 10.83
CA PRO E 281 -43.13 14.57 10.23
C PRO E 281 -42.70 16.01 10.51
N ASN E 282 -41.78 16.22 11.46
CA ASN E 282 -41.33 17.57 11.76
C ASN E 282 -40.47 18.12 10.63
N ASN E 283 -40.69 19.39 10.29
CA ASN E 283 -39.90 20.11 9.30
C ASN E 283 -38.84 20.92 10.04
N MET E 284 -37.58 20.69 9.71
CA MET E 284 -36.47 21.24 10.49
C MET E 284 -35.54 22.05 9.60
N THR E 285 -34.96 23.10 10.16
CA THR E 285 -34.12 24.03 9.42
C THR E 285 -32.64 23.76 9.72
N ARG E 286 -31.79 24.00 8.72
CA ARG E 286 -30.36 23.78 8.82
C ARG E 286 -29.61 25.11 8.74
N LYS E 287 -28.65 25.30 9.66
CA LYS E 287 -27.86 26.51 9.71
C LYS E 287 -26.39 26.16 9.89
N SER E 288 -25.52 26.84 9.15
CA SER E 288 -24.09 26.63 9.28
C SER E 288 -23.53 27.43 10.44
N ILE E 289 -22.71 26.78 11.27
CA ILE E 289 -22.09 27.39 12.44
C ILE E 289 -20.59 27.22 12.33
N ARG E 290 -19.85 28.32 12.50
CA ARG E 290 -18.39 28.30 12.45
C ARG E 290 -17.84 28.03 13.85
N ILE E 291 -17.16 26.89 13.99
CA ILE E 291 -16.56 26.53 15.28
C ILE E 291 -15.08 26.86 15.37
N GLY E 292 -14.46 27.26 14.27
CA GLY E 292 -13.05 27.59 14.26
C GLY E 292 -12.56 28.03 12.90
N PRO E 293 -11.27 28.35 12.81
CA PRO E 293 -10.70 28.74 11.51
C PRO E 293 -10.63 27.57 10.54
N GLY E 294 -11.44 27.62 9.49
CA GLY E 294 -11.49 26.55 8.52
C GLY E 294 -12.34 25.36 8.92
N GLN E 295 -13.03 25.43 10.06
CA GLN E 295 -13.87 24.35 10.54
C GLN E 295 -15.30 24.87 10.68
N THR E 296 -16.23 24.22 10.01
CA THR E 296 -17.64 24.59 10.09
C THR E 296 -18.49 23.34 9.99
N PHE E 297 -19.61 23.35 10.70
CA PHE E 297 -20.52 22.20 10.72
C PHE E 297 -21.95 22.70 10.64
N TYR E 298 -22.83 21.82 10.18
CA TYR E 298 -24.25 22.14 10.04
C TYR E 298 -25.00 21.68 11.29
N ALA E 299 -25.91 22.52 11.76
CA ALA E 299 -26.66 22.23 12.99
C ALA E 299 -28.11 22.62 12.81
N LEU E 300 -28.96 22.03 13.66
CA LEU E 300 -30.38 22.34 13.61
C LEU E 300 -30.65 23.73 14.16
N ASN E 301 -31.59 24.43 13.53
CA ASN E 301 -31.89 25.81 13.87
C ASN E 301 -33.31 26.00 14.38
N ASP E 302 -34.32 25.56 13.65
CA ASP E 302 -35.70 25.83 14.01
C ASP E 302 -36.59 24.71 13.51
N ILE E 303 -37.78 24.64 14.10
CA ILE E 303 -38.81 23.66 13.73
C ILE E 303 -39.99 24.43 13.16
N ILE E 304 -40.28 24.22 11.88
CA ILE E 304 -41.35 24.90 11.19
C ILE E 304 -42.61 24.05 11.28
N GLY E 305 -43.70 24.65 11.77
CA GLY E 305 -44.96 23.94 11.88
C GLY E 305 -45.16 23.32 13.26
N ASP E 306 -46.13 22.42 13.31
CA ASP E 306 -46.47 21.75 14.56
C ASP E 306 -45.43 20.68 14.89
N ILE E 307 -45.48 20.20 16.13
CA ILE E 307 -44.53 19.22 16.64
C ILE E 307 -45.25 17.89 16.77
N ARG E 308 -44.82 16.89 16.01
CA ARG E 308 -45.33 15.54 16.09
C ARG E 308 -44.16 14.57 16.28
N GLN E 309 -44.37 13.59 17.16
CA GLN E 309 -43.31 12.62 17.45
C GLN E 309 -43.12 11.67 16.27
N ALA E 310 -41.84 11.43 15.93
CA ALA E 310 -41.52 10.48 14.87
C ALA E 310 -41.90 9.07 15.29
N HIS E 311 -42.44 8.31 14.34
CA HIS E 311 -43.00 6.99 14.64
C HIS E 311 -42.97 6.13 13.39
N CYS E 312 -43.15 4.82 13.60
CA CYS E 312 -43.23 3.84 12.53
C CYS E 312 -44.56 3.12 12.58
N ASN E 313 -45.05 2.73 11.42
CA ASN E 313 -46.34 2.05 11.29
C ASN E 313 -46.12 0.66 10.68
N ILE E 314 -46.63 -0.36 11.36
CA ILE E 314 -46.60 -1.74 10.90
C ILE E 314 -48.02 -2.26 10.95
N SER E 315 -48.46 -2.92 9.87
CA SER E 315 -49.82 -3.45 9.80
C SER E 315 -50.03 -4.51 10.88
N GLU E 316 -51.16 -4.41 11.59
CA GLU E 316 -51.42 -5.29 12.71
C GLU E 316 -51.68 -6.72 12.24
N GLU E 317 -52.42 -6.89 11.15
CA GLU E 317 -52.75 -8.23 10.68
C GLU E 317 -51.52 -8.94 10.11
N LYS E 318 -50.67 -8.23 9.36
CA LYS E 318 -49.46 -8.84 8.82
C LYS E 318 -48.50 -9.25 9.95
N TRP E 319 -48.37 -8.42 10.98
CA TRP E 319 -47.53 -8.78 12.12
C TRP E 319 -48.15 -9.93 12.91
N ASN E 320 -49.48 -10.01 12.95
CA ASN E 320 -50.14 -11.15 13.58
C ASN E 320 -49.84 -12.44 12.81
N ASN E 321 -49.85 -12.35 11.47
CA ASN E 321 -49.47 -13.50 10.63
C ASN E 321 -48.04 -13.93 10.90
N THR E 322 -47.11 -12.96 10.95
CA THR E 322 -45.71 -13.27 11.17
C THR E 322 -45.47 -13.88 12.54
N LEU E 323 -46.10 -13.31 13.58
CA LEU E 323 -45.92 -13.84 14.93
C LEU E 323 -46.54 -15.22 15.08
N HIS E 324 -47.69 -15.46 14.44
CA HIS E 324 -48.31 -16.78 14.51
C HIS E 324 -47.44 -17.83 13.83
N ARG E 325 -46.91 -17.52 12.64
CA ARG E 325 -46.05 -18.47 11.94
C ARG E 325 -44.74 -18.71 12.70
N VAL E 326 -44.16 -17.65 13.28
CA VAL E 326 -42.94 -17.78 14.06
C VAL E 326 -43.19 -18.64 15.28
N TRP E 327 -44.34 -18.45 15.95
CA TRP E 327 -44.66 -19.27 17.12
C TRP E 327 -44.87 -20.73 16.73
N LYS E 328 -45.49 -20.98 15.57
CA LYS E 328 -45.68 -22.36 15.12
C LYS E 328 -44.34 -23.04 14.84
N LYS E 329 -43.41 -22.33 14.19
CA LYS E 329 -42.09 -22.90 13.94
C LYS E 329 -41.31 -23.10 15.24
N LEU E 330 -41.44 -22.18 16.19
CA LEU E 330 -40.74 -22.32 17.46
C LEU E 330 -41.36 -23.43 18.30
N VAL E 331 -42.66 -23.71 18.12
CA VAL E 331 -43.27 -24.86 18.76
C VAL E 331 -42.75 -26.15 18.14
N GLU E 332 -42.56 -26.15 16.81
CA GLU E 332 -41.97 -27.31 16.14
C GLU E 332 -40.54 -27.56 16.61
N HIS E 333 -39.77 -26.51 16.83
CA HIS E 333 -38.39 -26.66 17.28
C HIS E 333 -38.26 -26.85 18.79
N PHE E 334 -39.29 -26.56 19.56
CA PHE E 334 -39.26 -26.69 21.03
C PHE E 334 -40.50 -27.46 21.47
N PRO E 335 -40.43 -28.78 21.48
CA PRO E 335 -41.57 -29.58 21.93
C PRO E 335 -41.75 -29.51 23.44
N ASN E 336 -42.95 -29.91 23.87
CA ASN E 336 -43.39 -30.03 25.26
C ASN E 336 -43.47 -28.70 25.99
N LYS E 337 -43.34 -27.56 25.32
CA LYS E 337 -43.46 -26.25 25.94
C LYS E 337 -44.88 -25.76 25.72
N THR E 338 -45.64 -25.62 26.81
CA THR E 338 -47.05 -25.24 26.70
C THR E 338 -47.21 -23.79 26.27
N THR E 339 -46.49 -22.88 26.90
CA THR E 339 -46.65 -21.45 26.65
C THR E 339 -45.36 -20.87 26.08
N ILE E 340 -45.49 -19.99 25.10
CA ILE E 340 -44.39 -19.23 24.53
C ILE E 340 -44.77 -17.76 24.56
N ARG E 341 -43.95 -16.95 25.22
CA ARG E 341 -44.24 -15.54 25.41
C ARG E 341 -43.24 -14.70 24.61
N PHE E 342 -43.76 -13.73 23.87
CA PHE E 342 -42.92 -12.73 23.21
C PHE E 342 -43.06 -11.43 24.00
N ASP E 343 -41.98 -11.06 24.69
CA ASP E 343 -41.90 -9.87 25.53
C ASP E 343 -40.85 -8.93 24.98
N ARG E 344 -40.70 -7.78 25.62
CA ARG E 344 -39.75 -6.77 25.18
C ARG E 344 -38.33 -7.15 25.58
N HIS E 345 -37.39 -6.29 25.22
CA HIS E 345 -35.99 -6.50 25.57
C HIS E 345 -35.79 -6.31 27.08
N SER E 346 -34.73 -6.93 27.60
CA SER E 346 -34.47 -6.89 29.04
C SER E 346 -34.06 -5.49 29.49
N GLY E 347 -32.95 -5.00 28.98
CA GLY E 347 -32.47 -3.69 29.35
C GLY E 347 -31.07 -3.45 28.84
N GLY E 348 -30.59 -2.24 29.10
CA GLY E 348 -29.28 -1.81 28.64
C GLY E 348 -29.30 -0.44 27.99
N ASP E 349 -28.32 -0.16 27.15
CA ASP E 349 -28.27 1.12 26.45
C ASP E 349 -29.32 1.17 25.34
N LEU E 350 -29.58 2.39 24.86
CA LEU E 350 -30.62 2.60 23.86
C LEU E 350 -30.30 1.95 22.51
N GLU E 351 -29.02 1.72 22.23
CA GLU E 351 -28.63 1.14 20.94
C GLU E 351 -29.00 -0.33 20.81
N ILE E 352 -29.31 -1.01 21.91
CA ILE E 352 -29.60 -2.44 21.87
C ILE E 352 -31.04 -2.68 22.28
N THR E 353 -31.58 -1.83 23.16
CA THR E 353 -32.94 -1.99 23.64
C THR E 353 -34.00 -1.60 22.61
N THR E 354 -33.63 -0.84 21.58
CA THR E 354 -34.58 -0.36 20.58
C THR E 354 -34.12 -0.78 19.20
N HIS E 355 -35.08 -0.83 18.27
CA HIS E 355 -34.79 -1.08 16.86
C HIS E 355 -34.05 0.13 16.30
N SER E 356 -32.76 -0.03 16.02
CA SER E 356 -31.91 1.05 15.56
C SER E 356 -31.65 0.88 14.07
N PHE E 357 -31.94 1.91 13.30
CA PHE E 357 -31.72 1.86 11.85
C PHE E 357 -31.47 3.30 11.36
N ASN E 358 -31.42 3.46 10.04
CA ASN E 358 -31.12 4.76 9.44
C ASN E 358 -32.11 4.93 8.30
N CYS E 359 -32.91 5.98 8.37
CA CYS E 359 -33.87 6.35 7.33
C CYS E 359 -33.51 7.73 6.81
N GLY E 360 -33.17 7.80 5.51
CA GLY E 360 -32.92 9.06 4.83
C GLY E 360 -31.78 9.87 5.41
N GLY E 361 -30.73 9.21 5.88
CA GLY E 361 -29.63 9.89 6.52
C GLY E 361 -29.84 10.23 7.98
N GLU E 362 -30.98 9.86 8.57
CA GLU E 362 -31.26 10.15 9.97
C GLU E 362 -31.38 8.85 10.75
N PHE E 363 -30.73 8.80 11.90
CA PHE E 363 -30.69 7.58 12.70
C PHE E 363 -31.91 7.51 13.61
N PHE E 364 -32.64 6.40 13.53
CA PHE E 364 -33.86 6.20 14.29
C PHE E 364 -33.68 5.07 15.30
N TYR E 365 -34.23 5.27 16.49
CA TYR E 365 -34.23 4.29 17.57
C TYR E 365 -35.67 4.13 18.02
N CYS E 366 -36.29 3.01 17.65
CA CYS E 366 -37.73 2.82 17.79
C CYS E 366 -38.04 1.77 18.86
N ASN E 367 -38.91 2.14 19.79
CA ASN E 367 -39.35 1.24 20.85
C ASN E 367 -40.18 0.09 20.27
N THR E 368 -39.83 -1.14 20.63
CA THR E 368 -40.49 -2.33 20.11
C THR E 368 -41.30 -3.06 21.17
N SER E 369 -41.79 -2.35 22.18
CA SER E 369 -42.60 -3.00 23.21
C SER E 369 -43.97 -3.38 22.67
N GLY E 370 -44.51 -2.61 21.72
CA GLY E 370 -45.81 -2.91 21.14
C GLY E 370 -45.79 -4.08 20.18
N LEU E 371 -44.63 -4.40 19.61
CA LEU E 371 -44.54 -5.51 18.66
C LEU E 371 -44.44 -6.85 19.40
N PHE E 372 -43.39 -7.02 20.19
CA PHE E 372 -43.18 -8.26 20.93
C PHE E 372 -43.89 -8.19 22.27
N ASN E 373 -45.21 -8.40 22.22
CA ASN E 373 -46.04 -8.45 23.42
C ASN E 373 -47.21 -9.39 23.13
N ILE E 374 -47.03 -10.67 23.47
CA ILE E 374 -48.06 -11.69 23.23
C ILE E 374 -47.69 -12.93 24.03
N THR E 375 -48.70 -13.73 24.36
CA THR E 375 -48.50 -15.06 24.95
C THR E 375 -49.30 -16.06 24.14
N TYR E 376 -48.64 -17.07 23.59
CA TYR E 376 -49.27 -18.09 22.78
C TYR E 376 -49.23 -19.44 23.51
N ASN E 377 -50.37 -20.12 23.56
CA ASN E 377 -50.44 -21.45 24.16
C ASN E 377 -50.89 -22.44 23.10
N SER E 378 -50.57 -23.72 23.33
CA SER E 378 -50.91 -24.76 22.37
C SER E 378 -52.36 -25.18 22.42
N ASN E 379 -53.13 -24.72 23.41
CA ASN E 379 -54.52 -25.16 23.58
C ASN E 379 -55.54 -24.23 22.93
N TYR E 380 -55.10 -23.14 22.28
CA TYR E 380 -55.99 -22.30 21.50
C TYR E 380 -55.63 -22.38 20.02
N THR E 381 -56.66 -22.48 19.18
CA THR E 381 -56.44 -22.51 17.73
C THR E 381 -55.96 -21.16 17.21
N TYR E 382 -56.34 -20.07 17.89
CA TYR E 382 -56.01 -18.69 17.54
C TYR E 382 -56.55 -18.28 16.18
N ASN E 383 -57.58 -18.97 15.71
CA ASN E 383 -58.32 -18.70 14.47
C ASN E 383 -57.36 -18.71 13.28
N ASP E 384 -57.62 -17.86 12.28
CA ASP E 384 -56.70 -17.66 11.18
C ASP E 384 -56.17 -16.23 11.14
N THR E 385 -56.37 -15.47 12.24
CA THR E 385 -56.01 -14.05 12.33
C THR E 385 -56.56 -13.24 11.14
N LYS E 386 -57.80 -13.54 10.79
CA LYS E 386 -58.52 -12.95 9.66
C LYS E 386 -59.26 -11.70 10.12
N HIS E 387 -60.34 -11.35 9.41
CA HIS E 387 -61.22 -10.20 9.62
C HIS E 387 -60.57 -8.87 9.29
N ASN E 388 -59.63 -8.85 8.34
CA ASN E 388 -58.99 -7.68 7.72
C ASN E 388 -58.64 -6.55 8.68
N GLY E 389 -58.80 -5.31 8.25
CA GLY E 389 -58.56 -4.18 9.11
C GLY E 389 -57.37 -3.36 8.64
N THR E 390 -57.44 -2.05 8.88
CA THR E 390 -56.38 -1.11 8.53
C THR E 390 -55.62 -0.62 9.76
N LYS E 391 -55.87 -1.23 10.92
CA LYS E 391 -55.20 -0.81 12.15
C LYS E 391 -53.71 -1.08 12.08
N VAL E 392 -52.93 -0.11 12.55
CA VAL E 392 -51.47 -0.19 12.53
C VAL E 392 -50.95 -0.07 13.96
N ILE E 393 -49.67 -0.37 14.14
CA ILE E 393 -48.99 -0.27 15.42
C ILE E 393 -48.07 0.94 15.35
N THR E 394 -48.40 1.98 16.10
CA THR E 394 -47.62 3.22 16.12
C THR E 394 -46.54 3.08 17.20
N LEU E 395 -45.37 2.62 16.80
CA LEU E 395 -44.25 2.50 17.73
C LEU E 395 -43.47 3.81 17.77
N PRO E 396 -43.34 4.45 18.93
CA PRO E 396 -42.63 5.73 18.99
C PRO E 396 -41.13 5.54 18.75
N CYS E 397 -40.51 6.59 18.20
CA CYS E 397 -39.10 6.56 17.87
C CYS E 397 -38.42 7.84 18.33
N ARG E 398 -37.12 7.73 18.60
CA ARG E 398 -36.28 8.86 18.97
C ARG E 398 -35.13 8.97 18.00
N ILE E 399 -34.52 10.15 17.93
CA ILE E 399 -33.47 10.44 16.96
C ILE E 399 -32.24 10.93 17.70
N LYS E 400 -31.09 10.33 17.40
CA LYS E 400 -29.80 10.78 17.88
C LYS E 400 -28.97 11.32 16.72
N GLN E 401 -27.97 12.12 17.06
CA GLN E 401 -26.98 12.59 16.10
C GLN E 401 -25.57 12.16 16.44
N ILE E 402 -25.24 12.02 17.71
CA ILE E 402 -23.94 11.48 18.11
C ILE E 402 -24.01 9.97 18.04
N ILE E 403 -23.63 9.42 16.89
CA ILE E 403 -23.78 7.99 16.62
C ILE E 403 -22.45 7.29 16.88
N ASN E 404 -22.47 6.30 17.76
CA ASN E 404 -21.27 5.52 18.08
C ASN E 404 -21.61 4.03 17.98
N MET E 405 -21.53 3.50 16.76
CA MET E 405 -21.68 2.08 16.50
C MET E 405 -20.33 1.48 16.12
N TRP E 406 -20.15 0.19 16.45
CA TRP E 406 -18.88 -0.51 16.32
C TRP E 406 -17.77 0.21 17.08
N GLN E 407 -17.93 0.17 18.42
CA GLN E 407 -17.20 1.04 19.34
C GLN E 407 -15.70 0.80 19.35
N GLU E 408 -15.22 -0.30 18.74
CA GLU E 408 -13.79 -0.55 18.66
C GLU E 408 -13.06 0.44 17.77
N VAL E 409 -13.78 1.23 16.96
CA VAL E 409 -13.11 2.14 16.04
C VAL E 409 -12.54 3.35 16.78
N GLY E 410 -13.17 3.74 17.89
CA GLY E 410 -12.73 4.88 18.67
C GLY E 410 -13.17 6.24 18.16
N ARG E 411 -13.91 6.28 17.05
CA ARG E 411 -14.38 7.53 16.46
C ARG E 411 -15.90 7.46 16.27
N ALA E 412 -16.60 8.45 16.81
CA ALA E 412 -18.05 8.56 16.65
C ALA E 412 -18.38 9.45 15.45
N MET E 413 -19.65 9.83 15.33
CA MET E 413 -20.11 10.69 14.26
C MET E 413 -21.01 11.77 14.84
N TYR E 414 -21.08 12.90 14.13
CA TYR E 414 -22.17 13.86 14.26
C TYR E 414 -22.91 13.82 12.93
N ALA E 415 -24.07 13.17 12.92
CA ALA E 415 -24.85 13.02 11.70
C ALA E 415 -25.37 14.37 11.22
N PRO E 416 -25.33 14.66 9.92
CA PRO E 416 -25.73 15.98 9.44
C PRO E 416 -27.24 16.15 9.51
N PRO E 417 -27.72 17.34 9.86
CA PRO E 417 -29.16 17.59 9.88
C PRO E 417 -29.76 17.58 8.47
N ILE E 418 -31.01 17.15 8.38
CA ILE E 418 -31.72 16.98 7.11
C ILE E 418 -32.95 17.88 7.14
N ALA E 419 -33.05 18.77 6.15
CA ALA E 419 -34.20 19.66 6.02
C ALA E 419 -35.35 18.96 5.31
N GLY E 420 -36.57 19.36 5.63
CA GLY E 420 -37.77 18.68 5.15
C GLY E 420 -38.09 17.50 6.04
N ASN E 421 -39.23 16.87 5.76
CA ASN E 421 -39.48 15.63 6.48
C ASN E 421 -38.64 14.50 5.89
N ILE E 422 -38.54 13.41 6.62
CA ILE E 422 -37.95 12.18 6.11
C ILE E 422 -38.98 11.07 6.21
N THR E 423 -39.13 10.31 5.13
CA THR E 423 -40.10 9.21 5.10
C THR E 423 -39.49 8.07 4.31
N CYS E 424 -39.39 6.91 4.93
CA CYS E 424 -38.86 5.71 4.28
C CYS E 424 -39.86 4.57 4.44
N THR E 425 -39.81 3.65 3.47
CA THR E 425 -40.65 2.45 3.50
C THR E 425 -39.72 1.26 3.24
N SER E 426 -39.56 0.42 4.25
CA SER E 426 -38.68 -0.73 4.16
C SER E 426 -39.47 -2.01 4.39
N ASN E 427 -38.78 -3.14 4.28
CA ASN E 427 -39.38 -4.45 4.52
C ASN E 427 -38.62 -5.12 5.66
N ILE E 428 -39.35 -5.58 6.67
CA ILE E 428 -38.77 -6.52 7.63
C ILE E 428 -38.89 -7.92 7.05
N THR E 429 -37.74 -8.57 6.87
CA THR E 429 -37.66 -9.91 6.33
C THR E 429 -37.14 -10.93 7.32
N GLY E 430 -36.84 -10.52 8.54
CA GLY E 430 -36.34 -11.44 9.54
C GLY E 430 -36.28 -10.80 10.90
N LEU E 431 -36.21 -11.65 11.92
CA LEU E 431 -36.14 -11.21 13.31
C LEU E 431 -34.91 -11.82 13.97
N LEU E 432 -34.21 -11.02 14.76
CA LEU E 432 -33.05 -11.48 15.52
C LEU E 432 -33.48 -11.86 16.94
N LEU E 433 -34.25 -12.95 17.02
CA LEU E 433 -34.77 -13.41 18.30
C LEU E 433 -33.67 -13.94 19.20
N THR E 434 -33.95 -13.98 20.50
CA THR E 434 -33.00 -14.47 21.48
C THR E 434 -33.79 -15.05 22.65
N ARG E 435 -33.55 -16.32 22.95
CA ARG E 435 -34.24 -16.97 24.07
C ARG E 435 -33.71 -16.45 25.39
N ASP E 436 -34.55 -16.51 26.42
CA ASP E 436 -34.19 -16.04 27.74
C ASP E 436 -33.28 -17.05 28.43
N GLY E 437 -32.87 -16.72 29.65
CA GLY E 437 -32.01 -17.60 30.41
C GLY E 437 -32.73 -18.82 30.94
N GLY E 438 -31.96 -19.69 31.58
CA GLY E 438 -32.49 -20.93 32.13
C GLY E 438 -33.47 -20.72 33.26
N ASN E 439 -34.75 -20.96 32.99
CA ASN E 439 -35.81 -20.84 33.98
C ASN E 439 -36.45 -22.19 34.28
N ASN E 440 -35.62 -23.24 34.28
CA ASN E 440 -35.98 -24.64 34.53
C ASN E 440 -36.98 -25.16 33.49
N SER E 441 -37.44 -26.40 33.69
CA SER E 441 -38.40 -27.02 32.77
C SER E 441 -39.83 -26.71 33.22
N THR E 442 -40.15 -25.41 33.21
CA THR E 442 -41.47 -24.93 33.61
C THR E 442 -42.45 -24.85 32.45
N GLU E 443 -42.09 -25.46 31.31
CA GLU E 443 -42.91 -25.44 30.09
C GLU E 443 -43.20 -24.02 29.62
N THR E 444 -42.22 -23.14 29.77
CA THR E 444 -42.33 -21.78 29.27
C THR E 444 -40.96 -21.28 28.86
N GLU E 445 -40.90 -20.65 27.68
CA GLU E 445 -39.70 -19.97 27.21
C GLU E 445 -40.11 -18.62 26.65
N THR E 446 -39.45 -17.56 27.10
CA THR E 446 -39.77 -16.20 26.65
C THR E 446 -38.70 -15.75 25.66
N PHE E 447 -39.13 -15.44 24.45
CA PHE E 447 -38.24 -14.98 23.39
C PHE E 447 -38.32 -13.46 23.30
N ARG E 448 -37.20 -12.79 23.49
CA ARG E 448 -37.09 -11.35 23.43
C ARG E 448 -36.28 -10.94 22.20
N PRO E 449 -36.51 -9.73 21.68
CA PRO E 449 -35.66 -9.24 20.58
C PRO E 449 -34.22 -9.07 21.03
N GLY E 450 -33.30 -9.30 20.10
CA GLY E 450 -31.89 -9.31 20.41
C GLY E 450 -31.21 -7.98 20.18
N GLY E 451 -30.30 -7.93 19.21
CA GLY E 451 -29.53 -6.73 18.96
C GLY E 451 -28.09 -6.86 19.39
N GLY E 452 -27.51 -8.03 19.16
CA GLY E 452 -26.13 -8.29 19.56
C GLY E 452 -25.13 -7.74 18.57
N ASP E 453 -24.12 -8.54 18.23
CA ASP E 453 -23.15 -8.14 17.23
C ASP E 453 -23.79 -8.02 15.86
N MET E 454 -23.28 -7.09 15.06
CA MET E 454 -23.85 -6.83 13.75
C MET E 454 -23.51 -7.93 12.74
N ARG E 455 -22.53 -8.78 13.06
CA ARG E 455 -22.11 -9.84 12.16
C ARG E 455 -23.25 -10.78 11.81
N ASP E 456 -24.14 -11.02 12.78
CA ASP E 456 -25.32 -11.87 12.57
C ASP E 456 -26.16 -11.36 11.42
N ASN E 457 -26.25 -10.03 11.25
CA ASN E 457 -26.99 -9.45 10.14
C ASN E 457 -26.41 -9.90 8.81
N TRP E 458 -25.07 -9.86 8.69
CA TRP E 458 -24.45 -10.36 7.46
C TRP E 458 -24.62 -11.86 7.34
N ARG E 459 -24.73 -12.56 8.49
CA ARG E 459 -24.97 -13.99 8.47
C ARG E 459 -26.38 -14.31 8.02
N SER E 460 -27.29 -13.32 8.00
CA SER E 460 -28.59 -13.54 7.42
C SER E 460 -28.53 -13.59 5.90
N GLU E 461 -27.46 -13.08 5.31
CA GLU E 461 -27.31 -13.06 3.85
C GLU E 461 -26.32 -14.09 3.35
N LEU E 462 -25.21 -14.30 4.06
CA LEU E 462 -24.23 -15.31 3.71
C LEU E 462 -24.52 -16.64 4.43
N TYR E 463 -25.76 -17.10 4.32
CA TYR E 463 -26.16 -18.38 4.88
C TYR E 463 -26.02 -19.52 3.89
N LYS E 464 -25.73 -19.21 2.62
CA LYS E 464 -25.59 -20.20 1.58
C LYS E 464 -24.24 -20.23 0.91
N TYR E 465 -23.41 -19.20 1.09
CA TYR E 465 -22.16 -19.07 0.36
C TYR E 465 -21.00 -19.62 1.19
N LYS E 466 -20.20 -20.47 0.56
CA LYS E 466 -18.94 -20.91 1.15
C LYS E 466 -17.83 -20.78 0.12
N VAL E 467 -16.60 -20.63 0.59
CA VAL E 467 -15.44 -20.44 -0.27
C VAL E 467 -14.69 -21.76 -0.35
N VAL E 468 -14.40 -22.21 -1.57
CA VAL E 468 -13.79 -23.52 -1.80
C VAL E 468 -12.53 -23.36 -2.62
N GLU E 469 -11.51 -24.17 -2.28
CA GLU E 469 -10.18 -24.06 -2.86
C GLU E 469 -9.93 -25.18 -3.87
N ILE E 470 -9.72 -24.79 -5.13
CA ILE E 470 -9.70 -25.72 -6.25
C ILE E 470 -8.34 -26.40 -6.31
N LYS E 471 -8.35 -27.73 -6.41
CA LYS E 471 -7.16 -28.53 -6.71
C LYS E 471 -7.30 -29.11 -8.11
N PRO E 472 -6.61 -28.56 -9.11
CA PRO E 472 -6.71 -29.10 -10.46
C PRO E 472 -5.83 -30.31 -10.72
N LEU E 473 -4.92 -30.66 -9.80
CA LEU E 473 -3.99 -31.75 -10.00
C LEU E 473 -4.62 -33.04 -9.48
N GLY E 474 -4.72 -34.06 -10.35
CA GLY E 474 -5.32 -35.31 -9.97
C GLY E 474 -4.50 -36.48 -10.48
N ILE E 475 -4.61 -37.59 -9.76
CA ILE E 475 -3.87 -38.82 -10.03
C ILE E 475 -4.88 -39.91 -10.37
N ALA E 476 -4.64 -40.62 -11.48
CA ALA E 476 -5.57 -41.67 -11.89
C ALA E 476 -4.82 -42.79 -12.59
N PRO E 477 -5.09 -44.05 -12.24
CA PRO E 477 -4.41 -45.16 -12.91
C PRO E 477 -5.03 -45.46 -14.27
N THR E 478 -4.15 -45.62 -15.27
CA THR E 478 -4.54 -45.93 -16.63
C THR E 478 -3.43 -46.78 -17.23
N GLY E 479 -3.81 -47.69 -18.12
CA GLY E 479 -2.85 -48.59 -18.75
C GLY E 479 -1.98 -47.98 -19.84
N CYS E 480 -1.81 -46.67 -19.82
CA CYS E 480 -0.95 -45.96 -20.75
C CYS E 480 0.43 -45.76 -20.14
N LYS E 481 1.47 -46.14 -20.87
CA LYS E 481 2.84 -46.02 -20.42
C LYS E 481 3.58 -45.03 -21.30
N ARG E 482 4.27 -44.07 -20.67
CA ARG E 482 5.06 -43.10 -21.41
C ARG E 482 6.27 -43.79 -22.05
N ARG E 483 6.61 -43.36 -23.26
CA ARG E 483 7.74 -43.95 -23.98
C ARG E 483 9.05 -43.50 -23.37
N VAL E 484 10.10 -44.26 -23.65
CA VAL E 484 11.43 -43.96 -23.13
C VAL E 484 12.06 -42.81 -23.91
N LEU F 9 -20.70 -27.63 -20.67
CA LEU F 9 -21.27 -27.65 -19.33
C LEU F 9 -20.88 -26.41 -18.55
N GLY F 10 -19.58 -26.18 -18.43
CA GLY F 10 -19.04 -25.03 -17.74
C GLY F 10 -18.06 -25.43 -16.66
N PHE F 11 -17.65 -24.44 -15.88
CA PHE F 11 -16.72 -24.66 -14.77
C PHE F 11 -17.34 -25.55 -13.70
N LEU F 12 -16.60 -26.60 -13.32
CA LEU F 12 -16.98 -27.57 -12.28
C LEU F 12 -18.25 -28.35 -12.63
N GLY F 13 -18.69 -28.30 -13.88
CA GLY F 13 -19.97 -28.91 -14.25
C GLY F 13 -19.98 -30.42 -14.23
N ALA F 14 -18.80 -31.04 -14.22
CA ALA F 14 -18.68 -32.49 -14.15
C ALA F 14 -18.15 -32.96 -12.80
N ALA F 15 -18.34 -32.16 -11.75
CA ALA F 15 -17.88 -32.56 -10.42
C ALA F 15 -18.68 -33.76 -9.90
N GLY F 16 -19.99 -33.75 -10.09
CA GLY F 16 -20.81 -34.89 -9.72
C GLY F 16 -20.86 -35.99 -10.76
N SER F 17 -20.29 -35.76 -11.93
CA SER F 17 -20.27 -36.76 -12.99
C SER F 17 -19.23 -37.83 -12.69
N THR F 18 -19.22 -38.87 -13.53
CA THR F 18 -18.26 -39.95 -13.40
C THR F 18 -16.87 -39.51 -13.85
N MET F 19 -15.89 -40.37 -13.62
CA MET F 19 -14.50 -40.07 -13.96
C MET F 19 -14.31 -39.93 -15.46
N GLY F 20 -14.90 -40.85 -16.25
CA GLY F 20 -14.72 -40.81 -17.69
C GLY F 20 -15.36 -39.59 -18.33
N ALA F 21 -16.53 -39.20 -17.84
CA ALA F 21 -17.19 -38.00 -18.35
C ALA F 21 -16.48 -36.73 -17.89
N ALA F 22 -15.92 -36.74 -16.68
CA ALA F 22 -15.23 -35.56 -16.18
C ALA F 22 -13.86 -35.41 -16.81
N SER F 23 -13.30 -36.49 -17.36
CA SER F 23 -12.05 -36.37 -18.11
C SER F 23 -12.28 -35.72 -19.48
N ASN F 24 -13.52 -35.71 -19.95
CA ASN F 24 -13.81 -35.17 -21.28
C ASN F 24 -13.87 -33.65 -21.27
N THR F 25 -14.12 -33.04 -20.10
CA THR F 25 -14.07 -31.59 -19.94
C THR F 25 -13.01 -31.29 -18.89
N LEU F 26 -11.90 -30.69 -19.33
CA LEU F 26 -10.80 -30.36 -18.42
C LEU F 26 -10.27 -28.96 -18.69
N THR F 27 -10.50 -28.44 -19.90
CA THR F 27 -9.95 -27.14 -20.27
C THR F 27 -10.72 -26.00 -19.62
N VAL F 28 -12.02 -26.20 -19.36
CA VAL F 28 -12.84 -25.13 -18.79
C VAL F 28 -12.53 -24.97 -17.30
N GLN F 29 -11.94 -25.98 -16.67
CA GLN F 29 -11.48 -25.82 -15.30
C GLN F 29 -10.06 -25.28 -15.25
N ALA F 30 -9.26 -25.55 -16.29
CA ALA F 30 -7.94 -24.96 -16.38
C ALA F 30 -7.99 -23.48 -16.76
N ARG F 31 -9.10 -23.05 -17.37
CA ARG F 31 -9.33 -21.61 -17.60
C ARG F 31 -9.38 -20.83 -16.29
N GLN F 32 -10.11 -21.37 -15.30
CA GLN F 32 -10.40 -20.58 -14.10
C GLN F 32 -9.18 -20.50 -13.20
N LEU F 33 -8.21 -21.42 -13.36
CA LEU F 33 -7.01 -21.42 -12.53
C LEU F 33 -6.15 -20.18 -12.73
N LEU F 34 -6.27 -19.49 -13.86
CA LEU F 34 -5.57 -18.23 -14.08
C LEU F 34 -6.54 -17.05 -14.09
N SER F 35 -7.60 -17.14 -14.90
CA SER F 35 -8.69 -16.17 -15.00
C SER F 35 -8.19 -14.75 -15.28
N GLY F 36 -8.14 -13.91 -14.24
CA GLY F 36 -7.65 -12.56 -14.39
C GLY F 36 -8.65 -11.59 -15.01
N LEU F 57 -9.18 2.75 -0.81
CA LEU F 57 -8.21 3.35 -1.71
C LEU F 57 -6.86 2.66 -1.58
N THR F 58 -6.22 2.84 -0.42
CA THR F 58 -4.91 2.25 -0.16
C THR F 58 -5.00 0.84 0.40
N VAL F 59 -6.19 0.41 0.85
CA VAL F 59 -6.36 -0.88 1.49
C VAL F 59 -6.99 -1.91 0.56
N TRP F 60 -8.00 -1.50 -0.23
CA TRP F 60 -8.68 -2.43 -1.11
C TRP F 60 -7.84 -2.78 -2.32
N GLY F 61 -7.06 -1.81 -2.82
CA GLY F 61 -6.06 -2.12 -3.82
C GLY F 61 -5.04 -3.11 -3.31
N ILE F 62 -4.64 -2.97 -2.04
CA ILE F 62 -3.71 -3.91 -1.42
C ILE F 62 -4.33 -5.30 -1.35
N LYS F 63 -5.62 -5.39 -0.99
CA LYS F 63 -6.28 -6.68 -0.85
C LYS F 63 -6.45 -7.37 -2.21
N GLN F 64 -6.92 -6.64 -3.23
CA GLN F 64 -7.05 -7.20 -4.57
C GLN F 64 -5.69 -7.60 -5.12
N LEU F 65 -4.68 -6.77 -4.91
CA LEU F 65 -3.32 -7.05 -5.35
C LEU F 65 -2.77 -8.31 -4.70
N GLN F 66 -2.98 -8.46 -3.38
CA GLN F 66 -2.50 -9.62 -2.65
C GLN F 66 -3.21 -10.90 -3.11
N THR F 67 -4.51 -10.83 -3.36
CA THR F 67 -5.20 -12.06 -3.74
C THR F 67 -4.90 -12.42 -5.19
N ARG F 68 -4.64 -11.43 -6.05
CA ARG F 68 -4.21 -11.72 -7.41
C ARG F 68 -2.84 -12.38 -7.44
N VAL F 69 -1.88 -11.86 -6.66
CA VAL F 69 -0.55 -12.48 -6.69
C VAL F 69 -0.61 -13.84 -5.98
N LEU F 70 -1.55 -14.02 -5.06
CA LEU F 70 -1.75 -15.33 -4.44
C LEU F 70 -2.22 -16.35 -5.47
N ALA F 71 -3.24 -15.98 -6.27
CA ALA F 71 -3.72 -16.89 -7.31
C ALA F 71 -2.64 -17.16 -8.35
N ILE F 72 -1.84 -16.15 -8.68
CA ILE F 72 -0.72 -16.32 -9.60
C ILE F 72 0.30 -17.29 -9.01
N GLU F 73 0.53 -17.21 -7.70
CA GLU F 73 1.45 -18.12 -7.02
C GLU F 73 0.95 -19.55 -7.07
N ARG F 74 -0.36 -19.77 -6.85
CA ARG F 74 -0.89 -21.13 -6.97
C ARG F 74 -0.79 -21.66 -8.39
N TYR F 75 -1.06 -20.81 -9.39
CA TYR F 75 -0.96 -21.26 -10.78
C TYR F 75 0.49 -21.62 -11.13
N LEU F 76 1.45 -20.80 -10.68
CA LEU F 76 2.86 -21.10 -10.92
C LEU F 76 3.29 -22.35 -10.17
N GLU F 77 2.75 -22.58 -8.97
CA GLU F 77 3.07 -23.79 -8.21
C GLU F 77 2.59 -25.04 -8.95
N VAL F 78 1.35 -25.01 -9.46
CA VAL F 78 0.81 -26.17 -10.16
C VAL F 78 1.55 -26.39 -11.48
N GLN F 79 1.90 -25.29 -12.17
CA GLN F 79 2.65 -25.42 -13.42
C GLN F 79 4.05 -25.96 -13.18
N GLN F 80 4.69 -25.56 -12.07
CA GLN F 80 6.00 -26.09 -11.74
C GLN F 80 5.93 -27.57 -11.39
N LEU F 81 4.89 -27.97 -10.65
CA LEU F 81 4.70 -29.39 -10.32
C LEU F 81 4.45 -30.21 -11.58
N LEU F 82 3.73 -29.64 -12.55
CA LEU F 82 3.55 -30.32 -13.83
C LEU F 82 4.86 -30.40 -14.60
N GLY F 83 5.66 -29.34 -14.56
CA GLY F 83 6.92 -29.33 -15.28
C GLY F 83 7.94 -30.31 -14.73
N LEU F 84 7.94 -30.49 -13.40
CA LEU F 84 8.87 -31.45 -12.78
C LEU F 84 8.51 -32.90 -13.08
N TRP F 85 7.31 -33.17 -13.58
CA TRP F 85 6.88 -34.52 -13.91
C TRP F 85 7.02 -34.81 -15.41
N GLY F 86 7.59 -33.89 -16.18
CA GLY F 86 7.63 -34.06 -17.61
C GLY F 86 6.29 -33.91 -18.30
N CYS F 87 5.35 -33.21 -17.67
CA CYS F 87 4.00 -33.05 -18.19
C CYS F 87 3.67 -31.58 -18.45
N SER F 88 4.67 -30.75 -18.71
CA SER F 88 4.43 -29.33 -18.95
C SER F 88 3.78 -29.12 -20.30
N GLY F 89 2.80 -28.21 -20.33
CA GLY F 89 2.10 -27.91 -21.56
C GLY F 89 1.06 -28.93 -21.97
N LYS F 90 0.76 -29.89 -21.10
CA LYS F 90 -0.21 -30.93 -21.41
C LYS F 90 -1.24 -30.99 -20.28
N LEU F 91 -2.46 -31.38 -20.64
CA LEU F 91 -3.53 -31.59 -19.67
C LEU F 91 -3.55 -33.01 -19.13
N ILE F 92 -3.49 -34.01 -20.00
CA ILE F 92 -3.43 -35.41 -19.60
C ILE F 92 -2.08 -35.93 -20.07
N CYS F 93 -1.21 -36.27 -19.13
CA CYS F 93 0.14 -36.74 -19.44
C CYS F 93 0.38 -38.07 -18.75
N CYS F 94 0.75 -39.09 -19.53
CA CYS F 94 1.02 -40.40 -19.00
C CYS F 94 2.40 -40.42 -18.33
N THR F 95 2.62 -41.41 -17.47
CA THR F 95 3.87 -41.53 -16.76
C THR F 95 4.19 -43.01 -16.58
N ALA F 96 5.46 -43.37 -16.75
CA ALA F 96 5.92 -44.75 -16.68
C ALA F 96 6.06 -45.28 -15.26
N VAL F 97 5.53 -44.59 -14.26
CA VAL F 97 5.53 -45.09 -12.89
C VAL F 97 4.46 -46.18 -12.77
N PRO F 98 4.81 -47.39 -12.31
CA PRO F 98 3.80 -48.42 -12.11
C PRO F 98 2.82 -48.04 -11.00
N TRP F 99 1.57 -48.46 -11.16
CA TRP F 99 0.53 -48.20 -10.18
C TRP F 99 0.60 -49.25 -9.09
N ASN F 100 0.99 -48.84 -7.89
CA ASN F 100 1.08 -49.76 -6.77
C ASN F 100 -0.30 -50.18 -6.31
N SER F 101 -0.50 -51.49 -6.13
CA SER F 101 -1.79 -52.00 -5.69
C SER F 101 -2.09 -51.63 -4.23
N SER F 102 -1.07 -51.28 -3.45
CA SER F 102 -1.31 -50.86 -2.07
C SER F 102 -2.02 -49.52 -2.01
N TRP F 103 -1.82 -48.66 -3.02
CA TRP F 103 -2.56 -47.40 -3.08
C TRP F 103 -4.05 -47.64 -3.28
N SER F 104 -4.39 -48.54 -4.19
CA SER F 104 -5.79 -48.88 -4.46
C SER F 104 -5.83 -50.25 -5.13
N ASN F 105 -6.49 -51.21 -4.49
CA ASN F 105 -6.66 -52.53 -5.08
C ASN F 105 -7.83 -52.61 -6.05
N LYS F 106 -8.58 -51.52 -6.21
CA LYS F 106 -9.69 -51.50 -7.15
C LYS F 106 -9.18 -51.53 -8.59
N SER F 107 -9.86 -52.31 -9.42
CA SER F 107 -9.50 -52.35 -10.83
C SER F 107 -10.11 -51.17 -11.57
N GLU F 108 -9.83 -51.11 -12.87
CA GLU F 108 -9.98 -49.86 -13.62
C GLU F 108 -11.44 -49.45 -13.80
N THR F 109 -12.35 -50.42 -13.93
CA THR F 109 -13.70 -50.11 -14.36
C THR F 109 -14.52 -49.39 -13.29
N GLU F 110 -14.37 -49.78 -12.02
CA GLU F 110 -15.11 -49.08 -10.97
C GLU F 110 -14.45 -47.75 -10.62
N ILE F 111 -13.18 -47.58 -10.97
CA ILE F 111 -12.59 -46.24 -10.88
C ILE F 111 -13.16 -45.32 -11.95
N TRP F 112 -13.28 -45.83 -13.19
CA TRP F 112 -13.58 -44.97 -14.33
C TRP F 112 -15.05 -44.96 -14.74
N ASN F 113 -15.94 -45.66 -14.03
CA ASN F 113 -17.32 -45.71 -14.52
C ASN F 113 -18.38 -45.31 -13.51
N ASN F 114 -18.22 -45.66 -12.23
CA ASN F 114 -19.22 -45.34 -11.21
C ASN F 114 -18.61 -44.55 -10.06
N MET F 115 -17.54 -43.81 -10.33
CA MET F 115 -16.77 -43.11 -9.32
C MET F 115 -16.60 -41.66 -9.76
N THR F 116 -16.60 -40.75 -8.79
CA THR F 116 -16.34 -39.34 -9.07
C THR F 116 -14.90 -38.99 -8.72
N TRP F 117 -14.51 -37.76 -9.07
CA TRP F 117 -13.15 -37.32 -8.77
C TRP F 117 -12.96 -37.08 -7.28
N MET F 118 -14.02 -36.62 -6.58
CA MET F 118 -13.92 -36.34 -5.15
C MET F 118 -13.70 -37.61 -4.33
N GLN F 119 -14.42 -38.68 -4.67
CA GLN F 119 -14.29 -39.93 -3.91
C GLN F 119 -12.92 -40.54 -4.14
N TRP F 120 -12.37 -40.40 -5.35
CA TRP F 120 -11.02 -40.84 -5.62
C TRP F 120 -10.00 -39.99 -4.88
N ASP F 121 -10.26 -38.68 -4.77
CA ASP F 121 -9.39 -37.80 -3.98
C ASP F 121 -9.40 -38.23 -2.51
N ARG F 122 -10.58 -38.63 -2.03
CA ARG F 122 -10.68 -39.08 -0.64
C ARG F 122 -9.94 -40.39 -0.41
N GLU F 123 -10.03 -41.34 -1.34
CA GLU F 123 -9.34 -42.62 -1.13
C GLU F 123 -7.83 -42.50 -1.29
N ILE F 124 -7.37 -41.68 -2.25
CA ILE F 124 -5.94 -41.58 -2.53
C ILE F 124 -5.34 -40.30 -1.95
N ASN F 125 -5.91 -39.80 -0.86
CA ASN F 125 -5.32 -38.63 -0.19
C ASN F 125 -4.08 -39.02 0.60
N ASN F 126 -4.04 -40.25 1.14
CA ASN F 126 -2.93 -40.64 2.00
C ASN F 126 -1.67 -40.94 1.20
N TYR F 127 -1.79 -41.27 -0.08
CA TYR F 127 -0.66 -41.66 -0.90
C TYR F 127 -0.28 -40.60 -1.94
N THR F 128 -0.67 -39.34 -1.73
CA THR F 128 -0.43 -38.31 -2.71
C THR F 128 1.06 -37.95 -2.80
N ASN F 129 1.69 -37.74 -1.63
CA ASN F 129 3.08 -37.30 -1.60
C ASN F 129 4.02 -38.38 -2.14
N THR F 130 3.75 -39.64 -1.79
CA THR F 130 4.57 -40.75 -2.29
C THR F 130 4.48 -40.86 -3.81
N ILE F 131 3.27 -40.71 -4.35
CA ILE F 131 3.08 -40.72 -5.81
C ILE F 131 3.83 -39.57 -6.45
N TYR F 132 3.78 -38.38 -5.83
CA TYR F 132 4.47 -37.21 -6.35
C TYR F 132 5.98 -37.44 -6.41
N ARG F 133 6.55 -37.99 -5.33
CA ARG F 133 7.97 -38.30 -5.32
C ARG F 133 8.33 -39.37 -6.35
N LEU F 134 7.49 -40.38 -6.50
CA LEU F 134 7.77 -41.41 -7.50
C LEU F 134 7.80 -40.82 -8.90
N LEU F 135 6.87 -39.90 -9.19
CA LEU F 135 6.87 -39.20 -10.48
C LEU F 135 8.14 -38.38 -10.69
N GLU F 136 8.55 -37.63 -9.66
CA GLU F 136 9.71 -36.75 -9.82
C GLU F 136 11.01 -37.54 -9.98
N GLU F 137 11.22 -38.59 -9.19
CA GLU F 137 12.39 -39.43 -9.39
C GLU F 137 12.35 -40.18 -10.71
N SER F 138 11.16 -40.57 -11.18
CA SER F 138 11.08 -41.22 -12.50
C SER F 138 11.48 -40.26 -13.61
N GLN F 139 10.96 -39.03 -13.58
CA GLN F 139 11.31 -38.05 -14.60
C GLN F 139 12.78 -37.66 -14.53
N PHE F 140 13.31 -37.51 -13.32
CA PHE F 140 14.71 -37.13 -13.16
C PHE F 140 15.64 -38.24 -13.65
N GLN F 141 15.31 -39.50 -13.36
CA GLN F 141 16.12 -40.61 -13.85
C GLN F 141 16.01 -40.75 -15.37
N GLN F 142 14.82 -40.45 -15.93
CA GLN F 142 14.67 -40.46 -17.38
C GLN F 142 15.55 -39.41 -18.04
N GLU F 143 15.59 -38.20 -17.47
CA GLU F 143 16.47 -37.17 -18.01
C GLU F 143 17.94 -37.55 -17.86
N ILE F 144 18.31 -38.09 -16.71
CA ILE F 144 19.71 -38.43 -16.45
C ILE F 144 20.19 -39.54 -17.38
N ASN F 145 19.41 -40.61 -17.52
CA ASN F 145 19.88 -41.68 -18.39
C ASN F 145 19.69 -41.35 -19.87
N GLU F 146 18.82 -40.40 -20.17
CA GLU F 146 18.73 -39.94 -21.59
C GLU F 146 20.04 -39.21 -21.89
N VAL F 147 20.48 -38.33 -20.98
CA VAL F 147 21.76 -37.64 -21.14
C VAL F 147 22.91 -38.63 -21.24
N ASP F 148 22.89 -39.68 -20.40
CA ASP F 148 23.96 -40.67 -20.41
C ASP F 148 23.99 -41.45 -21.73
N LEU F 149 22.82 -41.82 -22.25
CA LEU F 149 22.78 -42.60 -23.49
C LEU F 149 23.06 -41.73 -24.72
N LEU F 150 22.58 -40.49 -24.73
CA LEU F 150 22.76 -39.66 -25.92
C LEU F 150 24.19 -39.14 -26.01
N ALA F 151 24.91 -39.08 -24.90
CA ALA F 151 26.33 -38.71 -24.94
C ALA F 151 27.17 -39.84 -25.52
N LEU F 152 26.72 -41.09 -25.37
CA LEU F 152 27.42 -42.22 -25.97
C LEU F 152 27.34 -42.17 -27.50
N ASP F 153 26.20 -41.78 -28.03
CA ASP F 153 26.02 -41.68 -29.48
C ASP F 153 26.62 -40.38 -30.00
C1 NAG G . 14.43 22.63 47.93
C2 NAG G . 14.89 23.14 49.31
C3 NAG G . 16.18 23.96 49.20
C4 NAG G . 17.24 23.23 48.38
C5 NAG G . 16.63 22.82 47.03
C6 NAG G . 17.59 22.08 46.11
C7 NAG G . 13.04 24.84 50.04
C8 NAG G . 13.11 25.82 48.89
N2 NAG G . 13.84 23.74 50.11
O3 NAG G . 16.61 24.26 50.50
O4 NAG G . 18.34 24.10 48.24
O5 NAG G . 15.50 22.00 47.26
O6 NAG G . 16.89 21.66 44.96
O7 NAG G . 12.23 25.07 50.93
C1 NAG G . 19.48 23.56 48.94
C2 NAG G . 20.76 24.06 48.27
C3 NAG G . 21.98 23.59 49.05
C4 NAG G . 21.87 23.94 50.53
C5 NAG G . 20.54 23.40 51.07
C6 NAG G . 20.29 23.72 52.52
C7 NAG G . 20.75 24.43 45.83
C8 NAG G . 20.83 23.74 44.49
N2 NAG G . 20.83 23.61 46.90
O3 NAG G . 23.12 24.17 48.47
O4 NAG G . 22.97 23.35 51.18
O5 NAG G . 19.49 23.95 50.30
O6 NAG G . 20.40 25.10 52.73
O7 NAG G . 20.60 25.64 45.91
C1 NAG H . 2.48 18.02 45.58
C2 NAG H . 2.26 17.20 46.86
C3 NAG H . 0.76 17.09 47.16
C4 NAG H . 0.07 18.45 47.15
C5 NAG H . 0.44 19.20 45.85
C6 NAG H . -0.12 20.60 45.74
C7 NAG H . 4.02 15.52 47.25
C8 NAG H . 4.43 14.09 46.96
N2 NAG H . 2.85 15.89 46.71
O3 NAG H . 0.62 16.44 48.40
O4 NAG H . -1.31 18.22 47.23
O5 NAG H . 1.85 19.27 45.75
O6 NAG H . 0.39 21.22 44.58
O7 NAG H . 4.71 16.25 47.94
C1 NAG H . -1.85 18.80 48.43
C2 NAG H . -3.38 18.72 48.34
C3 NAG H . -4.03 19.14 49.66
C4 NAG H . -3.40 18.40 50.85
C5 NAG H . -1.89 18.64 50.81
C6 NAG H . -1.09 18.01 51.94
C7 NAG H . -4.35 19.09 46.11
C8 NAG H . -4.79 20.15 45.12
N2 NAG H . -3.86 19.55 47.27
O3 NAG H . -5.41 18.90 49.56
O4 NAG H . -4.03 18.91 52.02
O5 NAG H . -1.40 18.12 49.59
O6 NAG H . -1.40 16.64 52.02
O7 NAG H . -4.45 17.90 45.84
C1 BMA H . -4.64 17.82 52.74
C2 BMA H . -4.41 18.07 54.22
C3 BMA H . -4.99 16.90 55.07
C4 BMA H . -6.14 16.10 54.40
C5 BMA H . -6.86 16.84 53.26
C6 BMA H . -8.09 17.59 53.74
O2 BMA H . -4.98 19.31 54.54
O3 BMA H . -5.35 17.46 56.30
O4 BMA H . -5.55 14.90 53.94
O5 BMA H . -6.03 17.71 52.48
O6 BMA H . -8.32 18.68 52.87
C1 MAN H . -4.22 17.39 57.19
C2 MAN H . -4.68 16.79 58.52
C3 MAN H . -5.64 17.74 59.22
C4 MAN H . -5.04 19.14 59.37
C5 MAN H . -4.56 19.63 58.00
C6 MAN H . -3.80 20.94 58.11
O2 MAN H . -3.52 16.56 59.28
O3 MAN H . -5.95 17.17 60.47
O4 MAN H . -6.05 19.97 59.91
O5 MAN H . -3.69 18.68 57.41
O6 MAN H . -4.68 22.01 57.91
C1 MAN H . -9.51 19.37 53.31
C2 MAN H . -10.01 20.25 52.16
C3 MAN H . -9.03 21.40 51.92
C4 MAN H . -8.77 22.20 53.20
C5 MAN H . -8.31 21.22 54.29
C6 MAN H . -8.19 21.91 55.64
O2 MAN H . -11.28 20.72 52.51
O3 MAN H . -9.58 22.21 50.91
O4 MAN H . -7.79 23.16 52.90
O5 MAN H . -9.24 20.16 54.45
O6 MAN H . -7.62 21.01 56.57
C1 NAG I . 14.91 24.75 23.05
C2 NAG I . 16.11 25.14 22.19
C3 NAG I . 17.41 24.63 22.84
C4 NAG I . 17.51 25.04 24.31
C5 NAG I . 16.22 24.61 25.02
C6 NAG I . 16.15 24.98 26.49
C7 NAG I . 15.75 25.34 19.75
C8 NAG I . 15.65 24.55 18.47
N2 NAG I . 15.97 24.60 20.86
O3 NAG I . 18.48 25.11 22.07
O4 NAG I . 18.64 24.41 24.84
O5 NAG I . 15.11 25.21 24.37
O6 NAG I . 16.42 26.35 26.65
O7 NAG I . 15.66 26.56 19.77
C1 NAG I . 19.59 25.41 25.28
C2 NAG I . 20.66 24.73 26.15
C3 NAG I . 21.68 25.77 26.60
C4 NAG I . 22.25 26.55 25.42
C5 NAG I . 21.08 27.10 24.57
C6 NAG I . 21.52 27.84 23.32
C7 NAG I . 20.05 22.76 27.49
C8 NAG I . 19.36 22.30 28.76
N2 NAG I . 20.05 24.08 27.28
O3 NAG I . 22.69 25.10 27.32
O4 NAG I . 23.05 27.58 25.96
O5 NAG I . 20.24 26.04 24.20
O6 NAG I . 20.38 28.18 22.56
O7 NAG I . 20.57 21.96 26.73
C1 BMA I . 24.44 27.41 25.57
C2 BMA I . 25.28 28.04 26.69
C3 BMA I . 26.80 27.89 26.37
C4 BMA I . 27.19 26.73 25.42
C5 BMA I . 26.14 25.63 25.28
C6 BMA I . 26.38 24.43 26.20
O2 BMA I . 24.93 27.44 27.90
O3 BMA I . 27.45 27.82 27.62
O4 BMA I . 27.44 27.34 24.16
O5 BMA I . 24.79 26.05 25.40
O6 BMA I . 26.29 24.86 27.54
C1 NAG J . 39.93 -10.67 10.79
C2 NAG J . 40.61 -9.30 10.96
C3 NAG J . 41.06 -8.79 9.60
C4 NAG J . 41.93 -9.83 8.90
C5 NAG J . 41.21 -11.19 8.89
C6 NAG J . 42.01 -12.33 8.27
C7 NAG J . 39.78 -8.10 12.93
C8 NAG J . 38.68 -7.20 13.41
N2 NAG J . 39.68 -8.43 11.63
O3 NAG J . 41.73 -7.58 9.79
O4 NAG J . 42.15 -9.35 7.58
O5 NAG J . 40.86 -11.56 10.22
O6 NAG J . 41.20 -13.49 8.21
O7 NAG J . 40.66 -8.49 13.67
C1 NAG J . 43.55 -9.08 7.40
C2 NAG J . 43.89 -9.27 5.92
C3 NAG J . 45.36 -8.95 5.68
C4 NAG J . 45.73 -7.56 6.22
C5 NAG J . 45.27 -7.46 7.69
C6 NAG J . 45.51 -6.11 8.33
C7 NAG J . 42.50 -10.92 4.74
C8 NAG J . 42.36 -12.38 4.41
N2 NAG J . 43.57 -10.61 5.49
O3 NAG J . 45.62 -9.08 4.31
O4 NAG J . 47.12 -7.42 6.08
O5 NAG J . 43.89 -7.76 7.78
O6 NAG J . 44.97 -6.11 9.63
O7 NAG J . 41.68 -10.10 4.36
C1 BMA J . 47.43 -6.31 5.20
C2 BMA J . 48.95 -6.26 5.04
C3 BMA J . 49.37 -5.12 4.08
C4 BMA J . 48.30 -4.67 3.06
C5 BMA J . 47.17 -5.67 2.81
C6 BMA J . 47.39 -6.58 1.59
O2 BMA J . 49.39 -7.52 4.60
O3 BMA J . 50.56 -5.53 3.47
O4 BMA J . 47.78 -3.44 3.56
O5 BMA J . 46.81 -6.48 3.94
O6 BMA J . 48.55 -7.35 1.81
C1 NAG K . 30.30 -26.87 10.76
C2 NAG K . 30.71 -27.61 12.04
C3 NAG K . 29.62 -28.61 12.41
C4 NAG K . 28.23 -27.95 12.49
C5 NAG K . 27.98 -27.13 11.22
C6 NAG K . 26.71 -26.31 11.24
C7 NAG K . 33.15 -27.94 12.41
C8 NAG K . 33.15 -26.73 13.32
N2 NAG K . 31.97 -28.28 11.86
O3 NAG K . 29.98 -29.20 13.63
O4 NAG K . 27.30 -28.99 12.64
O5 NAG K . 29.06 -26.24 10.99
O6 NAG K . 26.70 -25.47 12.37
O7 NAG K . 34.18 -28.57 12.21
C1 NAG K . 26.59 -28.86 13.89
C2 NAG K . 25.30 -29.68 13.81
C3 NAG K . 24.57 -29.65 15.16
C4 NAG K . 25.48 -29.99 16.34
C5 NAG K . 26.77 -29.14 16.24
C6 NAG K . 27.83 -29.44 17.28
C7 NAG K . 23.84 -28.06 12.52
C8 NAG K . 23.01 -28.00 11.27
N2 NAG K . 24.43 -29.26 12.73
O3 NAG K . 23.49 -30.54 15.06
O4 NAG K . 24.73 -29.71 17.51
O5 NAG K . 27.36 -29.34 14.97
O6 NAG K . 29.02 -28.76 16.96
O7 NAG K . 23.94 -27.08 13.25
C1 BMA K . 24.67 -30.82 18.44
C2 BMA K . 23.21 -31.08 18.80
C3 BMA K . 23.10 -32.25 19.81
C4 BMA K . 24.27 -33.26 19.82
C5 BMA K . 25.10 -33.27 18.53
C6 BMA K . 24.63 -34.30 17.52
O2 BMA K . 22.49 -31.34 17.62
O3 BMA K . 21.86 -32.86 19.56
O4 BMA K . 25.06 -32.92 20.94
O5 BMA K . 25.25 -32.01 17.89
O6 BMA K . 25.40 -34.12 16.34
C1 NAG L . 16.73 -9.61 29.15
C2 NAG L . 15.70 -8.47 29.33
C3 NAG L . 15.06 -8.57 30.71
C4 NAG L . 14.53 -9.97 31.00
C5 NAG L . 15.66 -10.98 30.77
C6 NAG L . 15.29 -12.43 30.98
C7 NAG L . 16.08 -6.34 28.15
C8 NAG L . 16.86 -5.05 28.18
N2 NAG L . 16.34 -7.19 29.16
O3 NAG L . 14.05 -7.60 30.77
O4 NAG L . 14.09 -9.96 32.35
O5 NAG L . 16.12 -10.85 29.44
O6 NAG L . 14.15 -12.75 30.22
O7 NAG L . 15.28 -6.59 27.26
C1 NAG L . 12.68 -10.30 32.39
C2 NAG L . 12.28 -10.48 33.87
C3 NAG L . 10.78 -10.76 33.95
C4 NAG L . 9.96 -9.73 33.17
C5 NAG L . 10.51 -9.60 31.75
C6 NAG L . 9.83 -8.58 30.87
C7 NAG L . 13.89 -11.39 35.49
C8 NAG L . 14.56 -12.66 35.95
N2 NAG L . 13.03 -11.54 34.47
O3 NAG L . 10.43 -10.79 35.31
O4 NAG L . 8.63 -10.19 33.19
O5 NAG L . 11.89 -9.28 31.82
O6 NAG L . 9.84 -7.33 31.51
O7 NAG L . 14.12 -10.32 36.02
C1 BMA L . 7.78 -9.23 33.85
C2 BMA L . 6.45 -9.21 33.10
C3 BMA L . 5.48 -8.19 33.73
C4 BMA L . 5.70 -7.90 35.24
C5 BMA L . 6.55 -8.92 35.99
C6 BMA L . 5.71 -9.99 36.69
O2 BMA L . 5.94 -10.53 33.09
O3 BMA L . 4.20 -8.64 33.40
O4 BMA L . 6.30 -6.61 35.29
O5 BMA L . 7.57 -9.55 35.22
O6 BMA L . 5.91 -11.21 36.00
C1 MAN L . 3.47 -7.57 32.77
C2 MAN L . 2.01 -8.02 32.57
C3 MAN L . 1.91 -9.04 31.44
C4 MAN L . 2.48 -8.45 30.15
C5 MAN L . 3.94 -8.10 30.41
C6 MAN L . 4.56 -7.40 29.22
O2 MAN L . 1.28 -6.83 32.32
O3 MAN L . 0.55 -9.40 31.30
O4 MAN L . 2.33 -9.43 29.15
O5 MAN L . 4.05 -7.22 31.53
O6 MAN L . 5.50 -8.26 28.62
C1 MAN L . 0.14 -6.76 33.22
C2 MAN L . -0.72 -5.58 32.74
C3 MAN L . -0.01 -4.25 33.02
C4 MAN L . 0.31 -4.13 34.51
C5 MAN L . 1.17 -5.33 34.93
C6 MAN L . 1.36 -5.38 36.44
O2 MAN L . -1.95 -5.67 33.41
O3 MAN L . -0.84 -3.21 32.58
O4 MAN L . 0.99 -2.91 34.70
O5 MAN L . 0.55 -6.56 34.56
O6 MAN L . 1.65 -6.69 36.82
C1 MAN L . 6.24 -12.23 36.97
C2 MAN L . 7.40 -13.05 36.38
C3 MAN L . 6.91 -13.78 35.14
C4 MAN L . 5.66 -14.61 35.41
C5 MAN L . 4.59 -13.72 36.08
C6 MAN L . 3.40 -14.53 36.55
O2 MAN L . 7.80 -13.94 37.39
O3 MAN L . 7.98 -14.58 34.68
O4 MAN L . 5.22 -15.12 34.17
O5 MAN L . 5.14 -13.06 37.20
O6 MAN L . 3.78 -15.86 36.76
C1 NAG M . 42.53 2.31 8.66
C2 NAG M . 42.73 2.37 7.14
C3 NAG M . 44.08 3.02 6.81
C4 NAG M . 44.30 4.34 7.56
C5 NAG M . 44.02 4.11 9.06
C6 NAG M . 44.11 5.35 9.94
C7 NAG M . 41.65 0.57 5.83
C8 NAG M . 41.81 -0.85 5.35
N2 NAG M . 42.66 1.05 6.58
O3 NAG M . 44.15 3.20 5.42
O4 NAG M . 45.64 4.70 7.32
O5 NAG M . 42.71 3.61 9.19
O6 NAG M . 43.27 6.37 9.44
O7 NAG M . 40.66 1.24 5.54
C1 NAG M . 45.68 6.02 6.74
C2 NAG M . 47.06 6.62 7.04
C3 NAG M . 47.14 8.02 6.42
C4 NAG M . 46.75 8.01 4.94
C5 NAG M . 45.41 7.29 4.77
C6 NAG M . 44.95 7.15 3.33
C7 NAG M . 48.12 5.81 9.11
C8 NAG M . 48.22 6.04 10.60
N2 NAG M . 47.31 6.66 8.45
O3 NAG M . 48.44 8.50 6.62
O4 NAG M . 46.68 9.36 4.53
O5 NAG M . 45.48 6.00 5.35
O6 NAG M . 43.74 6.42 3.29
O7 NAG M . 48.73 4.90 8.56
C1 BMA M . 47.70 9.66 3.55
C2 BMA M . 48.21 11.07 3.85
C3 BMA M . 49.32 11.48 2.86
C4 BMA M . 50.10 10.33 2.18
C5 BMA M . 50.01 8.98 2.91
C6 BMA M . 51.18 8.70 3.86
O2 BMA M . 48.63 11.11 5.19
O3 BMA M . 50.16 12.36 3.56
O4 BMA M . 49.57 10.23 0.88
O5 BMA M . 48.78 8.74 3.60
O6 BMA M . 51.16 9.65 4.89
C1 NAG N . 35.96 -17.88 27.65
C2 NAG N . 36.15 -19.31 28.15
C3 NAG N . 37.23 -19.34 29.24
C4 NAG N . 38.50 -18.61 28.81
C5 NAG N . 38.14 -17.22 28.28
C6 NAG N . 39.31 -16.39 27.79
C7 NAG N . 34.13 -20.77 28.09
C8 NAG N . 34.59 -21.31 26.76
N2 NAG N . 34.91 -19.84 28.67
O3 NAG N . 37.47 -20.68 29.57
O4 NAG N . 39.34 -18.51 29.94
O5 NAG N . 37.20 -17.36 27.22
O6 NAG N . 40.24 -17.22 27.14
O7 NAG N . 33.09 -21.16 28.60
C1 NAG N . 40.51 -19.33 29.75
C2 NAG N . 41.68 -18.65 30.47
C3 NAG N . 42.90 -19.58 30.55
C4 NAG N . 42.52 -20.96 31.08
C5 NAG N . 41.38 -21.51 30.19
C6 NAG N . 40.90 -22.90 30.55
C7 NAG N . 42.02 -16.21 30.36
C8 NAG N . 42.44 -15.09 29.45
N2 NAG N . 42.05 -17.43 29.80
O3 NAG N . 43.86 -18.96 31.36
O4 NAG N . 43.68 -21.75 31.06
O5 NAG N . 40.29 -20.63 30.29
O6 NAG N . 40.51 -22.94 31.89
O7 NAG N . 41.67 -16.00 31.52
C1 BMA N . 43.99 -22.17 32.41
C2 BMA N . 44.11 -23.69 32.39
C3 BMA N . 44.40 -24.22 33.81
C4 BMA N . 45.16 -23.24 34.74
C5 BMA N . 45.86 -22.08 34.03
C6 BMA N . 47.32 -22.38 33.68
O2 BMA N . 45.10 -24.04 31.45
O3 BMA N . 45.05 -25.46 33.67
O4 BMA N . 44.19 -22.74 35.66
O5 BMA N . 45.19 -21.59 32.87
O6 BMA N . 47.81 -21.31 32.91
C1 MAN N . 44.06 -26.48 33.42
C2 MAN N . 44.22 -27.58 34.47
C3 MAN N . 45.55 -28.30 34.29
C4 MAN N . 45.75 -28.78 32.86
C5 MAN N . 45.52 -27.61 31.88
C6 MAN N . 45.54 -28.06 30.45
O2 MAN N . 43.13 -28.44 34.32
O3 MAN N . 45.58 -29.37 35.21
O4 MAN N . 47.06 -29.29 32.76
O5 MAN N . 44.25 -27.02 32.13
O6 MAN N . 46.84 -27.91 29.94
C1 NAG O . 3.25 -0.43 46.65
C2 NAG O . 2.99 -1.34 47.86
C3 NAG O . 1.61 -1.96 47.78
C4 NAG O . 0.57 -0.85 47.64
C5 NAG O . 0.90 -0.08 46.36
C6 NAG O . -0.07 1.04 46.00
C7 NAG O . 5.05 -2.28 48.84
C8 NAG O . 6.01 -3.43 48.78
N2 NAG O . 4.02 -2.34 47.97
O3 NAG O . 1.42 -2.74 48.93
O4 NAG O . -0.72 -1.43 47.64
O5 NAG O . 2.19 0.49 46.51
O6 NAG O . -1.26 0.48 45.49
O7 NAG O . 5.19 -1.37 49.63
C1 NAG O . -1.43 -0.96 48.81
C2 NAG O . -2.94 -1.22 48.62
C3 NAG O . -3.69 -0.83 49.89
C4 NAG O . -3.09 -1.48 51.13
C5 NAG O . -1.58 -1.18 51.17
C6 NAG O . -0.86 -1.80 52.34
C7 NAG O . -3.94 -1.01 46.35
C8 NAG O . -3.99 -2.52 46.25
N2 NAG O . -3.43 -0.49 47.48
O3 NAG O . -5.04 -1.19 49.72
O4 NAG O . -3.76 -0.96 52.25
O5 NAG O . -1.00 -1.64 49.97
O6 NAG O . -1.01 -3.20 52.30
O7 NAG O . -4.35 -0.32 45.43
C1 NAG P . 22.82 -4.37 45.30
C2 NAG P . 21.52 -4.90 45.91
C3 NAG P . 21.16 -4.06 47.14
C4 NAG P . 22.33 -3.96 48.13
C5 NAG P . 23.61 -3.55 47.38
C6 NAG P . 24.87 -3.55 48.22
C7 NAG P . 19.96 -5.95 44.33
C8 NAG P . 18.86 -5.68 43.33
N2 NAG P . 20.47 -4.86 44.94
O3 NAG P . 20.03 -4.63 47.73
O4 NAG P . 21.93 -3.00 49.09
O5 NAG P . 23.83 -4.42 46.28
O6 NAG P . 26.00 -3.37 47.40
O7 NAG P . 20.36 -7.09 44.53
C1 NAG P . 22.00 -3.55 50.42
C2 NAG P . 21.92 -2.40 51.43
C3 NAG P . 22.03 -2.95 52.84
C4 NAG P . 21.01 -4.07 53.10
C5 NAG P . 21.07 -5.10 51.95
C6 NAG P . 20.01 -6.19 52.04
C7 NAG P . 24.25 -1.45 51.16
C8 NAG P . 24.94 -0.15 50.82
N2 NAG P . 22.90 -1.36 51.15
O3 NAG P . 21.87 -1.87 53.73
O4 NAG P . 21.34 -4.66 54.33
O5 NAG P . 20.93 -4.45 50.70
O6 NAG P . 18.73 -5.61 52.07
O7 NAG P . 24.90 -2.46 51.39
C1 BMA P . 20.30 -4.38 55.30
C2 BMA P . 20.27 -5.53 56.30
C3 BMA P . 19.24 -5.26 57.42
C4 BMA P . 18.89 -3.78 57.69
C5 BMA P . 19.90 -2.77 57.16
C6 BMA P . 20.92 -2.31 58.21
O2 BMA P . 21.57 -5.71 56.79
O3 BMA P . 19.74 -5.91 58.57
O4 BMA P . 17.62 -3.58 57.08
O5 BMA P . 20.58 -3.15 55.97
O6 BMA P . 21.71 -3.41 58.59
C1 NAG Q . 29.58 9.13 37.32
C2 NAG Q . 29.35 10.51 36.71
C3 NAG Q . 30.65 11.31 36.77
C4 NAG Q . 31.25 11.33 38.18
C5 NAG Q . 31.29 9.92 38.77
C6 NAG Q . 31.72 9.86 40.21
C7 NAG Q . 27.76 10.96 34.88
C8 NAG Q . 27.48 10.73 33.42
N2 NAG Q . 28.89 10.41 35.35
O3 NAG Q . 30.38 12.59 36.28
O4 NAG Q . 32.56 11.84 38.05
O5 NAG Q . 30.02 9.31 38.65
O6 NAG Q . 31.58 8.55 40.70
O7 NAG Q . 26.99 11.60 35.59
C1 NAG Q . 32.67 13.15 38.65
C2 NAG Q . 34.11 13.23 39.19
C3 NAG Q . 34.59 14.67 39.41
C4 NAG Q . 34.18 15.61 38.27
C5 NAG Q . 32.66 15.48 38.07
C6 NAG Q . 32.09 16.41 37.02
C7 NAG Q . 34.96 11.41 40.61
C8 NAG Q . 34.91 10.81 42.00
N2 NAG Q . 34.21 12.50 40.42
O3 NAG Q . 35.98 14.60 39.56
O4 NAG Q . 34.60 16.96 38.44
O5 NAG Q . 32.41 14.14 37.69
O6 NAG Q . 30.77 16.03 36.72
O7 NAG Q . 35.67 10.91 39.74
C1 BMA Q . 34.49 17.50 39.78
C2 BMA Q . 35.88 17.99 40.16
C3 BMA Q . 35.87 18.57 41.60
C4 BMA Q . 34.55 19.22 42.06
C5 BMA Q . 33.50 19.45 40.95
C6 BMA Q . 33.42 20.90 40.48
O2 BMA Q . 36.32 18.92 39.20
O3 BMA Q . 37.01 19.39 41.68
O4 BMA Q . 34.03 18.33 43.04
O5 BMA Q . 33.56 18.56 39.85
O6 BMA Q . 34.53 21.13 39.61
C1 MAN Q . 37.72 19.14 42.93
C2 MAN Q . 39.05 19.92 42.83
C3 MAN Q . 40.07 19.17 41.99
C4 MAN Q . 40.33 17.80 42.60
C5 MAN Q . 39.01 17.02 42.58
C6 MAN Q . 39.13 15.72 43.34
O2 MAN Q . 39.51 20.10 44.16
O3 MAN Q . 41.24 19.95 41.92
O4 MAN Q . 41.33 17.18 41.83
O5 MAN Q . 37.94 17.76 43.17
O6 MAN Q . 39.02 15.99 44.72
C1 MAN Q . 34.81 22.55 39.58
C2 MAN Q . 33.77 23.23 38.69
C3 MAN Q . 33.93 22.76 37.24
C4 MAN Q . 35.37 22.92 36.76
C5 MAN Q . 36.34 22.27 37.76
C6 MAN Q . 37.78 22.56 37.42
O2 MAN Q . 33.98 24.61 38.81
O3 MAN Q . 33.03 23.50 36.46
O4 MAN Q . 35.45 22.31 35.49
O5 MAN Q . 36.09 22.76 39.06
O6 MAN Q . 38.61 21.66 38.12
C1 NAG R . 21.85 -15.36 31.14
C2 NAG R . 20.70 -15.99 30.33
C3 NAG R . 20.11 -17.19 31.07
C4 NAG R . 21.20 -18.18 31.50
C5 NAG R . 22.33 -17.43 32.20
C6 NAG R . 23.52 -18.30 32.58
C7 NAG R . 18.79 -14.17 30.34
C8 NAG R . 18.59 -14.02 31.84
N2 NAG R . 19.71 -15.03 29.82
O3 NAG R . 19.15 -17.78 30.22
O4 NAG R . 20.60 -19.11 32.36
O5 NAG R . 22.81 -16.37 31.38
O6 NAG R . 24.03 -18.92 31.42
O7 NAG R . 18.11 -13.50 29.58
C1 NAG R . 20.52 -20.41 31.73
C2 NAG R . 20.60 -21.47 32.84
C3 NAG R . 20.32 -22.86 32.26
C4 NAG R . 19.01 -22.86 31.47
C5 NAG R . 19.12 -21.78 30.38
C6 NAG R . 17.91 -21.68 29.47
C7 NAG R . 22.08 -21.07 34.76
C8 NAG R . 23.50 -21.12 35.23
N2 NAG R . 21.88 -21.44 33.49
O3 NAG R . 20.29 -23.78 33.33
O4 NAG R . 18.82 -24.16 30.93
O5 NAG R . 19.31 -20.53 31.01
O6 NAG R . 16.76 -21.43 30.24
O7 NAG R . 21.18 -20.71 35.51
C1 BMA R . 17.65 -24.74 31.56
C2 BMA R . 16.79 -25.37 30.47
C3 BMA R . 15.54 -26.04 31.08
C4 BMA R . 15.66 -26.48 32.57
C5 BMA R . 17.10 -26.64 33.07
C6 BMA R . 17.65 -28.06 32.89
O2 BMA R . 17.59 -26.27 29.75
O3 BMA R . 15.21 -27.11 30.23
O4 BMA R . 14.97 -25.50 33.31
O5 BMA R . 18.04 -25.71 32.53
O6 BMA R . 19.02 -28.03 33.20
C1 NAG S . 3.46 28.39 43.04
C2 NAG S . 3.08 29.86 42.81
C3 NAG S . 3.14 30.65 44.12
C4 NAG S . 2.39 29.93 45.25
C5 NAG S . 2.96 28.52 45.37
C6 NAG S . 2.36 27.68 46.47
C7 NAG S . 3.61 30.69 40.56
C8 NAG S . 4.69 31.33 39.72
N2 NAG S . 3.95 30.46 41.84
O3 NAG S . 2.63 31.93 43.88
O4 NAG S . 2.54 30.69 46.42
O5 NAG S . 2.76 27.85 44.14
O6 NAG S . 0.97 27.63 46.32
O7 NAG S . 2.51 30.41 40.09
C1 NAG S . 1.24 31.17 46.83
C2 NAG S . 1.24 31.30 48.36
C3 NAG S . -0.11 31.86 48.83
C4 NAG S . -0.48 33.13 48.08
C5 NAG S . -0.37 32.89 46.57
C6 NAG S . -0.67 34.11 45.72
C7 NAG S . 2.67 29.74 49.60
C8 NAG S . 2.74 28.35 50.20
N2 NAG S . 1.52 30.05 48.99
O3 NAG S . -0.04 32.07 50.22
O4 NAG S . -1.79 33.49 48.45
O5 NAG S . 0.92 32.42 46.26
O6 NAG S . 0.17 35.17 46.11
O7 NAG S . 3.62 30.51 49.70
C1 NAG T . -3.63 28.69 36.85
C2 NAG T . -2.22 29.29 36.98
C3 NAG T . -2.15 30.19 38.21
C4 NAG T . -3.26 31.26 38.16
C5 NAG T . -4.61 30.58 37.91
C6 NAG T . -5.77 31.54 37.76
C7 NAG T . -0.96 27.29 37.88
C8 NAG T . 0.27 26.48 37.58
N2 NAG T . -1.16 28.30 37.00
O3 NAG T . -0.84 30.68 38.23
O4 NAG T . -3.29 31.94 39.40
O5 NAG T . -4.53 29.76 36.75
O6 NAG T . -5.48 32.46 36.73
O7 NAG T . -1.66 27.05 38.85
C1 NAG T . -2.51 33.16 39.33
C2 NAG T . -3.26 34.32 40.01
C3 NAG T . -2.36 35.55 40.00
C4 NAG T . -0.99 35.27 40.59
C5 NAG T . -0.37 34.04 39.90
C6 NAG T . 0.95 33.59 40.46
C7 NAG T . -5.72 34.48 39.94
C8 NAG T . -6.89 34.84 39.07
N2 NAG T . -4.51 34.60 39.36
O3 NAG T . -3.03 36.57 40.69
O4 NAG T . -0.19 36.41 40.39
O5 NAG T . -1.29 32.96 39.99
O6 NAG T . 0.79 33.19 41.79
O7 NAG T . -5.87 34.11 41.11
C1 BMA T . 0.17 37.03 41.65
C2 BMA T . 0.39 38.52 41.36
C3 BMA T . 0.70 39.31 42.65
C4 BMA T . 0.24 38.67 43.97
C5 BMA T . -0.88 37.62 43.82
C6 BMA T . -2.30 38.18 44.02
O2 BMA T . -0.75 39.00 40.69
O3 BMA T . 0.18 40.60 42.45
O4 BMA T . 1.39 38.09 44.56
O5 BMA T . -0.84 36.85 42.63
O6 BMA T . -2.59 39.04 42.94
C1 NAG U . 37.90 -20.38 11.20
C2 NAG U . 38.69 -21.69 11.31
C3 NAG U . 40.11 -21.34 11.77
C4 NAG U . 40.76 -20.22 10.94
C5 NAG U . 39.79 -19.05 10.79
C6 NAG U . 40.27 -17.94 9.90
C7 NAG U . 37.56 -23.79 11.90
C8 NAG U . 36.95 -24.56 13.05
N2 NAG U . 38.07 -22.59 12.23
O3 NAG U . 40.86 -22.53 11.75
O4 NAG U . 41.93 -19.81 11.61
O5 NAG U . 38.55 -19.53 10.30
O6 NAG U . 40.61 -18.46 8.63
O7 NAG U . 37.57 -24.25 10.77
C1 NAG U . 43.09 -20.26 10.87
C2 NAG U . 44.14 -19.13 10.82
C3 NAG U . 45.36 -19.65 10.06
C4 NAG U . 45.90 -20.93 10.68
C5 NAG U . 44.77 -21.95 10.80
C6 NAG U . 45.14 -23.24 11.50
C7 NAG U . 43.77 -16.70 10.73
C8 NAG U . 43.17 -15.59 9.92
N2 NAG U . 43.64 -17.94 10.21
O3 NAG U . 46.31 -18.61 10.03
O4 NAG U . 46.96 -21.37 9.86
O5 NAG U . 43.68 -21.38 11.49
O6 NAG U . 46.00 -24.00 10.68
O7 NAG U . 44.34 -16.48 11.79
C1 BMA U . 48.20 -21.38 10.58
C2 BMA U . 49.25 -21.99 9.67
C3 BMA U . 50.65 -21.97 10.34
C4 BMA U . 50.86 -20.90 11.44
C5 BMA U . 49.90 -19.72 11.37
C6 BMA U . 50.40 -18.57 10.49
O2 BMA U . 49.23 -21.30 8.46
O3 BMA U . 51.59 -21.87 9.29
O4 BMA U . 50.76 -21.58 12.68
O5 BMA U . 48.56 -20.07 10.98
O6 BMA U . 49.32 -17.68 10.32
C1 NAG V . 38.77 4.99 39.82
C2 NAG V . 37.83 5.56 40.89
C3 NAG V . 38.63 6.36 41.92
C4 NAG V . 39.76 5.50 42.50
C5 NAG V . 40.62 5.01 41.33
C6 NAG V . 41.80 4.13 41.73
C7 NAG V . 35.49 6.07 40.34
C8 NAG V . 34.57 7.06 39.66
N2 NAG V . 36.80 6.37 40.31
O3 NAG V . 37.73 6.79 42.91
O4 NAG V . 40.49 6.32 43.40
O5 NAG V . 39.81 4.26 40.44
O6 NAG V . 41.33 3.01 42.44
O7 NAG V . 35.04 5.07 40.89
C1 NAG V . 40.38 5.77 44.73
C2 NAG V . 41.49 6.39 45.59
C3 NAG V . 41.35 5.91 47.05
C4 NAG V . 39.93 6.14 47.57
C5 NAG V . 38.93 5.51 46.60
C6 NAG V . 37.48 5.71 46.99
C7 NAG V . 43.63 6.91 44.50
C8 NAG V . 44.93 6.33 44.03
N2 NAG V . 42.79 6.04 45.08
O3 NAG V . 42.30 6.59 47.81
O4 NAG V . 39.85 5.55 48.85
O5 NAG V . 39.13 6.07 45.31
O6 NAG V . 37.20 7.09 47.10
O7 NAG V . 43.38 8.10 44.36
C1 NAG W . 8.77 -5.15 45.16
C2 NAG W . 9.95 -5.85 45.87
C3 NAG W . 9.59 -7.32 46.12
C4 NAG W . 8.22 -7.45 46.79
C5 NAG W . 7.19 -6.60 46.02
C6 NAG W . 5.80 -6.65 46.61
C7 NAG W . 12.36 -5.36 45.68
C8 NAG W . 13.49 -5.27 44.69
N2 NAG W . 11.18 -5.71 45.13
O3 NAG W . 10.61 -7.85 46.92
O4 NAG W . 7.88 -8.81 46.81
O5 NAG W . 7.64 -5.24 46.00
O6 NAG W . 5.84 -6.66 48.01
O7 NAG W . 12.50 -5.12 46.87
C1 NAG W . 7.93 -9.32 48.15
C2 NAG W . 6.78 -10.32 48.33
C3 NAG W . 6.84 -10.90 49.75
C4 NAG W . 8.22 -11.49 50.07
C5 NAG W . 9.31 -10.44 49.77
C6 NAG W . 10.72 -10.97 49.93
C7 NAG W . 4.62 -10.13 47.15
C8 NAG W . 3.33 -9.36 47.06
N2 NAG W . 5.49 -9.71 48.09
O3 NAG W . 5.82 -11.86 49.87
O4 NAG W . 8.21 -11.88 51.42
O5 NAG W . 9.15 -9.98 48.43
O6 NAG W . 10.89 -12.17 49.21
O7 NAG W . 4.85 -11.08 46.42
C1 NAG X . -0.42 54.66 4.61
C2 NAG X . -0.36 56.21 4.63
C3 NAG X . -1.62 56.84 4.01
C4 NAG X . -1.92 56.21 2.65
C5 NAG X . -2.00 54.69 2.81
C6 NAG X . -2.32 53.94 1.54
C7 NAG X . -0.46 56.85 7.18
C8 NAG X . -1.79 56.21 7.55
N2 NAG X . 0.05 56.78 5.91
O3 NAG X . -1.41 58.23 3.93
O4 NAG X . -3.16 56.76 2.21
O5 NAG X . -0.76 54.23 3.31
O6 NAG X . -2.23 52.56 1.77
O7 NAG X . 0.16 57.43 8.05
C1 NAG X . -2.91 57.56 1.03
C2 NAG X . -4.20 57.58 0.19
C3 NAG X . -4.03 58.50 -1.02
C4 NAG X . -3.52 59.88 -0.61
C5 NAG X . -2.26 59.72 0.26
C6 NAG X . -1.69 61.01 0.76
C7 NAG X . -5.64 55.58 0.19
C8 NAG X . -5.80 54.19 -0.39
N2 NAG X . -4.56 56.25 -0.23
O3 NAG X . -5.25 58.57 -1.69
O4 NAG X . -3.26 60.60 -1.79
O5 NAG X . -2.57 58.88 1.36
O6 NAG X . -2.68 61.73 1.46
O7 NAG X . -6.45 56.03 0.99
C1 NAG Y . 7.31 47.01 11.77
C2 NAG Y . 8.63 47.76 11.59
C3 NAG Y . 9.54 47.50 12.81
C4 NAG Y . 8.81 47.74 14.13
C5 NAG Y . 7.47 46.99 14.12
C6 NAG Y . 6.60 47.20 15.35
C7 NAG Y . 9.30 48.08 9.24
C8 NAG Y . 10.05 47.46 8.10
N2 NAG Y . 9.29 47.35 10.38
O3 NAG Y . 10.68 48.28 12.66
O4 NAG Y . 9.66 47.27 15.15
O5 NAG Y . 6.72 47.39 12.98
O6 NAG Y . 5.36 46.58 15.16
O7 NAG Y . 8.75 49.17 9.14
C1 NAG Y . 10.04 48.35 16.03
C2 NAG Y . 10.74 47.73 17.24
C3 NAG Y . 11.35 48.82 18.13
C4 NAG Y . 12.19 49.79 17.31
C5 NAG Y . 11.31 50.35 16.18
C6 NAG Y . 11.97 51.37 15.27
C7 NAG Y . 9.83 45.58 18.05
C8 NAG Y . 8.76 44.96 18.91
N2 NAG Y . 9.82 46.93 18.01
O3 NAG Y . 12.10 48.19 19.13
O4 NAG Y . 12.65 50.79 18.21
O5 NAG Y . 10.90 49.26 15.38
O6 NAG Y . 13.18 50.85 14.77
O7 NAG Y . 10.64 44.89 17.45
C1 BMA Y . 14.10 50.83 18.17
C2 BMA Y . 14.52 52.29 18.25
C3 BMA Y . 16.06 52.41 18.17
C4 BMA Y . 16.86 51.16 18.62
C5 BMA Y . 16.08 50.19 19.52
C6 BMA Y . 16.31 50.46 21.00
O2 BMA Y . 13.99 52.82 19.45
O3 BMA Y . 16.41 53.57 18.88
O4 BMA Y . 17.29 50.53 17.43
O5 BMA Y . 14.69 50.11 19.25
O6 BMA Y . 15.17 50.03 21.71
C1 MAN Y . 16.36 54.70 17.98
C2 MAN Y . 17.66 55.49 18.15
C3 MAN Y . 17.71 56.12 19.54
C4 MAN Y . 16.47 56.95 19.82
C5 MAN Y . 15.22 56.10 19.58
C6 MAN Y . 13.95 56.91 19.68
O2 MAN Y . 17.68 56.46 17.13
O3 MAN Y . 18.89 56.91 19.60
O4 MAN Y . 16.55 57.39 21.16
O5 MAN Y . 15.26 55.53 18.28
O6 MAN Y . 13.43 56.83 20.99
C1 MAN Y . 15.40 50.26 23.13
C2 MAN Y . 14.40 49.40 23.91
C3 MAN Y . 12.99 49.94 23.72
C4 MAN Y . 12.89 51.42 24.06
C5 MAN Y . 13.94 52.19 23.23
C6 MAN Y . 14.01 53.65 23.63
O2 MAN Y . 14.81 49.46 25.26
O3 MAN Y . 12.14 49.16 24.53
O4 MAN Y . 11.58 51.83 23.76
O5 MAN Y . 15.22 51.63 23.44
O6 MAN Y . 14.88 54.32 22.76
C1 NAG Z . -14.17 33.86 3.18
C2 NAG Z . -15.42 33.65 2.32
C3 NAG Z . -15.31 34.46 1.03
C4 NAG Z . -14.96 35.93 1.31
C5 NAG Z . -13.72 35.98 2.20
C6 NAG Z . -13.26 37.37 2.59
C7 NAG Z . -16.58 31.48 2.52
C8 NAG Z . -16.55 30.04 2.06
N2 NAG Z . -15.60 32.25 2.02
O3 NAG Z . -16.52 34.32 0.34
O4 NAG Z . -14.75 36.54 0.05
O5 NAG Z . -13.98 35.25 3.39
O6 NAG Z . -14.34 38.09 3.14
O7 NAG Z . -17.44 31.89 3.28
C1 NAG Z . -15.72 37.60 -0.13
C2 NAG Z . -15.27 38.47 -1.31
C3 NAG Z . -16.29 39.58 -1.55
C4 NAG Z . -17.71 39.01 -1.69
C5 NAG Z . -18.00 38.08 -0.50
C6 NAG Z . -19.35 37.39 -0.56
C7 NAG Z . -12.86 38.74 -1.79
C8 NAG Z . -11.60 39.46 -1.35
N2 NAG Z . -13.96 39.03 -1.07
O3 NAG Z . -15.90 40.29 -2.69
O4 NAG Z . -18.58 40.11 -1.74
O5 NAG Z . -17.00 37.10 -0.41
O6 NAG Z . -19.47 36.48 0.50
O7 NAG Z . -12.85 37.96 -2.72
C1 BMA Z . -19.27 40.18 -3.01
C2 BMA Z . -19.58 41.66 -3.28
C3 BMA Z . -20.31 41.83 -4.63
C4 BMA Z . -20.07 40.72 -5.69
C5 BMA Z . -18.82 39.86 -5.44
C6 BMA Z . -17.59 40.31 -6.22
O2 BMA Z . -18.38 42.37 -3.20
O3 BMA Z . -19.95 43.11 -5.11
O4 BMA Z . -21.24 39.92 -5.67
O5 BMA Z . -18.48 39.66 -4.07
O6 BMA Z . -17.22 41.60 -5.79
C1 NAG AA . -4.68 18.80 -38.21
C2 NAG AA . -5.93 19.66 -38.01
C3 NAG AA . -7.17 18.81 -38.21
C4 NAG AA . -7.11 18.11 -39.57
C5 NAG AA . -5.77 17.38 -39.74
C6 NAG AA . -5.57 16.70 -41.08
C7 NAG AA . -5.51 21.54 -36.48
C8 NAG AA . -5.46 21.92 -35.02
N2 NAG AA . -5.84 20.25 -36.70
O3 NAG AA . -8.29 19.64 -38.09
O4 NAG AA . -8.20 17.21 -39.61
O5 NAG AA . -4.69 18.29 -39.53
O6 NAG AA . -4.36 15.97 -41.05
O7 NAG AA . -5.26 22.34 -37.36
C1 NAG AA . -9.13 17.62 -40.64
C2 NAG AA . -9.86 16.36 -41.15
C3 NAG AA . -10.87 16.77 -42.22
C4 NAG AA . -11.82 17.85 -41.70
C5 NAG AA . -10.99 19.01 -41.14
C6 NAG AA . -11.80 20.13 -40.53
C7 NAG AA . -8.54 14.29 -41.01
C8 NAG AA . -7.54 13.43 -41.73
N2 NAG AA . -8.91 15.41 -41.66
O3 NAG AA . -11.54 15.60 -42.63
O4 NAG AA . -12.63 18.24 -42.79
O5 NAG AA . -10.10 18.52 -40.15
O6 NAG AA . -10.94 21.10 -39.97
O7 NAG AA . -8.97 13.97 -39.91
C1 BMA AA . -14.01 17.97 -42.52
C2 BMA AA . -14.82 18.35 -43.76
C3 BMA AA . -16.33 18.06 -43.56
C4 BMA AA . -16.68 16.98 -42.51
C5 BMA AA . -15.53 16.02 -42.16
C6 BMA AA . -15.53 14.71 -42.94
O2 BMA AA . -14.27 17.67 -44.86
O3 BMA AA . -16.85 17.78 -44.83
O4 BMA AA . -17.12 17.67 -41.36
O5 BMA AA . -14.23 16.60 -42.20
O6 BMA AA . -15.36 15.00 -44.32
C1 NAG BA . 11.85 9.80 -39.20
C2 NAG BA . 12.83 10.78 -39.83
C3 NAG BA . 14.26 10.39 -39.44
C4 NAG BA . 14.43 10.24 -37.93
C5 NAG BA . 13.31 9.33 -37.38
C6 NAG BA . 13.28 9.21 -35.87
C7 NAG BA . 12.16 11.81 -42.01
C8 NAG BA . 11.69 13.02 -41.25
N2 NAG BA . 12.68 10.80 -41.26
O3 NAG BA . 15.13 11.36 -39.96
O4 NAG BA . 15.70 9.67 -37.71
O5 NAG BA . 12.05 9.82 -37.80
O6 NAG BA . 13.19 10.50 -35.29
O7 NAG BA . 12.07 11.74 -43.22
C1 NAG BA . 16.52 10.59 -36.95
C2 NAG BA . 17.68 9.79 -36.34
C3 NAG BA . 18.64 10.74 -35.59
C4 NAG BA . 19.04 11.95 -36.43
C5 NAG BA . 17.78 12.60 -37.05
C6 NAG BA . 18.03 13.75 -37.99
C7 NAG BA . 16.50 8.77 -34.35
C8 NAG BA . 16.23 7.42 -33.74
N2 NAG BA . 17.24 8.72 -35.49
O3 NAG BA . 19.74 9.97 -35.20
O4 NAG BA . 19.73 12.82 -35.54
O5 NAG BA . 17.05 11.62 -37.75
O6 NAG BA . 16.82 14.11 -38.62
O7 NAG BA . 16.07 9.79 -33.83
C1 BMA BA . 21.05 13.22 -36.04
C2 BMA BA . 22.07 12.95 -34.94
C3 BMA BA . 23.49 13.39 -35.40
C4 BMA BA . 23.72 13.42 -36.93
C5 BMA BA . 22.73 12.58 -37.74
C6 BMA BA . 23.24 11.16 -38.00
O2 BMA BA . 22.02 11.59 -34.59
O3 BMA BA . 24.39 12.54 -34.74
O4 BMA BA . 23.65 14.79 -37.30
O5 BMA BA . 21.42 12.51 -37.22
O6 BMA BA . 22.19 10.46 -38.64
C1 NAG CA . 13.80 27.52 -16.78
C2 NAG CA . 13.49 27.74 -15.30
C3 NAG CA . 14.51 28.70 -14.68
C4 NAG CA . 15.95 28.28 -15.00
C5 NAG CA . 16.09 28.09 -16.52
C6 NAG CA . 17.45 27.64 -16.99
C7 NAG CA . 11.15 27.59 -14.52
C8 NAG CA . 9.84 28.34 -14.46
N2 NAG CA . 12.16 28.26 -15.12
O3 NAG CA . 14.27 28.77 -13.30
O4 NAG CA . 16.78 29.31 -14.51
O5 NAG CA . 15.14 27.13 -16.93
O6 NAG CA . 17.83 26.47 -16.29
O7 NAG CA . 11.26 26.47 -14.07
C1 NAG CA . 17.69 28.76 -13.52
C2 NAG CA . 18.72 29.85 -13.15
C3 NAG CA . 19.64 29.33 -12.06
C4 NAG CA . 18.87 28.74 -10.88
C5 NAG CA . 17.84 27.73 -11.40
C6 NAG CA . 16.96 27.10 -10.34
C7 NAG CA . 19.45 31.47 -14.85
C8 NAG CA . 20.34 31.64 -16.07
N2 NAG CA . 19.47 30.24 -14.32
O3 NAG CA . 20.48 30.38 -11.66
O4 NAG CA . 19.84 28.15 -10.04
O5 NAG CA . 17.01 28.36 -12.35
O6 NAG CA . 16.32 28.11 -9.60
O7 NAG CA . 18.80 32.40 -14.41
C1 BMA CA . 19.79 28.79 -8.74
C2 BMA CA . 20.03 27.70 -7.70
C3 BMA CA . 19.99 28.29 -6.27
C4 BMA CA . 20.40 29.79 -6.15
C5 BMA CA . 21.15 30.35 -7.36
C6 BMA CA . 22.67 30.31 -7.19
O2 BMA CA . 21.24 27.05 -7.99
O3 BMA CA . 20.76 27.42 -5.48
O4 BMA CA . 19.19 30.49 -5.94
O5 BMA CA . 20.79 29.79 -8.63
O6 BMA CA . 23.17 29.34 -8.09
C1 MAN CA . 19.97 27.01 -4.34
C2 MAN CA . 20.88 26.19 -3.40
C3 MAN CA . 21.15 24.81 -3.97
C4 MAN CA . 19.83 24.08 -4.24
C5 MAN CA . 19.03 24.92 -5.24
C6 MAN CA . 17.65 24.33 -5.47
O2 MAN CA . 20.20 26.15 -2.17
O3 MAN CA . 21.97 24.09 -3.07
O4 MAN CA . 20.16 22.81 -4.76
O5 MAN CA . 18.85 26.23 -4.75
O6 MAN CA . 17.59 23.81 -6.78
C1 MAN CA . 21.08 26.59 -1.10
C2 MAN CA . 20.34 26.30 0.22
C3 MAN CA . 19.17 27.26 0.39
C4 MAN CA . 19.64 28.71 0.33
C5 MAN CA . 20.37 28.94 -1.01
C6 MAN CA . 21.04 30.29 -1.06
O2 MAN CA . 21.29 26.46 1.25
O3 MAN CA . 18.54 26.96 1.61
O4 MAN CA . 18.50 29.53 0.44
O5 MAN CA . 21.39 27.97 -1.21
O6 MAN CA . 22.08 30.25 -2.01
C1 MAN CA . 24.25 29.93 -8.85
C2 MAN CA . 24.07 29.51 -10.31
C3 MAN CA . 24.23 28.00 -10.43
C4 MAN CA . 25.55 27.53 -9.82
C5 MAN CA . 25.69 28.07 -8.39
C6 MAN CA . 27.06 27.81 -7.80
O2 MAN CA . 25.03 30.20 -11.05
O3 MAN CA . 24.14 27.67 -11.80
O4 MAN CA . 25.55 26.11 -9.85
O5 MAN CA . 25.48 29.48 -8.37
O6 MAN CA . 28.00 27.64 -8.84
C1 NAG DA . -16.65 22.45 -33.38
C2 NAG DA . -17.51 21.20 -33.65
C3 NAG DA . -18.76 21.60 -34.44
C4 NAG DA . -19.49 22.80 -33.83
C5 NAG DA . -18.48 23.93 -33.57
C6 NAG DA . -19.02 25.17 -32.89
C7 NAG DA . -16.30 19.06 -33.86
C8 NAG DA . -15.52 18.19 -34.82
N2 NAG DA . -16.75 20.22 -34.37
O3 NAG DA . -19.59 20.47 -34.51
O4 NAG DA . -20.48 23.16 -34.75
O5 NAG DA . -17.44 23.43 -32.76
O6 NAG DA . -19.65 24.81 -31.69
O7 NAG DA . -16.49 18.72 -32.70
C1 NAG DA . -21.77 23.14 -34.11
C2 NAG DA . -22.70 24.07 -34.89
C3 NAG DA . -24.08 24.06 -34.24
C4 NAG DA . -24.62 22.64 -34.05
C5 NAG DA . -23.55 21.78 -33.35
C6 NAG DA . -23.93 20.32 -33.18
C7 NAG DA . -21.58 25.94 -36.03
C8 NAG DA . -21.08 27.36 -35.86
N2 NAG DA . -22.16 25.40 -34.95
O3 NAG DA . -24.94 24.84 -35.04
O4 NAG DA . -25.80 22.74 -33.28
O5 NAG DA . -22.34 21.85 -34.09
O6 NAG DA . -22.87 19.63 -32.58
O7 NAG DA . -21.44 25.35 -37.10
C1 BMA DA . -26.96 22.33 -34.06
C2 BMA DA . -28.10 23.27 -33.67
C3 BMA DA . -29.39 22.91 -34.46
C4 BMA DA . -29.20 22.17 -35.79
C5 BMA DA . -27.79 22.29 -36.40
C6 BMA DA . -27.65 23.40 -37.44
O2 BMA DA . -27.67 24.58 -33.89
O3 BMA DA . -30.09 24.12 -34.60
O4 BMA DA . -29.51 20.82 -35.52
O5 BMA DA . -26.72 22.40 -35.45
O6 BMA DA . -27.87 24.65 -36.81
C1 NAG EA . 10.63 29.63 -37.42
C2 NAG EA . 11.86 29.62 -38.33
C3 NAG EA . 11.91 30.92 -39.14
C4 NAG EA . 10.58 31.23 -39.83
C5 NAG EA . 9.44 31.13 -38.80
C6 NAG EA . 8.07 31.39 -39.36
C7 NAG EA . 13.84 28.38 -37.46
C8 NAG EA . 13.40 27.18 -38.26
N2 NAG EA . 13.06 29.47 -37.55
O3 NAG EA . 12.98 30.81 -40.05
O4 NAG EA . 10.67 32.53 -40.37
O5 NAG EA . 9.47 29.86 -38.20
O6 NAG EA . 7.95 30.83 -40.65
O7 NAG EA . 14.84 28.33 -36.77
C1 NAG EA . 10.69 32.47 -41.81
C2 NAG EA . 9.98 33.72 -42.34
C3 NAG EA . 10.17 33.86 -43.85
C4 NAG EA . 11.63 33.70 -44.25
C5 NAG EA . 12.13 32.36 -43.70
C6 NAG EA . 13.57 32.01 -44.03
C7 NAG EA . 7.93 34.61 -41.27
C8 NAG EA . 6.46 34.35 -41.09
N2 NAG EA . 8.57 33.70 -42.03
O3 NAG EA . 9.65 35.11 -44.24
O4 NAG EA . 11.69 33.78 -45.66
O5 NAG EA . 12.01 32.39 -42.29
O6 NAG EA . 14.41 33.04 -43.61
O7 NAG EA . 8.49 35.57 -40.77
C1 BMA EA . 12.51 34.91 -46.02
C2 BMA EA . 13.59 34.40 -46.96
C3 BMA EA . 14.54 35.55 -47.37
C4 BMA EA . 13.91 36.97 -47.38
C5 BMA EA . 12.38 36.99 -47.38
C6 BMA EA . 11.78 37.07 -48.79
O2 BMA EA . 12.96 33.78 -48.05
O3 BMA EA . 15.11 35.19 -48.61
O4 BMA EA . 14.42 37.62 -46.22
O5 BMA EA . 11.75 35.93 -46.66
O6 BMA EA . 10.39 36.93 -48.67
C1 MAN EA . 16.21 34.28 -48.37
C2 MAN EA . 17.47 34.87 -49.02
C3 MAN EA . 17.33 34.89 -50.55
C4 MAN EA . 16.91 33.52 -51.09
C5 MAN EA . 15.67 33.02 -50.35
C6 MAN EA . 15.31 31.61 -50.74
O2 MAN EA . 18.54 34.05 -48.61
O3 MAN EA . 18.56 35.32 -51.08
O4 MAN EA . 16.65 33.70 -52.47
O5 MAN EA . 15.92 33.03 -48.96
O6 MAN EA . 14.36 31.65 -51.78
C1 NAG FA . 21.36 41.61 1.01
C2 NAG FA . 22.73 42.26 0.83
C3 NAG FA . 23.80 41.50 1.63
C4 NAG FA . 23.36 41.44 3.09
C5 NAG FA . 22.01 40.70 3.14
C6 NAG FA . 21.44 40.46 4.51
C7 NAG FA . 22.99 43.45 -1.31
C8 NAG FA . 23.39 43.31 -2.76
N2 NAG FA . 23.08 42.33 -0.58
O3 NAG FA . 25.02 42.16 1.45
O4 NAG FA . 24.37 40.80 3.84
O5 NAG FA . 21.07 41.46 2.38
O6 NAG FA . 22.15 39.42 5.15
O7 NAG FA . 22.62 44.52 -0.85
C1 NAG FA . 24.90 41.75 4.79
C2 NAG FA . 25.68 40.99 5.87
C3 NAG FA . 26.34 41.99 6.82
C4 NAG FA . 27.15 43.04 6.08
C5 NAG FA . 26.26 43.68 5.00
C6 NAG FA . 26.97 44.73 4.16
C7 NAG FA . 24.90 38.74 6.62
C8 NAG FA . 26.00 38.11 5.82
N2 NAG FA . 24.82 40.10 6.59
O3 NAG FA . 27.14 41.25 7.73
O4 NAG FA . 27.60 43.98 7.02
O5 NAG FA . 25.77 42.66 4.16
O6 NAG FA . 28.08 44.14 3.51
O7 NAG FA . 24.11 38.06 7.26
C1 NAG GA . 14.85 45.52 -17.51
C2 NAG GA . 16.12 45.42 -16.66
C3 NAG GA . 16.24 46.68 -15.80
C4 NAG GA . 16.11 47.96 -16.62
C5 NAG GA . 14.86 47.88 -17.52
C6 NAG GA . 14.70 49.03 -18.49
C7 NAG GA . 16.85 43.14 -16.09
C8 NAG GA . 16.68 42.01 -15.11
N2 NAG GA . 16.11 44.24 -15.85
O3 NAG GA . 17.47 46.61 -15.12
O4 NAG GA . 16.03 49.01 -15.67
O5 NAG GA . 14.90 46.69 -18.27
O6 NAG GA . 13.66 48.75 -19.40
O7 NAG GA . 17.63 43.05 -17.03
C1 NAG GA . 17.06 50.00 -15.92
C2 NAG GA . 16.70 51.26 -15.13
C3 NAG GA . 17.76 52.34 -15.40
C4 NAG GA . 19.17 51.82 -15.14
C5 NAG GA . 19.38 50.47 -15.86
C6 NAG GA . 20.71 49.82 -15.59
C7 NAG GA . 14.81 52.14 -16.56
C8 NAG GA . 13.36 52.54 -16.44
N2 NAG GA . 15.36 51.72 -15.39
O3 NAG GA . 17.43 53.44 -14.59
O4 NAG GA . 20.07 52.80 -15.63
O5 NAG GA . 18.34 49.58 -15.51
O6 NAG GA . 20.87 49.62 -14.21
O7 NAG GA . 15.38 52.20 -17.63
C1 BMA GA . 20.78 53.41 -14.54
C2 BMA GA . 22.14 53.86 -15.06
C3 BMA GA . 22.94 54.59 -13.96
C4 BMA GA . 22.12 55.23 -12.82
C5 BMA GA . 20.64 55.47 -13.15
C6 BMA GA . 20.33 56.88 -13.65
O2 BMA GA . 21.93 54.65 -16.20
O3 BMA GA . 23.76 55.52 -14.63
O4 BMA GA . 22.25 54.36 -11.71
O5 BMA GA . 20.05 54.52 -14.02
O6 BMA GA . 21.00 57.08 -14.88
C1 NAG HA . -2.18 45.62 -16.35
C2 NAG HA . -3.42 45.49 -15.45
C3 NAG HA . -4.58 46.26 -16.08
C4 NAG HA . -4.19 47.70 -16.44
C5 NAG HA . -2.86 47.72 -17.20
C6 NAG HA . -2.32 49.11 -17.46
C7 NAG HA . -3.91 43.53 -14.04
C8 NAG HA . -4.31 42.08 -14.07
N2 NAG HA . -3.79 44.11 -15.24
O3 NAG HA . -5.66 46.21 -15.19
O4 NAG HA . -5.23 48.20 -17.24
O5 NAG HA . -1.89 46.99 -16.50
O6 NAG HA . -1.04 49.02 -18.03
O7 NAG HA . -3.72 44.12 -12.98
C1 NAG HA . -5.98 49.23 -16.57
C2 NAG HA . -6.43 50.21 -17.66
C3 NAG HA . -7.62 51.07 -17.25
C4 NAG HA . -8.69 50.27 -16.49
C5 NAG HA . -7.99 49.56 -15.32
C6 NAG HA . -8.95 48.79 -14.43
C7 NAG HA . -4.76 51.08 -19.26
C8 NAG HA . -3.62 52.07 -19.41
N2 NAG HA . -5.33 51.06 -18.05
O3 NAG HA . -8.12 51.64 -18.43
O4 NAG HA . -9.81 51.04 -16.08
O5 NAG HA . -7.06 48.65 -15.88
O6 NAG HA . -8.21 47.95 -13.57
O7 NAG HA . -5.11 50.37 -20.18
C1 BMA HA . -9.52 52.37 -15.57
C2 BMA HA . -10.35 53.35 -16.41
C3 BMA HA . -10.08 54.80 -15.96
C4 BMA HA . -9.75 55.00 -14.46
C5 BMA HA . -9.98 53.78 -13.56
C6 BMA HA . -11.27 53.84 -12.75
O2 BMA HA . -11.70 52.98 -16.35
O3 BMA HA . -11.18 55.55 -16.45
O4 BMA HA . -8.39 55.37 -14.43
O5 BMA HA . -9.87 52.50 -14.20
O6 BMA HA . -12.35 53.54 -13.60
C1 MAN HA . -10.71 56.79 -17.06
C2 MAN HA . -11.94 57.43 -17.74
C3 MAN HA . -12.25 56.75 -19.07
C4 MAN HA . -11.04 56.89 -19.99
C5 MAN HA . -9.87 56.15 -19.33
C6 MAN HA . -8.57 56.39 -20.08
O2 MAN HA . -11.65 58.79 -17.90
O3 MAN HA . -13.40 57.37 -19.61
O4 MAN HA . -11.39 56.32 -21.23
O5 MAN HA . -9.65 56.57 -17.99
O6 MAN HA . -8.07 57.65 -19.72
C1 MAN HA . -13.57 54.12 -13.06
C2 MAN HA . -14.04 53.24 -11.90
C3 MAN HA . -14.45 51.86 -12.42
C4 MAN HA . -15.46 51.97 -13.57
C5 MAN HA . -14.92 52.92 -14.64
C6 MAN HA . -15.95 53.22 -15.71
O2 MAN HA . -15.12 53.91 -11.29
O3 MAN HA . -14.98 51.14 -11.33
O4 MAN HA . -15.63 50.66 -14.08
O5 MAN HA . -14.56 54.17 -14.05
O6 MAN HA . -15.32 53.78 -16.83
C1 NAG IA . 16.77 28.89 -24.03
C2 NAG IA . 17.38 27.58 -23.49
C3 NAG IA . 18.90 27.60 -23.60
C4 NAG IA . 19.35 27.99 -25.01
C5 NAG IA . 18.61 29.25 -25.48
C6 NAG IA . 18.92 29.65 -26.91
C7 NAG IA . 16.87 27.61 -20.91
C8 NAG IA . 17.57 28.90 -20.52
N2 NAG IA . 16.86 27.15 -22.20
O3 NAG IA . 19.37 26.34 -23.21
O4 NAG IA . 20.75 28.22 -24.96
O5 NAG IA . 17.21 29.08 -25.35
O6 NAG IA . 18.59 28.59 -27.77
O7 NAG IA . 16.31 26.97 -20.04
C1 NAG IA . 21.46 27.18 -25.66
C2 NAG IA . 22.74 27.78 -26.22
C3 NAG IA . 23.64 26.69 -26.80
C4 NAG IA . 23.85 25.57 -25.79
C5 NAG IA . 22.48 25.03 -25.38
C6 NAG IA . 22.50 23.88 -24.40
C7 NAG IA . 22.70 30.10 -27.05
C8 NAG IA . 22.31 30.97 -28.22
N2 NAG IA . 22.46 28.78 -27.21
O3 NAG IA . 24.85 27.29 -27.19
O4 NAG IA . 24.66 24.58 -26.40
O5 NAG IA . 21.75 26.10 -24.80
O6 NAG IA . 23.20 24.26 -23.24
O7 NAG IA . 23.19 30.57 -26.04
C1 BMA IA . 25.92 24.52 -25.70
C2 BMA IA . 26.27 23.06 -25.44
C3 BMA IA . 27.63 22.94 -24.71
C4 BMA IA . 28.62 24.11 -24.92
C5 BMA IA . 28.33 24.97 -26.16
C6 BMA IA . 29.07 24.50 -27.41
O2 BMA IA . 26.23 22.38 -26.66
O3 BMA IA . 28.18 21.70 -25.11
O4 BMA IA . 28.56 24.89 -23.74
O5 BMA IA . 26.95 25.14 -26.46
O6 BMA IA . 28.57 25.24 -28.50
C1 NAG JA . -2.17 48.82 16.46
C2 NAG JA . -3.21 49.03 17.57
C3 NAG JA . -3.21 50.47 18.07
C4 NAG JA . -1.78 50.94 18.39
C5 NAG JA . -0.92 50.74 17.14
C6 NAG JA . 0.52 51.20 17.27
C7 NAG JA . -5.16 47.52 17.38
C8 NAG JA . -6.52 47.38 16.76
N2 NAG JA . -4.52 48.67 17.09
O3 NAG JA . -4.05 50.54 19.17
O4 NAG JA . -1.86 52.30 18.79
O5 NAG JA . -0.92 49.36 16.84
O6 NAG JA . 1.11 50.59 18.39
O7 NAG JA . -4.67 46.65 18.10
C1 NAG JA . -1.43 52.39 20.17
C2 NAG JA . -0.80 53.78 20.38
C3 NAG JA . -0.39 53.93 21.84
C4 NAG JA . -1.54 53.61 22.79
C5 NAG JA . -2.13 52.24 22.43
C6 NAG JA . -3.32 51.84 23.27
C7 NAG JA . 0.33 54.78 18.43
C8 NAG JA . 1.63 54.81 17.66
N2 NAG JA . 0.32 53.97 19.50
O3 NAG JA . 0.09 55.24 22.03
O4 NAG JA . -1.04 53.64 24.10
O5 NAG JA . -2.51 52.24 21.06
O6 NAG JA . -4.31 52.83 23.20
O7 NAG JA . -0.64 55.44 18.09
C1 NAG KA . -2.16 41.16 21.95
C2 NAG KA . -3.18 41.97 21.12
C3 NAG KA . -3.30 43.38 21.67
C4 NAG KA . -3.63 43.37 23.17
C5 NAG KA . -2.63 42.45 23.90
C6 NAG KA . -2.90 42.27 25.37
C7 NAG KA . -1.82 42.46 19.05
C8 NAG KA . -1.90 42.31 17.55
N2 NAG KA . -2.91 41.98 19.69
O3 NAG KA . -4.26 44.02 20.85
O4 NAG KA . -3.54 44.67 23.69
O5 NAG KA . -2.60 41.17 23.28
O6 NAG KA . -4.22 41.79 25.55
O7 NAG KA . -0.85 42.99 19.57
C1 NAG KA . -4.84 45.30 23.71
C2 NAG KA . -5.05 46.07 25.02
C3 NAG KA . -6.39 46.79 24.97
C4 NAG KA . -6.50 47.67 23.72
C5 NAG KA . -6.20 46.82 22.47
C6 NAG KA . -6.18 47.60 21.17
C7 NAG KA . -4.09 45.26 27.14
C8 NAG KA . -4.25 44.23 28.24
N2 NAG KA . -5.00 45.19 26.16
O3 NAG KA . -6.53 47.55 26.15
O4 NAG KA . -7.83 48.17 23.68
O5 NAG KA . -4.92 46.22 22.64
O6 NAG KA . -5.16 48.56 21.21
O7 NAG KA . -3.18 46.08 27.17
C1 BMA KA . -7.85 49.60 23.83
C2 BMA KA . -9.21 49.95 24.44
C3 BMA KA . -9.32 51.47 24.73
C4 BMA KA . -7.99 52.24 24.90
C5 BMA KA . -6.78 51.37 25.22
C6 BMA KA . -6.47 51.26 26.72
O2 BMA KA . -9.38 49.17 25.60
O3 BMA KA . -10.15 51.58 25.87
O4 BMA KA . -7.80 52.93 23.66
O5 BMA KA . -6.79 50.06 24.65
O6 BMA KA . -7.50 50.54 27.35
C1 NAG LA . 3.75 15.01 -41.86
C2 NAG LA . 4.42 14.91 -43.23
C3 NAG LA . 3.75 15.91 -44.18
C4 NAG LA . 2.21 15.80 -44.17
C5 NAG LA . 1.70 15.77 -42.72
C6 NAG LA . 0.21 15.54 -42.59
C7 NAG LA . 6.80 14.29 -43.40
C8 NAG LA . 8.21 14.82 -43.22
N2 NAG LA . 5.82 15.19 -43.13
O3 NAG LA . 4.29 15.71 -45.46
O4 NAG LA . 1.70 16.92 -44.86
O5 NAG LA . 2.37 14.75 -42.02
O6 NAG LA . -0.16 14.37 -43.28
O7 NAG LA . 6.59 13.16 -43.77
C1 NAG LA . 1.16 16.50 -46.12
C2 NAG LA . -0.18 17.21 -46.38
C3 NAG LA . -0.72 16.76 -47.74
C4 NAG LA . 0.30 17.03 -48.84
C5 NAG LA . 1.64 16.38 -48.46
C6 NAG LA . 2.78 16.65 -49.42
C7 NAG LA . -1.90 17.88 -44.74
C8 NAG LA . -2.86 17.36 -43.70
N2 NAG LA . -1.16 16.93 -45.35
O3 NAG LA . -1.94 17.42 -47.95
O4 NAG LA . -0.23 16.49 -50.03
O5 NAG LA . 2.03 16.84 -47.18
O6 NAG LA . 2.58 15.97 -50.63
O7 NAG LA . -1.81 19.07 -45.00
C1 BMA LA . -0.44 17.54 -51.01
C2 BMA LA . -0.90 16.87 -52.30
C3 BMA LA . -1.22 17.93 -53.39
C4 BMA LA . -1.60 19.34 -52.88
C5 BMA LA . -2.08 19.38 -51.42
C6 BMA LA . -3.59 19.19 -51.28
O2 BMA LA . -1.99 16.05 -52.00
O3 BMA LA . -2.21 17.36 -54.20
O4 BMA LA . -0.44 20.14 -53.05
O5 BMA LA . -1.40 18.47 -50.56
O6 BMA LA . -3.86 19.00 -49.91
C1 NAG MA . -2.02 49.36 -26.02
C2 NAG MA . -1.52 50.19 -24.84
C3 NAG MA . -1.97 51.64 -24.97
C4 NAG MA . -1.57 52.21 -26.32
C5 NAG MA . -2.14 51.30 -27.42
C6 NAG MA . -1.82 51.73 -28.84
C7 NAG MA . -1.10 49.11 -22.67
C8 NAG MA . -1.77 48.57 -21.42
N2 NAG MA . -1.94 49.62 -23.59
O3 NAG MA . -1.43 52.35 -23.89
O4 NAG MA . -2.08 53.52 -26.40
O5 NAG MA . -1.65 49.99 -27.24
O6 NAG MA . -0.43 51.79 -29.01
O7 NAG MA . 0.11 49.08 -22.80
C1 NAG MA . -0.98 54.47 -26.49
C2 NAG MA . -1.53 55.81 -27.00
C3 NAG MA . -0.41 56.86 -27.01
C4 NAG MA . 0.31 56.93 -25.67
C5 NAG MA . 0.77 55.52 -25.26
C6 NAG MA . 1.46 55.46 -23.92
C7 NAG MA . -3.42 55.75 -28.58
C8 NAG MA . -3.79 55.56 -30.03
N2 NAG MA . -2.10 55.66 -28.30
O3 NAG MA . -0.98 58.09 -27.36
O4 NAG MA . 1.40 57.81 -25.81
O5 NAG MA . -0.36 54.67 -25.24
O6 NAG MA . 0.59 55.95 -22.92
O7 NAG MA . -4.27 55.96 -27.72
C1 NAG NA . 21.71 40.46 -6.30
C2 NAG NA . 22.04 41.21 -7.61
C3 NAG NA . 23.43 40.79 -8.10
C4 NAG NA . 24.46 40.86 -6.97
C5 NAG NA . 23.92 40.16 -5.71
C6 NAG NA . 24.86 40.20 -4.54
C7 NAG NA . 20.49 42.02 -9.34
C8 NAG NA . 19.45 41.56 -10.33
N2 NAG NA . 21.03 41.02 -8.61
O3 NAG NA . 23.75 41.64 -9.16
O4 NAG NA . 25.64 40.28 -7.45
O5 NAG NA . 22.69 40.78 -5.34
O6 NAG NA . 25.53 41.43 -4.46
O7 NAG NA . 20.82 43.19 -9.24
C1 NAG NA . 26.66 41.29 -7.65
C2 NAG NA . 28.02 40.71 -7.23
C3 NAG NA . 29.10 41.77 -7.48
C4 NAG NA . 29.08 42.28 -8.92
C5 NAG NA . 27.65 42.75 -9.26
C6 NAG NA . 27.49 43.19 -10.71
C7 NAG NA . 28.28 39.03 -5.45
C8 NAG NA . 28.23 38.79 -3.96
N2 NAG NA . 28.02 40.29 -5.85
O3 NAG NA . 30.34 41.19 -7.15
O4 NAG NA . 30.02 43.33 -9.01
O5 NAG NA . 26.74 41.71 -8.99
O6 NAG NA . 27.98 42.18 -11.58
O7 NAG NA . 28.55 38.12 -6.22
C1 NAG OA . -38.93 23.48 30.81
C2 NAG OA . -40.13 24.08 31.60
C3 NAG OA . -40.34 23.34 32.94
C4 NAG OA . -40.38 21.83 32.72
C5 NAG OA . -39.12 21.40 31.97
C6 NAG OA . -39.02 19.91 31.71
C7 NAG OA . -39.34 26.49 32.27
C8 NAG OA . -38.10 26.16 33.06
N2 NAG OA . -40.12 25.53 31.69
O3 NAG OA . -41.52 23.84 33.50
O4 NAG OA . -40.47 21.23 34.00
O5 NAG OA . -39.07 22.07 30.73
O6 NAG OA . -37.89 19.65 30.90
O7 NAG OA . -39.64 27.67 32.14
C1 NAG OA . -41.75 20.56 34.13
C2 NAG OA . -41.59 19.41 35.13
C3 NAG OA . -42.95 18.74 35.37
C4 NAG OA . -44.02 19.77 35.74
C5 NAG OA . -44.04 20.89 34.68
C6 NAG OA . -45.04 21.98 34.96
C7 NAG OA . -39.44 18.22 35.24
C8 NAG OA . -38.60 17.17 34.57
N2 NAG OA . -40.63 18.45 34.66
O3 NAG OA . -42.79 17.78 36.37
O4 NAG OA . -45.25 19.09 35.81
O5 NAG OA . -42.75 21.45 34.60
O6 NAG OA . -44.81 22.52 36.25
O7 NAG OA . -39.06 18.81 36.24
C1 NAG PA . -33.11 29.54 20.87
C2 NAG PA . -34.34 30.11 20.15
C3 NAG PA . -33.95 31.36 19.38
C4 NAG PA . -33.19 32.37 20.24
C5 NAG PA . -32.03 31.65 20.94
C6 NAG PA . -31.23 32.51 21.90
C7 NAG PA . -36.00 28.39 19.56
C8 NAG PA . -36.41 27.41 18.48
N2 NAG PA . -34.90 29.11 19.29
O3 NAG PA . -35.12 31.90 18.83
O4 NAG PA . -32.71 33.37 19.36
O5 NAG PA . -32.54 30.55 21.67
O6 NAG PA . -30.30 31.71 22.59
O7 NAG PA . -36.64 28.51 20.59
C1 NAG PA . -33.28 34.65 19.72
C2 NAG PA . -32.54 35.72 18.91
C3 NAG PA . -33.21 37.09 19.07
C4 NAG PA . -34.71 37.01 18.83
C5 NAG PA . -35.28 35.92 19.76
C6 NAG PA . -36.79 35.71 19.68
C7 NAG PA . -30.12 35.35 18.57
C8 NAG PA . -28.76 35.53 19.22
N2 NAG PA . -31.16 35.79 19.31
O3 NAG PA . -32.58 37.99 18.19
O4 NAG PA . -35.24 38.29 19.07
O5 NAG PA . -34.66 34.70 19.43
O6 NAG PA . -37.16 35.50 18.34
O7 NAG PA . -30.25 34.86 17.47
C1 BMA PA . -35.92 38.75 17.88
C2 BMA PA . -37.17 39.49 18.33
C3 BMA PA . -37.99 39.98 17.10
C4 BMA PA . -37.18 40.18 15.80
C5 BMA PA . -35.67 40.36 16.01
C6 BMA PA . -35.28 41.83 16.11
O2 BMA PA . -36.78 40.54 19.18
O3 BMA PA . -38.68 41.12 17.52
O4 BMA PA . -37.45 39.06 14.99
O5 BMA PA . -35.11 39.63 17.10
O6 BMA PA . -34.09 41.92 16.88
C1 MAN PA . -39.95 40.73 18.08
C2 MAN PA . -41.04 41.59 17.44
C3 MAN PA . -40.88 43.05 17.87
C4 MAN PA . -40.82 43.18 19.40
C5 MAN PA . -39.74 42.25 19.94
C6 MAN PA . -39.75 42.20 21.46
O2 MAN PA . -42.28 41.05 17.85
O3 MAN PA . -41.96 43.77 17.33
O4 MAN PA . -40.55 44.53 19.68
O5 MAN PA . -39.95 40.92 19.48
O6 MAN PA . -38.83 43.14 21.95
C1 MAN PA . -33.70 43.30 16.95
C2 MAN PA . -32.23 43.36 17.39
C3 MAN PA . -32.09 42.91 18.84
C4 MAN PA . -33.02 43.70 19.76
C5 MAN PA . -34.46 43.61 19.23
C6 MAN PA . -35.41 44.51 20.00
O2 MAN PA . -31.80 44.69 17.21
O3 MAN PA . -30.74 43.06 19.21
O4 MAN PA . -32.90 43.15 21.05
O5 MAN PA . -34.50 44.01 17.87
O6 MAN PA . -36.72 44.27 19.56
C1 NAG QA . -17.77 10.21 30.83
C2 NAG QA . -17.47 8.98 31.68
C3 NAG QA . -18.76 8.17 31.90
C4 NAG QA . -19.89 9.06 32.44
C5 NAG QA . -20.05 10.28 31.51
C6 NAG QA . -21.12 11.25 31.92
C7 NAG QA . -15.22 7.98 31.48
C8 NAG QA . -14.36 7.07 30.63
N2 NAG QA . -16.49 8.15 31.03
O3 NAG QA . -18.45 7.11 32.77
O4 NAG QA . -21.05 8.26 32.48
O5 NAG QA . -18.81 10.95 31.44
O6 NAG QA . -20.92 11.63 33.26
O7 NAG QA . -14.79 8.50 32.50
C1 NAG QA . -21.52 8.15 33.84
C2 NAG QA . -22.95 7.59 33.82
C3 NAG QA . -23.44 7.44 35.27
C4 NAG QA . -22.46 6.63 36.12
C5 NAG QA . -21.05 7.24 35.98
C6 NAG QA . -19.96 6.49 36.72
C7 NAG QA . -24.44 8.06 31.92
C8 NAG QA . -25.32 9.12 31.31
N2 NAG QA . -23.83 8.43 33.07
O3 NAG QA . -24.70 6.83 35.22
O4 NAG QA . -22.93 6.70 37.44
O5 NAG QA . -20.71 7.30 34.61
O6 NAG QA . -18.71 7.05 36.42
O7 NAG QA . -24.29 6.96 31.41
C1 BMA QA . -23.29 5.39 37.93
C2 BMA QA . -24.39 5.58 38.97
C3 BMA QA . -24.86 4.22 39.55
C4 BMA QA . -24.62 2.98 38.64
C5 BMA QA . -24.40 3.30 37.16
C6 BMA QA . -25.66 3.19 36.31
O2 BMA QA . -25.44 6.30 38.38
O3 BMA QA . -26.21 4.38 39.89
O4 BMA QA . -23.49 2.32 39.19
O5 BMA QA . -23.74 4.54 36.89
O6 BMA QA . -26.59 4.15 36.75
C1 NAG RA . -30.37 -28.15 10.85
C2 NAG RA . -30.39 -28.09 12.38
C3 NAG RA . -29.29 -28.98 12.93
C4 NAG RA . -29.44 -30.41 12.38
C5 NAG RA . -29.55 -30.36 10.84
C6 NAG RA . -29.77 -31.70 10.18
C7 NAG RA . -31.26 -25.94 13.20
C8 NAG RA . -30.88 -24.52 13.50
N2 NAG RA . -30.25 -26.71 12.75
O3 NAG RA . -29.36 -28.94 14.33
O4 NAG RA . -28.29 -31.12 12.80
O5 NAG RA . -30.62 -29.49 10.46
O6 NAG RA . -29.73 -31.55 8.78
O7 NAG RA . -32.40 -26.34 13.34
C1 NAG RA . -28.68 -32.18 13.69
C2 NAG RA . -27.66 -33.31 13.56
C3 NAG RA . -28.02 -34.44 14.53
C4 NAG RA . -28.18 -33.92 15.96
C5 NAG RA . -29.16 -32.73 15.95
C6 NAG RA . -29.36 -32.07 17.30
C7 NAG RA . -26.59 -33.50 11.35
C8 NAG RA . -26.74 -34.11 9.97
N2 NAG RA . -27.60 -33.79 12.21
O3 NAG RA . -27.04 -35.43 14.42
O4 NAG RA . -28.65 -34.99 16.74
O5 NAG RA . -28.71 -31.75 15.03
O6 NAG RA . -30.20 -30.94 17.15
O7 NAG RA . -25.64 -32.80 11.64
C1 BMA RA . -27.69 -35.31 17.79
C2 BMA RA . -28.23 -36.53 18.55
C3 BMA RA . -27.24 -36.94 19.67
C4 BMA RA . -25.76 -36.54 19.47
C5 BMA RA . -25.39 -36.19 18.02
C6 BMA RA . -24.76 -37.36 17.23
O2 BMA RA . -28.47 -37.55 17.62
O3 BMA RA . -27.41 -38.33 19.82
O4 BMA RA . -25.55 -35.44 20.32
O5 BMA RA . -26.41 -35.60 17.24
O6 BMA RA . -25.72 -38.39 17.13
C1 NAG SA . -31.30 -26.76 -7.92
C2 NAG SA . -32.80 -26.64 -8.27
C3 NAG SA . -32.94 -25.96 -9.64
C4 NAG SA . -32.17 -24.64 -9.71
C5 NAG SA . -30.72 -24.86 -9.23
C6 NAG SA . -29.91 -23.60 -9.12
C7 NAG SA . -34.32 -28.39 -7.36
C8 NAG SA . -34.67 -27.45 -6.24
N2 NAG SA . -33.43 -27.93 -8.27
O3 NAG SA . -34.31 -25.78 -9.88
O4 NAG SA . -32.21 -24.23 -11.06
O5 NAG SA . -30.74 -25.47 -7.95
O6 NAG SA . -30.56 -22.66 -8.29
O7 NAG SA . -34.81 -29.50 -7.43
C1 NAG SA . -32.89 -22.97 -11.18
C2 NAG SA . -32.51 -22.33 -12.52
C3 NAG SA . -33.29 -21.02 -12.74
C4 NAG SA . -34.79 -21.19 -12.49
C5 NAG SA . -35.01 -21.91 -11.15
C6 NAG SA . -36.45 -22.24 -10.81
C7 NAG SA . -30.26 -21.36 -11.90
C8 NAG SA . -28.82 -21.39 -12.35
N2 NAG SA . -31.09 -22.13 -12.66
O3 NAG SA . -33.01 -20.59 -14.03
O4 NAG SA . -35.33 -19.88 -12.51
O5 NAG SA . -34.29 -23.12 -11.14
O6 NAG SA . -36.50 -23.06 -9.67
O7 NAG SA . -30.59 -20.68 -10.95
C1 BMA SA . -36.45 -19.73 -13.43
C2 BMA SA . -36.18 -18.52 -14.33
C3 BMA SA . -37.35 -18.30 -15.31
C4 BMA SA . -38.21 -19.54 -15.64
C5 BMA SA . -37.52 -20.89 -15.36
C6 BMA SA . -36.79 -21.46 -16.57
O2 BMA SA . -34.95 -18.72 -15.00
O3 BMA SA . -36.78 -17.72 -16.47
O4 BMA SA . -39.40 -19.40 -14.87
O5 BMA SA . -36.64 -20.89 -14.24
O6 BMA SA . -36.11 -22.61 -16.14
C1 NAG TA . -34.86 -0.20 2.19
C2 NAG TA . -34.19 1.07 2.71
C3 NAG TA . -35.07 2.29 2.43
C4 NAG TA . -35.54 2.35 0.98
C5 NAG TA . -36.18 1.00 0.62
C6 NAG TA . -36.66 0.87 -0.82
C7 NAG TA . -32.68 0.91 4.65
C8 NAG TA . -32.63 0.80 6.15
N2 NAG TA . -33.91 0.97 4.11
O3 NAG TA . -34.35 3.44 2.80
O4 NAG TA . -36.45 3.42 0.88
O5 NAG TA . -35.24 -0.03 0.85
O6 NAG TA . -35.62 1.20 -1.70
O7 NAG TA . -31.65 0.95 3.99
C1 NAG TA . -35.97 4.38 -0.08
C2 NAG TA . -37.06 5.42 -0.31
C3 NAG TA . -36.55 6.50 -1.27
C4 NAG TA . -35.20 7.07 -0.83
C5 NAG TA . -34.23 5.91 -0.57
C6 NAG TA . -32.86 6.31 -0.08
C7 NAG TA . -39.44 4.77 -0.20
C8 NAG TA . -40.54 4.06 -0.95
N2 NAG TA . -38.25 4.81 -0.84
O3 NAG TA . -37.53 7.50 -1.35
O4 NAG TA . -34.77 7.92 -1.87
O5 NAG TA . -34.80 5.03 0.38
O6 NAG TA . -32.98 7.11 1.08
O7 NAG TA . -39.63 5.27 0.90
C1 BMA TA . -34.62 9.26 -1.37
C2 BMA TA . -33.40 9.85 -2.06
C3 BMA TA . -33.15 11.29 -1.57
C4 BMA TA . -34.40 12.08 -1.09
C5 BMA TA . -35.74 11.47 -1.52
C6 BMA TA . -36.29 12.11 -2.80
O2 BMA TA . -33.59 9.76 -3.45
O3 BMA TA . -32.44 11.93 -2.62
O4 BMA TA . -34.30 12.11 0.32
O5 BMA TA . -35.76 10.05 -1.64
O6 BMA TA . -36.21 11.14 -3.82
C1 MAN TA . -31.24 12.52 -2.08
C2 MAN TA . -30.57 13.35 -3.19
C3 MAN TA . -29.91 12.44 -4.22
C4 MAN TA . -28.91 11.51 -3.55
C5 MAN TA . -29.66 10.68 -2.51
C6 MAN TA . -28.73 9.81 -1.70
O2 MAN TA . -29.65 14.18 -2.52
O3 MAN TA . -29.30 13.24 -5.21
O4 MAN TA . -28.33 10.71 -4.56
O5 MAN TA . -30.35 11.52 -1.59
O6 MAN TA . -28.93 8.46 -2.05
C1 MAN TA . -29.84 15.56 -2.92
C2 MAN TA . -28.68 16.37 -2.34
C3 MAN TA . -28.81 16.47 -0.83
C4 MAN TA . -30.14 17.09 -0.44
C5 MAN TA . -31.28 16.25 -1.05
C6 MAN TA . -32.63 16.91 -0.86
O2 MAN TA . -28.72 17.64 -2.95
O3 MAN TA . -27.72 17.23 -0.36
O4 MAN TA . -30.20 17.12 0.96
O5 MAN TA . -31.09 16.06 -2.44
O6 MAN TA . -33.51 16.42 -1.84
C1 MAN TA . -37.50 11.05 -4.47
C2 MAN TA . -37.80 9.56 -4.69
C3 MAN TA . -36.78 8.98 -5.66
C4 MAN TA . -36.72 9.77 -6.96
C5 MAN TA . -36.50 11.26 -6.65
C6 MAN TA . -36.62 12.14 -7.88
O2 MAN TA . -39.12 9.49 -5.19
O3 MAN TA . -37.15 7.64 -5.89
O4 MAN TA . -35.66 9.24 -7.72
O5 MAN TA . -37.47 11.71 -5.70
O6 MAN TA . -37.41 11.48 -8.85
C1 NAG UA . -25.56 -26.61 23.27
C2 NAG UA . -24.36 -27.57 23.28
C3 NAG UA . -24.48 -28.53 24.47
C4 NAG UA . -24.78 -27.81 25.78
C5 NAG UA . -25.96 -26.85 25.59
C6 NAG UA . -26.34 -25.99 26.78
C7 NAG UA . -23.37 -28.12 21.09
C8 NAG UA . -23.51 -29.01 19.88
N2 NAG UA . -24.29 -28.30 22.04
O3 NAG UA . -23.29 -29.28 24.54
O4 NAG UA . -25.06 -28.82 26.73
O5 NAG UA . -25.66 -25.98 24.52
O6 NAG UA . -25.21 -25.28 27.22
O7 NAG UA . -22.46 -27.29 21.17
C1 NAG UA . -24.17 -28.69 27.85
C2 NAG UA . -24.84 -29.35 29.06
C3 NAG UA . -23.91 -29.24 30.28
C4 NAG UA . -22.51 -29.77 29.95
C5 NAG UA . -21.99 -29.10 28.66
C6 NAG UA . -20.64 -29.60 28.21
C7 NAG UA . -27.30 -29.30 29.04
C8 NAG UA . -28.51 -28.48 29.41
N2 NAG UA . -26.11 -28.75 29.33
O3 NAG UA . -24.50 -29.95 31.33
O4 NAG UA . -21.69 -29.45 31.06
O5 NAG UA . -22.92 -29.32 27.63
O6 NAG UA . -20.29 -28.99 26.99
O7 NAG UA . -27.42 -30.40 28.49
C1 BMA UA . -21.24 -30.65 31.74
C2 BMA UA . -21.26 -30.36 33.24
C3 BMA UA . -20.79 -31.60 34.04
C4 BMA UA . -20.96 -32.97 33.35
C5 BMA UA . -21.97 -32.99 32.19
C6 BMA UA . -23.36 -33.46 32.59
O2 BMA UA . -22.55 -29.93 33.58
O3 BMA UA . -21.47 -31.53 35.28
O4 BMA UA . -19.67 -33.33 32.91
O5 BMA UA . -22.06 -31.78 31.45
O6 BMA UA . -23.92 -32.53 33.50
C1 NAG VA . -44.96 -18.51 4.05
C2 NAG VA . -45.94 -18.88 2.93
C3 NAG VA . -47.34 -19.12 3.52
C4 NAG VA . -47.31 -20.05 4.73
C5 NAG VA . -46.25 -19.56 5.72
C6 NAG VA . -46.10 -20.41 6.96
C7 NAG VA . -45.45 -17.92 0.68
C8 NAG VA . -44.73 -19.20 0.32
N2 NAG VA . -45.98 -17.86 1.92
O3 NAG VA . -48.14 -19.60 2.48
O4 NAG VA . -48.59 -20.02 5.31
O5 NAG VA . -45.01 -19.49 5.06
O6 NAG VA . -46.25 -21.78 6.63
O7 NAG VA . -45.53 -17.00 -0.12
C1 NAG VA . -49.24 -21.29 5.13
C2 NAG VA . -50.15 -21.54 6.35
C3 NAG VA . -51.06 -22.75 6.13
C4 NAG VA . -51.77 -22.66 4.78
C5 NAG VA . -50.71 -22.50 3.69
C6 NAG VA . -51.23 -22.45 2.27
C7 NAG VA . -49.40 -20.97 8.64
C8 NAG VA . -48.47 -21.39 9.75
N2 NAG VA . -49.35 -21.75 7.53
O3 NAG VA . -51.96 -22.81 7.20
O4 NAG VA . -52.53 -23.85 4.65
O5 NAG VA . -50.00 -21.31 3.95
O6 NAG VA . -52.19 -21.42 2.16
O7 NAG VA . -50.14 -20.01 8.76
C1 BMA VA . -53.93 -23.49 4.55
C2 BMA VA . -54.46 -24.14 3.26
C3 BMA VA . -55.96 -23.77 3.07
C4 BMA VA . -56.76 -23.47 4.37
C5 BMA VA . -56.09 -23.98 5.66
C6 BMA VA . -56.57 -25.37 6.07
O2 BMA VA . -54.25 -25.52 3.36
O3 BMA VA . -56.53 -24.78 2.29
O4 BMA VA . -56.92 -22.06 4.41
O5 BMA VA . -54.67 -23.93 5.67
O6 BMA VA . -55.79 -25.78 7.17
C1 MAN VA . -56.22 -24.55 0.90
C2 MAN VA . -57.52 -24.48 0.11
C3 MAN VA . -58.21 -25.84 0.10
C4 MAN VA . -57.25 -26.95 -0.35
C5 MAN VA . -55.97 -26.90 0.48
C6 MAN VA . -54.92 -27.87 -0.02
O2 MAN VA . -57.19 -24.05 -1.19
O3 MAN VA . -59.32 -25.74 -0.76
O4 MAN VA . -57.94 -28.18 -0.18
O5 MAN VA . -55.41 -25.58 0.40
O6 MAN VA . -55.04 -29.08 0.69
C1 NAG WA . -40.36 22.88 5.20
C2 NAG WA . -41.55 23.41 4.39
C3 NAG WA . -41.06 24.20 3.18
C4 NAG WA . -40.11 25.31 3.64
C5 NAG WA . -38.94 24.63 4.37
C6 NAG WA . -37.85 25.55 4.84
C7 NAG WA . -43.58 22.06 4.63
C8 NAG WA . -44.35 20.88 4.09
N2 NAG WA . -42.42 22.33 4.01
O3 NAG WA . -42.18 24.68 2.50
O4 NAG WA . -39.72 26.06 2.52
O5 NAG WA . -39.46 23.93 5.50
O6 NAG WA . -37.06 25.97 3.75
O7 NAG WA . -44.01 22.72 5.57
C1 NAG WA . -40.22 27.41 2.68
C2 NAG WA . -39.46 28.34 1.72
C3 NAG WA . -40.05 29.75 1.80
C4 NAG WA . -41.57 29.74 1.63
C5 NAG WA . -42.18 28.75 2.61
C6 NAG WA . -43.69 28.61 2.52
C7 NAG WA . -37.05 27.93 1.23
C8 NAG WA . -37.45 27.37 -0.12
N2 NAG WA . -38.06 28.35 2.02
O3 NAG WA . -39.42 30.53 0.83
O4 NAG WA . -42.03 31.05 1.85
O5 NAG WA . -41.60 27.47 2.40
O6 NAG WA . -44.04 28.20 1.22
O7 NAG WA . -35.88 27.98 1.56
C1 NAG XA . -49.33 5.97 11.03
C2 NAG XA . -49.41 7.09 10.00
C3 NAG XA . -50.01 8.34 10.66
C4 NAG XA . -51.32 8.04 11.39
C5 NAG XA . -51.14 6.81 12.31
C6 NAG XA . -52.41 6.33 12.98
C7 NAG XA . -47.74 7.02 8.19
C8 NAG XA . -46.33 7.41 7.82
N2 NAG XA . -48.12 7.37 9.44
O3 NAG XA . -50.18 9.32 9.66
O4 NAG XA . -51.63 9.21 12.11
O5 NAG XA . -50.61 5.73 11.55
O6 NAG XA . -52.17 5.08 13.60
O7 NAG XA . -48.46 6.43 7.41
C1 NAG XA . -52.95 9.69 11.77
C2 NAG XA . -53.37 10.72 12.83
C3 NAG XA . -54.77 11.22 12.51
C4 NAG XA . -54.89 11.72 11.07
C5 NAG XA . -54.30 10.69 10.11
C6 NAG XA . -54.26 11.13 8.66
C7 NAG XA . -53.88 9.16 14.75
C8 NAG XA . -53.50 8.93 16.19
N2 NAG XA . -53.25 10.21 14.18
O3 NAG XA . -55.09 12.22 13.45
O4 NAG XA . -56.25 11.95 10.81
O5 NAG XA . -52.99 10.34 10.51
O6 NAG XA . -53.51 12.32 8.55
O7 NAG XA . -54.70 8.44 14.20
C1 BMA XA . -56.52 13.36 10.66
C2 BMA XA . -57.70 13.51 9.71
C3 BMA XA . -58.09 15.01 9.54
C4 BMA XA . -57.66 15.95 10.69
C5 BMA XA . -57.35 15.26 12.02
C6 BMA XA . -58.52 15.23 13.00
O2 BMA XA . -58.76 12.74 10.21
O3 BMA XA . -59.47 15.03 9.31
O4 BMA XA . -56.52 16.64 10.21
O5 BMA XA . -56.79 13.96 11.91
O6 BMA XA . -59.56 14.45 12.45
C1 NAG YA . -41.34 1.37 25.40
C2 NAG YA . -40.27 1.70 26.45
C3 NAG YA . -40.65 1.04 27.77
C4 NAG YA . -42.08 1.38 28.20
C5 NAG YA . -43.04 1.15 27.03
C6 NAG YA . -44.46 1.61 27.31
C7 NAG YA . -37.89 2.06 25.92
C8 NAG YA . -36.63 1.38 25.46
N2 NAG YA . -38.96 1.26 26.03
O3 NAG YA . -39.70 1.44 28.73
O4 NAG YA . -42.39 0.50 29.26
O5 NAG YA . -42.57 1.83 25.88
O6 NAG YA . -45.23 1.51 26.14
O7 NAG YA . -37.91 3.26 26.18
C1 NAG YA . -42.51 1.21 30.50
C2 NAG YA . -43.58 0.46 31.31
C3 NAG YA . -43.51 0.73 32.81
C4 NAG YA . -42.07 0.75 33.33
C5 NAG YA . -41.28 1.75 32.48
C6 NAG YA . -39.84 1.93 32.93
C7 NAG YA . -45.75 -0.06 30.24
C8 NAG YA . -47.07 0.53 29.82
N2 NAG YA . -44.90 0.79 30.82
O3 NAG YA . -44.29 -0.25 33.44
O4 NAG YA . -41.97 1.02 34.74
O5 NAG YA . -41.27 1.24 31.16
O6 NAG YA . -39.12 2.62 31.94
O7 NAG YA . -45.49 -1.25 30.06
C1 BMA YA . -42.86 2.04 35.27
C2 BMA YA . -43.63 1.37 36.40
C3 BMA YA . -44.64 2.37 37.01
C4 BMA YA . -44.22 3.87 36.99
C5 BMA YA . -42.76 4.14 36.59
C6 BMA YA . -41.85 4.44 37.79
O2 BMA YA . -42.73 0.85 37.34
O3 BMA YA . -44.96 1.86 38.29
O4 BMA YA . -45.09 4.47 36.06
O5 BMA YA . -42.15 3.16 35.76
O6 BMA YA . -41.56 3.23 38.45
C1 MAN YA . -46.39 1.92 38.52
C2 MAN YA . -46.66 1.15 39.83
C3 MAN YA . -46.66 -0.35 39.59
C4 MAN YA . -47.73 -0.70 38.57
C5 MAN YA . -47.37 -0.01 37.25
C6 MAN YA . -48.48 -0.15 36.24
O2 MAN YA . -47.90 1.60 40.31
O3 MAN YA . -46.88 -0.99 40.83
O4 MAN YA . -47.74 -2.11 38.44
O5 MAN YA . -47.14 1.39 37.44
O6 MAN YA . -49.49 0.79 36.53
C1 MAN YA . -41.19 3.50 39.82
C2 MAN YA . -39.76 4.05 39.84
C3 MAN YA . -38.78 2.96 39.39
C4 MAN YA . -38.98 1.66 40.18
C5 MAN YA . -40.45 1.25 40.15
C6 MAN YA . -40.73 0.08 41.07
O2 MAN YA . -39.51 4.46 41.16
O3 MAN YA . -37.48 3.48 39.54
O4 MAN YA . -38.15 0.69 39.58
O5 MAN YA . -41.27 2.33 40.58
O6 MAN YA . -41.97 -0.49 40.75
C1 NAG ZA . -40.70 -5.04 -0.22
C2 NAG ZA . -39.71 -4.85 -1.39
C3 NAG ZA . -40.45 -4.43 -2.66
C4 NAG ZA . -41.62 -5.37 -2.96
C5 NAG ZA . -42.48 -5.57 -1.70
C6 NAG ZA . -43.60 -6.57 -1.87
C7 NAG ZA . -38.27 -2.76 -0.71
C8 NAG ZA . -39.37 -1.72 -0.56
N2 NAG ZA . -38.53 -4.04 -1.07
O3 NAG ZA . -39.51 -4.39 -3.70
O4 NAG ZA . -42.38 -4.78 -3.99
O5 NAG ZA . -41.66 -5.99 -0.61
O6 NAG ZA . -43.06 -7.82 -2.26
O7 NAG ZA . -37.12 -2.40 -0.51
C1 NAG ZA . -42.24 -5.53 -5.21
C2 NAG ZA . -43.54 -5.37 -6.02
C3 NAG ZA . -43.38 -5.98 -7.41
C4 NAG ZA . -42.14 -5.43 -8.10
C5 NAG ZA . -40.92 -5.72 -7.21
C6 NAG ZA . -39.60 -5.26 -7.76
C7 NAG ZA . -45.67 -5.28 -4.79
C8 NAG ZA . -46.72 -6.12 -4.11
N2 NAG ZA . -44.65 -5.97 -5.32
O3 NAG ZA . -44.56 -5.71 -8.13
O4 NAG ZA . -42.02 -6.04 -9.37
O5 NAG ZA . -41.14 -5.07 -5.97
O6 NAG ZA . -39.64 -3.89 -8.03
O7 NAG ZA . -45.76 -4.07 -4.85
C1 BMA ZA . -42.22 -5.03 -10.38
C2 BMA ZA . -41.13 -5.22 -11.45
C3 BMA ZA . -41.29 -4.17 -12.58
C4 BMA ZA . -42.72 -3.61 -12.79
C5 BMA ZA . -43.83 -4.48 -12.19
C6 BMA ZA . -44.39 -5.49 -13.18
O2 BMA ZA . -41.18 -6.54 -11.91
O3 BMA ZA . -40.78 -4.78 -13.74
O4 BMA ZA . -42.71 -2.32 -12.20
O5 BMA ZA . -43.50 -5.14 -10.97
O6 BMA ZA . -45.27 -6.35 -12.47
C1 NAG AB . -28.05 31.14 30.19
C2 NAG AB . -27.21 31.84 31.28
C3 NAG AB . -28.08 32.80 32.10
C4 NAG AB . -28.89 33.72 31.21
C5 NAG AB . -29.73 32.85 30.26
C6 NAG AB . -30.65 33.59 29.33
C7 NAG AB . -25.30 30.50 32.07
C8 NAG AB . -24.88 29.44 33.07
N2 NAG AB . -26.60 30.86 32.13
O3 NAG AB . -27.22 33.51 32.96
O4 NAG AB . -29.70 34.53 32.05
O5 NAG AB . -28.82 32.09 29.48
O6 NAG AB . -29.91 34.55 28.61
O7 NAG AB . -24.51 30.96 31.26
C1 NAG AB . -29.31 35.90 31.87
C2 NAG AB . -30.53 36.79 32.12
C3 NAG AB . -30.13 38.26 31.99
C4 NAG AB . -28.92 38.59 32.87
C5 NAG AB . -27.80 37.59 32.58
C6 NAG AB . -26.56 37.79 33.43
C7 NAG AB . -32.72 35.83 31.54
C8 NAG AB . -33.69 35.60 30.40
N2 NAG AB . -31.58 36.47 31.20
O3 NAG AB . -31.25 39.05 32.33
O4 NAG AB . -28.54 39.91 32.58
O5 NAG AB . -28.28 36.28 32.77
O6 NAG AB . -26.92 37.75 34.79
O7 NAG AB . -32.97 35.45 32.67
C1 NAG BB . -19.61 33.19 26.54
C2 NAG BB . -20.17 32.41 27.75
C3 NAG BB . -20.92 33.37 28.68
C4 NAG BB . -20.04 34.56 29.08
C5 NAG BB . -19.44 35.19 27.81
C6 NAG BB . -18.48 36.33 28.08
C7 NAG BB . -22.14 31.24 26.69
C8 NAG BB . -22.71 29.86 26.54
N2 NAG BB . -20.98 31.27 27.39
O3 NAG BB . -21.37 32.57 29.73
O4 NAG BB . -20.83 35.52 29.76
O5 NAG BB . -18.77 34.21 27.04
O6 NAG BB . -17.46 35.88 28.93
O7 NAG BB . -22.71 32.21 26.21
C1 NAG BB . -20.73 35.33 31.18
C2 NAG BB . -20.58 36.68 31.90
C3 NAG BB . -20.57 36.44 33.41
C4 NAG BB . -21.78 35.63 33.87
C5 NAG BB . -21.87 34.34 33.03
C6 NAG BB . -23.08 33.49 33.31
C7 NAG BB . -19.37 38.55 30.86
C8 NAG BB . -17.99 39.08 30.54
N2 NAG BB . -19.39 37.37 31.49
O3 NAG BB . -20.51 37.69 34.04
O4 NAG BB . -21.59 35.34 35.23
O5 NAG BB . -21.90 34.69 31.66
O6 NAG BB . -24.25 34.20 32.99
O7 NAG BB . -20.38 39.17 30.55
C1 BMA BB . -22.60 35.97 36.05
C2 BMA BB . -21.97 36.18 37.42
C3 BMA BB . -22.93 36.94 38.38
C4 BMA BB . -24.03 37.79 37.70
C5 BMA BB . -23.75 38.17 36.24
C6 BMA BB . -23.09 39.54 36.07
O2 BMA BB . -20.75 36.85 37.25
O3 BMA BB . -22.11 37.69 39.24
O4 BMA BB . -25.22 37.03 37.80
O5 BMA BB . -23.02 37.21 35.50
O6 BMA BB . -21.78 39.48 36.60
C1 NAG CB . -32.97 -29.90 1.42
C2 NAG CB . -33.84 -30.92 0.67
C3 NAG CB . -34.76 -31.60 1.69
C4 NAG CB . -34.00 -32.15 2.91
C5 NAG CB . -33.06 -31.07 3.46
C6 NAG CB . -32.16 -31.53 4.59
C7 NAG CB . -34.52 -30.49 -1.66
C8 NAG CB . -35.45 -29.68 -2.52
N2 NAG CB . -34.63 -30.27 -0.34
O3 NAG CB . -35.46 -32.62 1.01
O4 NAG CB . -34.94 -32.52 3.89
O5 NAG CB . -32.24 -30.59 2.41
O6 NAG CB . -31.44 -32.67 4.19
O7 NAG CB . -33.73 -31.29 -2.14
C1 NAG CB . -35.00 -33.95 3.99
C2 NAG CB . -35.06 -34.36 5.47
C3 NAG CB . -35.14 -35.89 5.55
C4 NAG CB . -36.33 -36.41 4.74
C5 NAG CB . -36.24 -35.87 3.31
C6 NAG CB . -37.41 -36.23 2.42
C7 NAG CB . -34.03 -33.26 7.42
C8 NAG CB . -32.72 -32.85 8.03
N2 NAG CB . -33.93 -33.89 6.23
O3 NAG CB . -35.21 -36.23 6.91
O4 NAG CB . -36.26 -37.83 4.78
O5 NAG CB . -36.15 -34.46 3.34
O6 NAG CB . -37.38 -37.59 2.10
O7 NAG CB . -35.10 -33.04 7.97
C1 BMA CB . -37.43 -38.37 5.43
C2 BMA CB . -37.34 -39.89 5.33
C3 BMA CB . -38.52 -40.56 6.07
C4 BMA CB . -39.18 -39.74 7.20
C5 BMA CB . -38.29 -38.61 7.76
C6 BMA CB . -37.43 -39.05 8.93
O2 BMA CB . -36.09 -40.29 5.82
O3 BMA CB . -38.04 -41.81 6.52
O4 BMA CB . -40.38 -39.22 6.66
O5 BMA CB . -37.48 -37.96 6.79
O6 BMA CB . -36.50 -38.02 9.18
C1 NAG DB . -48.89 -5.68 26.40
C2 NAG DB . -49.18 -4.18 26.53
C3 NAG DB . -50.13 -3.93 27.69
C4 NAG DB . -51.40 -4.77 27.54
C5 NAG DB . -50.98 -6.25 27.41
C6 NAG DB . -52.12 -7.22 27.25
C7 NAG DB . -47.50 -2.54 25.81
C8 NAG DB . -46.20 -1.86 26.18
N2 NAG DB . -47.96 -3.42 26.70
O3 NAG DB . -50.40 -2.55 27.72
O4 NAG DB . -52.21 -4.53 28.67
O5 NAG DB . -50.12 -6.39 26.31
O6 NAG DB . -52.87 -6.88 26.12
O7 NAG DB . -48.08 -2.26 24.77
C1 NAG DB . -53.44 -3.91 28.26
C2 NAG DB . -54.47 -4.06 29.39
C3 NAG DB . -55.76 -3.32 29.03
C4 NAG DB . -55.49 -1.88 28.60
C5 NAG DB . -54.43 -1.88 27.49
C6 NAG DB . -54.04 -0.50 27.01
C7 NAG DB . -54.35 -6.08 30.79
C8 NAG DB . -54.74 -7.53 30.87
N2 NAG DB . -54.73 -5.44 29.67
O3 NAG DB . -56.61 -3.38 30.15
O4 NAG DB . -56.70 -1.33 28.16
O5 NAG DB . -53.27 -2.54 27.97
O6 NAG DB . -53.56 0.26 28.08
O7 NAG DB . -53.72 -5.54 31.70
C1 NAG EB . -43.15 16.20 3.60
C2 NAG EB . -44.48 15.45 3.61
C3 NAG EB . -45.01 15.33 2.19
C4 NAG EB . -44.99 16.67 1.47
C5 NAG EB . -43.62 17.35 1.66
C6 NAG EB . -43.50 18.70 1.00
C7 NAG EB . -45.25 13.71 5.18
C8 NAG EB . -44.92 12.34 5.72
N2 NAG EB . -44.39 14.17 4.27
O3 NAG EB . -46.31 14.81 2.28
O4 NAG EB . -45.30 16.45 0.11
O5 NAG EB . -43.36 17.49 3.05
O6 NAG EB . -44.69 19.43 1.11
O7 NAG EB . -46.24 14.33 5.56
C1 NAG EB . -46.61 16.98 -0.19
C2 NAG EB . -46.57 17.58 -1.60
C3 NAG EB . -47.97 18.11 -1.96
C4 NAG EB . -49.03 17.02 -1.79
C5 NAG EB . -48.94 16.42 -0.38
C6 NAG EB . -49.88 15.26 -0.15
C7 NAG EB . -44.56 18.63 -2.57
C8 NAG EB . -43.64 19.82 -2.53
N2 NAG EB . -45.59 18.63 -1.71
O3 NAG EB . -47.92 18.59 -3.28
O4 NAG EB . -50.28 17.63 -2.02
O5 NAG EB . -47.60 15.98 -0.15
O6 NAG EB . -49.74 14.30 -1.17
O7 NAG EB . -44.36 17.72 -3.36
C1 NAG FB . 34.49 -33.05 -0.12
C2 NAG FB . 33.28 -33.95 -0.41
C3 NAG FB . 33.57 -35.37 0.04
C4 NAG FB . 34.86 -35.88 -0.58
C5 NAG FB . 35.99 -34.89 -0.29
C6 NAG FB . 37.33 -35.28 -0.91
C7 NAG FB . 30.95 -33.18 -0.45
C8 NAG FB . 29.82 -32.65 0.40
N2 NAG FB . 32.10 -33.43 0.22
O3 NAG FB . 32.47 -36.17 -0.31
O4 NAG FB . 35.12 -37.16 -0.03
O5 NAG FB . 35.63 -33.60 -0.76
O6 NAG FB . 38.27 -34.27 -0.66
O7 NAG FB . 30.82 -33.37 -1.65
C1 NAG GB . 38.89 -6.75 41.12
C2 NAG GB . 39.19 -7.26 42.54
C3 NAG GB . 39.57 -6.10 43.46
C4 NAG GB . 40.68 -5.24 42.85
C5 NAG GB . 40.27 -4.82 41.43
C6 NAG GB . 41.31 -3.98 40.72
C7 NAG GB . 37.99 -9.32 43.28
C8 NAG GB . 39.22 -10.13 42.90
N2 NAG GB . 38.08 -7.99 43.08
O3 NAG GB . 39.94 -6.64 44.70
O4 NAG GB . 40.88 -4.14 43.70
O5 NAG GB . 39.99 -5.97 40.66
O6 NAG GB . 42.54 -4.67 40.72
O7 NAG GB . 37.01 -9.86 43.75
C1 NAG HB . 56.77 -3.72 17.65
C2 NAG HB . 57.19 -2.94 16.40
C3 NAG HB . 57.96 -3.85 15.45
C4 NAG HB . 59.11 -4.57 16.18
C5 NAG HB . 58.56 -5.27 17.43
C6 NAG HB . 59.61 -5.98 18.25
C7 NAG HB . 55.72 -1.05 15.70
C8 NAG HB . 56.66 -0.10 16.40
N2 NAG HB . 56.05 -2.36 15.75
O3 NAG HB . 58.43 -3.07 14.38
O4 NAG HB . 59.66 -5.51 15.27
O5 NAG HB . 57.92 -4.29 18.25
O6 NAG HB . 60.60 -5.07 18.65
O7 NAG HB . 54.72 -0.63 15.13
C1 NAG IB . 9.39 -0.53 -47.05
C2 NAG IB . 10.47 -1.51 -46.56
C3 NAG IB . 11.63 -1.52 -47.56
C4 NAG IB . 11.14 -1.81 -48.97
C5 NAG IB . 10.02 -0.83 -49.33
C6 NAG IB . 9.42 -1.06 -50.69
C7 NAG IB . 10.93 -2.03 -44.21
C8 NAG IB . 11.44 -1.48 -42.90
N2 NAG IB . 10.92 -1.16 -45.23
O3 NAG IB . 12.56 -2.48 -47.11
O4 NAG IB . 12.24 -1.70 -49.83
O5 NAG IB . 8.99 -0.91 -48.36
O6 NAG IB . 8.35 -0.17 -50.91
O7 NAG IB . 10.56 -3.18 -44.32
C1 NAG JB . 7.38 46.35 -32.50
C2 NAG JB . 8.31 47.50 -32.92
C3 NAG JB . 7.70 48.84 -32.50
C4 NAG JB . 6.27 48.98 -33.01
C5 NAG JB . 5.47 47.77 -32.54
C6 NAG JB . 4.03 47.78 -33.01
C7 NAG JB . 10.76 47.01 -32.99
C8 NAG JB . 10.64 46.81 -34.48
N2 NAG JB . 9.62 47.34 -32.33
O3 NAG JB . 8.54 49.85 -33.00
O4 NAG JB . 5.76 50.19 -32.47
O5 NAG JB . 6.08 46.58 -33.02
O6 NAG JB . 3.98 47.95 -34.42
O7 NAG JB . 11.83 46.90 -32.43
C1 NAG KB . -14.22 32.87 -47.72
C2 NAG KB . -15.59 32.20 -47.74
C3 NAG KB . -15.70 31.29 -48.97
C4 NAG KB . -15.33 32.04 -50.25
C5 NAG KB . -13.96 32.72 -50.07
C6 NAG KB . -13.50 33.53 -51.26
C7 NAG KB . -16.69 31.77 -45.55
C8 NAG KB . -17.49 33.03 -45.74
N2 NAG KB . -15.82 31.45 -46.53
O3 NAG KB . -17.01 30.79 -49.02
O4 NAG KB . -15.31 31.10 -51.30
O5 NAG KB . -14.02 33.56 -48.93
O6 NAG KB . -14.45 34.53 -51.55
O7 NAG KB . -16.83 31.08 -44.54
C1 NAG LB . -26.16 -38.14 -12.21
C2 NAG LB . -25.67 -37.70 -13.61
C3 NAG LB . -26.63 -38.18 -14.68
C4 NAG LB . -26.87 -39.69 -14.56
C5 NAG LB . -27.30 -40.02 -13.12
C6 NAG LB . -27.50 -41.50 -12.88
C7 NAG LB . -24.34 -35.68 -14.06
C8 NAG LB . -24.35 -34.17 -14.06
N2 NAG LB . -25.49 -36.27 -13.68
O3 NAG LB . -26.11 -37.83 -15.94
O4 NAG LB . -27.86 -40.03 -15.50
O5 NAG LB . -26.32 -39.54 -12.21
O6 NAG LB . -27.82 -41.71 -11.52
O7 NAG LB . -23.35 -36.32 -14.39
C1 NAG MB . -53.86 -9.30 16.30
C2 NAG MB . -55.34 -8.93 16.12
C3 NAG MB . -55.89 -8.29 17.40
C4 NAG MB . -55.61 -9.15 18.62
C5 NAG MB . -54.10 -9.46 18.68
C6 NAG MB . -53.72 -10.35 19.84
C7 NAG MB . -56.09 -8.36 13.81
C8 NAG MB . -56.59 -9.78 13.67
N2 NAG MB . -55.52 -8.05 15.00
O3 NAG MB . -57.27 -8.09 17.20
O4 NAG MB . -56.04 -8.43 19.75
O5 NAG MB . -53.71 -10.09 17.47
O6 NAG MB . -54.49 -11.51 19.83
O7 NAG MB . -56.21 -7.56 12.90
C1 NAG NB . -41.42 -34.57 25.57
C2 NAG NB . -40.30 -35.29 26.34
C3 NAG NB . -40.16 -36.72 25.83
C4 NAG NB . -41.51 -37.45 25.81
C5 NAG NB . -42.53 -36.60 25.05
C6 NAG NB . -43.92 -37.19 25.00
C7 NAG NB . -38.44 -33.89 27.23
C8 NAG NB . -39.13 -33.86 28.58
N2 NAG NB . -39.06 -34.57 26.25
O3 NAG NB . -39.22 -37.38 26.64
O4 NAG NB . -41.30 -38.69 25.19
O5 NAG NB . -42.61 -35.32 25.66
O6 NAG NB . -44.39 -37.40 26.31
O7 NAG NB . -37.38 -33.31 27.07
#